data_3RL0
#
_entry.id   3RL0
#
_cell.length_a   53.745
_cell.length_b   127.357
_cell.length_c   142.725
_cell.angle_alpha   107.49
_cell.angle_beta   90.01
_cell.angle_gamma   90.05
#
_symmetry.space_group_name_H-M   'P 1'
#
loop_
_entity.id
_entity.type
_entity.pdbx_description
1 polymer 'Vesicle-associated membrane protein 2'
2 polymer Syntaxin-1A
3 polymer 'Synaptosomal-associated protein 25'
4 polymer 'Synaptosomal-associated protein 25'
5 polymer Complexin-1
#
loop_
_entity_poly.entity_id
_entity_poly.type
_entity_poly.pdbx_seq_one_letter_code
_entity_poly.pdbx_strand_id
1 'polypeptide(L)' GPLGSNRRLQQTQAQVDEVVDIMRVNVDKVLERDQKL A,E,I,M,Q,U,Y,c
2 'polypeptide(L)' GSALSEIETRHSEIIKLENSIRELHDMFMDMAMLVESQGEMIDRIEYNVEHAVDYVERAVSDTKK B,F,J,N,R,V,Z,d
3 'polypeptide(L)'
;GSHMMRNELEEMQRRADQLADESLESTRRMLQLVEESKDAGIRTLVMLDEQGEQLDRVEEGMNHINQDMKEAEKNLKDLG
W
;
C,G,K,O,S,W,a,e
4 'polypeptide(L)' GSARENEMDENLEQVSGIIGNLRHMALDMGNEIDTQNRQIDRIMEKADSNKTRIDEANQRATKML D,H,L,P,T,X,b,f
5 'polypeptide(L)' GPLGSKLPDAAKK(MSE)EEAQEALRQAEEERKAKYAK(MSE)EAEREAVRQGIRDKYGIKKKEEREAEAQ g,h,i,j,k,l,m,n
#
# COMPACT_ATOMS: atom_id res chain seq x y z
N LEU A 3 -26.20 -8.17 4.77
CA LEU A 3 -26.11 -8.11 6.27
C LEU A 3 -25.62 -9.44 6.84
N GLY A 4 -25.63 -9.53 8.17
CA GLY A 4 -25.40 -10.80 8.86
C GLY A 4 -26.20 -11.92 8.20
N SER A 5 -27.39 -11.56 7.74
CA SER A 5 -28.24 -12.55 7.09
C SER A 5 -27.70 -12.97 5.71
N ASN A 6 -26.95 -12.08 5.06
CA ASN A 6 -26.28 -12.39 3.80
C ASN A 6 -25.17 -13.44 3.98
N ARG A 7 -24.40 -13.28 5.05
CA ARG A 7 -23.41 -14.32 5.43
C ARG A 7 -24.11 -15.66 5.66
N ARG A 8 -25.14 -15.66 6.50
CA ARG A 8 -25.91 -16.86 6.78
C ARG A 8 -26.42 -17.54 5.51
N LEU A 9 -26.96 -16.73 4.61
CA LEU A 9 -27.47 -17.23 3.34
C LEU A 9 -26.34 -17.77 2.48
N GLN A 10 -25.26 -17.00 2.37
CA GLN A 10 -24.14 -17.38 1.53
C GLN A 10 -23.64 -18.80 1.81
N GLN A 11 -23.67 -19.20 3.08
CA GLN A 11 -23.25 -20.54 3.50
C GLN A 11 -24.15 -21.61 2.87
N THR A 12 -25.44 -21.41 3.04
CA THR A 12 -26.39 -22.38 2.57
C THR A 12 -26.18 -22.59 1.08
N GLN A 13 -25.97 -21.50 0.34
CA GLN A 13 -25.77 -21.59 -1.10
C GLN A 13 -24.66 -22.58 -1.40
N ALA A 14 -23.52 -22.38 -0.76
CA ALA A 14 -22.37 -23.24 -0.94
C ALA A 14 -22.64 -24.68 -0.45
N GLN A 15 -23.43 -24.79 0.60
CA GLN A 15 -23.74 -26.09 1.18
C GLN A 15 -24.55 -26.95 0.20
N VAL A 16 -25.52 -26.30 -0.45
CA VAL A 16 -26.40 -26.96 -1.38
C VAL A 16 -25.62 -27.36 -2.62
N ASP A 17 -24.76 -26.46 -3.08
CA ASP A 17 -23.94 -26.76 -4.26
C ASP A 17 -23.17 -28.06 -4.06
N GLU A 18 -22.59 -28.23 -2.89
CA GLU A 18 -21.88 -29.47 -2.59
C GLU A 18 -22.83 -30.65 -2.77
N VAL A 19 -23.95 -30.61 -2.07
CA VAL A 19 -24.90 -31.70 -2.10
C VAL A 19 -25.27 -32.08 -3.52
N VAL A 20 -25.47 -31.08 -4.36
CA VAL A 20 -25.80 -31.32 -5.75
C VAL A 20 -24.73 -32.14 -6.45
N ASP A 21 -23.48 -31.79 -6.23
CA ASP A 21 -22.38 -32.51 -6.88
C ASP A 21 -22.31 -33.94 -6.37
N ILE A 22 -22.68 -34.13 -5.12
CA ILE A 22 -22.73 -35.46 -4.52
C ILE A 22 -23.84 -36.28 -5.14
N MET A 23 -25.00 -35.67 -5.31
CA MET A 23 -26.11 -36.37 -5.91
C MET A 23 -25.80 -36.70 -7.34
N ARG A 24 -25.09 -35.82 -8.00
CA ARG A 24 -24.72 -36.03 -9.36
C ARG A 24 -23.93 -37.28 -9.57
N VAL A 25 -22.95 -37.47 -8.71
CA VAL A 25 -22.16 -38.68 -8.73
C VAL A 25 -23.10 -39.87 -8.48
N ASN A 26 -24.04 -39.69 -7.56
CA ASN A 26 -25.02 -40.73 -7.25
C ASN A 26 -25.90 -41.07 -8.45
N VAL A 27 -26.20 -40.07 -9.27
CA VAL A 27 -26.97 -40.32 -10.47
C VAL A 27 -26.12 -41.12 -11.43
N ASP A 28 -24.87 -40.74 -11.57
CA ASP A 28 -23.96 -41.51 -12.39
C ASP A 28 -23.95 -42.97 -12.03
N LYS A 29 -23.83 -43.23 -10.74
CA LYS A 29 -23.74 -44.61 -10.23
C LYS A 29 -25.03 -45.40 -10.47
N VAL A 30 -26.16 -44.77 -10.24
CA VAL A 30 -27.44 -45.46 -10.42
C VAL A 30 -27.71 -45.74 -11.89
N LEU A 31 -27.23 -44.88 -12.77
CA LEU A 31 -27.35 -45.11 -14.21
C LEU A 31 -26.50 -46.28 -14.65
N GLU A 32 -25.31 -46.39 -14.07
CA GLU A 32 -24.46 -47.54 -14.31
C GLU A 32 -25.14 -48.79 -13.74
N ARG A 33 -25.79 -48.63 -12.59
CA ARG A 33 -26.54 -49.72 -11.95
C ARG A 33 -27.72 -50.15 -12.80
N ASP A 34 -28.32 -49.20 -13.48
CA ASP A 34 -29.44 -49.50 -14.36
C ASP A 34 -28.99 -50.30 -15.56
N GLN A 35 -27.84 -49.91 -16.14
CA GLN A 35 -27.32 -50.53 -17.37
C GLN A 35 -26.81 -51.94 -17.14
N LYS A 36 -26.46 -52.25 -15.90
CA LYS A 36 -26.08 -53.59 -15.53
C LYS A 36 -27.29 -54.51 -15.34
N LEU A 37 -28.39 -53.95 -14.83
CA LEU A 37 -29.63 -54.70 -14.69
C LEU A 37 -30.48 -54.67 -15.96
N ALA B 3 -31.47 0.98 2.06
CA ALA B 3 -32.40 -0.09 2.51
C ALA B 3 -32.93 -0.91 1.34
N LEU B 4 -33.35 -0.22 0.28
CA LEU B 4 -33.86 -0.86 -0.94
C LEU B 4 -32.77 -1.63 -1.70
N SER B 5 -31.62 -0.99 -1.90
CA SER B 5 -30.50 -1.60 -2.62
C SER B 5 -29.99 -2.89 -1.97
N GLU B 6 -30.03 -2.93 -0.64
CA GLU B 6 -29.65 -4.13 0.13
C GLU B 6 -30.67 -5.26 -0.02
N ILE B 7 -31.95 -4.93 0.11
CA ILE B 7 -33.03 -5.89 -0.05
C ILE B 7 -33.06 -6.43 -1.48
N GLU B 8 -32.77 -5.55 -2.43
CA GLU B 8 -32.69 -5.93 -3.84
C GLU B 8 -31.64 -7.01 -4.04
N THR B 9 -30.43 -6.74 -3.58
CA THR B 9 -29.32 -7.67 -3.75
C THR B 9 -29.55 -8.95 -2.95
N ARG B 10 -30.18 -8.83 -1.79
CA ARG B 10 -30.51 -10.01 -0.99
C ARG B 10 -31.51 -10.89 -1.72
N HIS B 11 -32.55 -10.26 -2.27
CA HIS B 11 -33.56 -10.97 -3.02
C HIS B 11 -32.94 -11.80 -4.13
N SER B 12 -31.95 -11.25 -4.80
CA SER B 12 -31.30 -11.96 -5.90
C SER B 12 -30.66 -13.25 -5.44
N GLU B 13 -30.00 -13.20 -4.30
CA GLU B 13 -29.36 -14.40 -3.75
C GLU B 13 -30.40 -15.42 -3.31
N ILE B 14 -31.54 -14.97 -2.84
CA ILE B 14 -32.61 -15.90 -2.49
C ILE B 14 -33.02 -16.73 -3.70
N ILE B 15 -33.22 -16.05 -4.82
CA ILE B 15 -33.60 -16.74 -6.05
C ILE B 15 -32.52 -17.75 -6.47
N LYS B 16 -31.26 -17.35 -6.34
CA LYS B 16 -30.15 -18.28 -6.64
C LYS B 16 -30.31 -19.53 -5.83
N LEU B 17 -30.65 -19.37 -4.55
CA LEU B 17 -30.80 -20.49 -3.65
C LEU B 17 -32.01 -21.34 -4.03
N GLU B 18 -33.06 -20.67 -4.50
CA GLU B 18 -34.24 -21.39 -4.94
C GLU B 18 -33.89 -22.30 -6.11
N ASN B 19 -33.18 -21.77 -7.08
CA ASN B 19 -32.81 -22.54 -8.26
C ASN B 19 -32.03 -23.78 -7.92
N SER B 20 -31.11 -23.66 -6.99
CA SER B 20 -30.31 -24.79 -6.60
C SER B 20 -31.17 -25.83 -5.95
N ILE B 21 -31.93 -25.42 -4.95
CA ILE B 21 -32.75 -26.36 -4.22
C ILE B 21 -33.70 -27.04 -5.18
N ARG B 22 -34.28 -26.28 -6.09
CA ARG B 22 -35.20 -26.85 -7.07
C ARG B 22 -34.52 -27.97 -7.87
N GLU B 23 -33.33 -27.68 -8.38
CA GLU B 23 -32.64 -28.66 -9.19
C GLU B 23 -32.27 -29.86 -8.32
N LEU B 24 -31.81 -29.59 -7.11
CA LEU B 24 -31.47 -30.66 -6.18
C LEU B 24 -32.68 -31.54 -5.91
N HIS B 25 -33.80 -30.92 -5.62
CA HIS B 25 -35.04 -31.64 -5.39
C HIS B 25 -35.36 -32.55 -6.56
N ASP B 26 -35.31 -32.00 -7.77
CA ASP B 26 -35.61 -32.78 -8.98
C ASP B 26 -34.72 -33.99 -9.14
N MET B 27 -33.45 -33.84 -8.79
CA MET B 27 -32.54 -34.97 -8.80
C MET B 27 -32.99 -36.03 -7.79
N PHE B 28 -33.32 -35.59 -6.58
CA PHE B 28 -33.79 -36.54 -5.57
C PHE B 28 -35.03 -37.29 -6.02
N MET B 29 -35.92 -36.63 -6.72
CA MET B 29 -37.13 -37.28 -7.19
C MET B 29 -36.80 -38.24 -8.29
N ASP B 30 -36.00 -37.80 -9.26
CA ASP B 30 -35.60 -38.66 -10.37
C ASP B 30 -34.89 -39.90 -9.84
N MET B 31 -34.07 -39.71 -8.81
CA MET B 31 -33.38 -40.82 -8.20
C MET B 31 -34.39 -41.87 -7.71
N ALA B 32 -35.34 -41.42 -6.90
CA ALA B 32 -36.31 -42.32 -6.29
C ALA B 32 -37.07 -43.12 -7.35
N MET B 33 -37.60 -42.42 -8.35
CA MET B 33 -38.38 -43.08 -9.40
C MET B 33 -37.52 -44.06 -10.19
N LEU B 34 -36.32 -43.61 -10.54
CA LEU B 34 -35.41 -44.41 -11.31
C LEU B 34 -34.99 -45.65 -10.55
N VAL B 35 -34.69 -45.48 -9.28
CA VAL B 35 -34.32 -46.61 -8.44
C VAL B 35 -35.48 -47.56 -8.20
N GLU B 36 -36.65 -47.01 -7.95
CA GLU B 36 -37.84 -47.82 -7.76
C GLU B 36 -38.10 -48.70 -8.97
N SER B 37 -37.94 -48.12 -10.16
CA SER B 37 -38.07 -48.87 -11.39
C SER B 37 -37.08 -50.04 -11.40
N GLN B 38 -35.81 -49.74 -11.22
CA GLN B 38 -34.78 -50.77 -11.18
C GLN B 38 -35.11 -51.90 -10.19
N GLY B 39 -35.63 -51.52 -9.02
CA GLY B 39 -35.99 -52.49 -7.98
C GLY B 39 -36.89 -53.57 -8.48
N GLU B 40 -37.78 -53.22 -9.41
CA GLU B 40 -38.73 -54.17 -9.96
C GLU B 40 -38.08 -55.14 -10.96
N MET B 41 -37.00 -54.71 -11.60
CA MET B 41 -36.27 -55.61 -12.47
C MET B 41 -35.53 -56.63 -11.65
N ILE B 42 -35.03 -56.19 -10.51
CA ILE B 42 -34.34 -57.08 -9.60
C ILE B 42 -35.28 -58.17 -9.07
N ASP B 43 -36.51 -57.78 -8.76
CA ASP B 43 -37.50 -58.72 -8.23
C ASP B 43 -37.62 -59.90 -9.18
N ARG B 44 -37.62 -59.60 -10.47
CA ARG B 44 -37.67 -60.62 -11.50
C ARG B 44 -36.49 -61.55 -11.47
N ILE B 45 -35.32 -60.96 -11.46
CA ILE B 45 -34.10 -61.74 -11.48
C ILE B 45 -34.09 -62.71 -10.31
N GLU B 46 -34.51 -62.20 -9.14
CA GLU B 46 -34.58 -63.02 -7.94
C GLU B 46 -35.53 -64.20 -8.12
N TYR B 47 -36.74 -63.91 -8.58
CA TYR B 47 -37.73 -64.95 -8.87
C TYR B 47 -37.18 -65.97 -9.85
N ASN B 48 -36.51 -65.45 -10.88
CA ASN B 48 -35.97 -66.27 -11.94
C ASN B 48 -34.91 -67.23 -11.42
N VAL B 49 -33.95 -66.67 -10.70
CA VAL B 49 -32.87 -67.46 -10.14
C VAL B 49 -33.37 -68.52 -9.15
N GLU B 50 -34.29 -68.13 -8.27
CA GLU B 50 -34.84 -69.06 -7.27
C GLU B 50 -35.50 -70.29 -7.88
N HIS B 51 -36.07 -70.15 -9.08
CA HIS B 51 -36.56 -71.32 -9.83
C HIS B 51 -35.39 -72.19 -10.26
N ALA B 52 -34.39 -71.57 -10.92
CA ALA B 52 -33.21 -72.29 -11.39
C ALA B 52 -32.54 -73.08 -10.27
N VAL B 53 -32.47 -72.47 -9.10
CA VAL B 53 -31.85 -73.10 -7.92
C VAL B 53 -32.64 -74.33 -7.46
N ASP B 54 -33.96 -74.18 -7.42
CA ASP B 54 -34.84 -75.27 -7.03
C ASP B 54 -34.83 -76.42 -8.02
N TYR B 55 -34.76 -76.09 -9.30
CA TYR B 55 -34.67 -77.11 -10.33
C TYR B 55 -33.37 -77.91 -10.19
N VAL B 56 -32.26 -77.21 -9.96
CA VAL B 56 -30.96 -77.87 -9.78
C VAL B 56 -30.94 -78.80 -8.56
N GLU B 57 -31.47 -78.29 -7.44
CA GLU B 57 -31.55 -79.05 -6.19
C GLU B 57 -32.40 -80.30 -6.35
N ARG B 58 -33.50 -80.16 -7.08
CA ARG B 58 -34.43 -81.28 -7.29
C ARG B 58 -33.77 -82.34 -8.16
N ALA B 59 -33.00 -81.90 -9.15
CA ALA B 59 -32.33 -82.81 -10.06
C ALA B 59 -31.29 -83.66 -9.33
N VAL B 60 -30.49 -83.04 -8.48
CA VAL B 60 -29.51 -83.82 -7.71
C VAL B 60 -30.23 -84.92 -6.88
N SER B 61 -31.34 -84.54 -6.23
CA SER B 61 -32.18 -85.50 -5.48
C SER B 61 -33.01 -86.37 -6.41
N ARG C 6 -46.58 11.75 -1.60
CA ARG C 6 -46.79 11.53 -3.05
C ARG C 6 -46.88 10.04 -3.36
N ASN C 7 -47.51 9.72 -4.50
CA ASN C 7 -47.59 8.35 -4.99
C ASN C 7 -46.21 7.77 -5.33
N GLU C 8 -45.20 8.63 -5.45
CA GLU C 8 -43.82 8.18 -5.66
C GLU C 8 -43.31 7.45 -4.43
N LEU C 9 -43.56 8.05 -3.26
CA LEU C 9 -43.19 7.45 -1.99
C LEU C 9 -43.97 6.16 -1.80
N GLU C 10 -45.29 6.31 -1.86
CA GLU C 10 -46.19 5.18 -1.82
C GLU C 10 -45.55 3.99 -2.52
N GLU C 11 -45.23 4.18 -3.79
CA GLU C 11 -44.95 3.07 -4.69
C GLU C 11 -43.55 2.53 -4.63
N MET C 12 -42.55 3.35 -4.33
CA MET C 12 -41.22 2.78 -4.13
C MET C 12 -41.25 1.94 -2.84
N GLN C 13 -41.92 2.44 -1.81
CA GLN C 13 -42.29 1.65 -0.63
C GLN C 13 -43.10 0.40 -0.90
N ARG C 14 -44.08 0.56 -1.77
CA ARG C 14 -44.92 -0.55 -2.21
C ARG C 14 -44.06 -1.62 -2.85
N ARG C 15 -43.02 -1.21 -3.56
CA ARG C 15 -42.06 -2.15 -4.11
C ARG C 15 -41.25 -2.87 -3.13
N ALA C 16 -40.86 -2.16 -2.09
CA ALA C 16 -40.09 -2.75 -1.04
C ALA C 16 -40.88 -3.92 -0.48
N ASP C 17 -42.12 -3.64 -0.10
CA ASP C 17 -42.97 -4.66 0.48
C ASP C 17 -43.23 -5.79 -0.51
N GLN C 18 -43.47 -5.41 -1.75
CA GLN C 18 -43.64 -6.35 -2.85
C GLN C 18 -42.49 -7.35 -2.88
N LEU C 19 -41.27 -6.84 -2.98
CA LEU C 19 -40.10 -7.70 -3.06
C LEU C 19 -39.97 -8.56 -1.82
N ALA C 20 -40.17 -7.96 -0.65
CA ALA C 20 -40.03 -8.67 0.62
C ALA C 20 -41.01 -9.83 0.71
N ASP C 21 -42.23 -9.59 0.23
CA ASP C 21 -43.23 -10.61 0.27
C ASP C 21 -42.87 -11.77 -0.66
N GLU C 22 -42.34 -11.46 -1.84
CA GLU C 22 -41.94 -12.51 -2.79
C GLU C 22 -40.82 -13.36 -2.22
N SER C 23 -39.93 -12.73 -1.47
CA SER C 23 -38.86 -13.44 -0.79
C SER C 23 -39.40 -14.38 0.27
N LEU C 24 -40.39 -13.91 1.01
CA LEU C 24 -41.03 -14.75 2.00
C LEU C 24 -41.57 -16.01 1.32
N GLU C 25 -42.40 -15.82 0.29
CA GLU C 25 -43.03 -16.94 -0.40
C GLU C 25 -42.02 -17.85 -1.07
N SER C 26 -40.85 -17.33 -1.39
CA SER C 26 -39.78 -18.15 -1.90
C SER C 26 -39.28 -19.12 -0.84
N THR C 27 -39.09 -18.62 0.37
CA THR C 27 -38.62 -19.47 1.46
C THR C 27 -39.69 -20.50 1.83
N ARG C 28 -40.95 -20.13 1.69
CA ARG C 28 -42.03 -21.07 1.92
C ARG C 28 -41.86 -22.24 0.98
N ARG C 29 -41.65 -21.93 -0.30
CA ARG C 29 -41.44 -22.97 -1.29
C ARG C 29 -40.29 -23.84 -0.93
N MET C 30 -39.15 -23.20 -0.69
CA MET C 30 -37.95 -23.95 -0.38
C MET C 30 -38.24 -24.99 0.70
N LEU C 31 -38.96 -24.57 1.72
CA LEU C 31 -39.24 -25.44 2.84
C LEU C 31 -39.94 -26.72 2.40
N GLN C 32 -40.93 -26.59 1.54
CA GLN C 32 -41.72 -27.71 1.07
C GLN C 32 -40.92 -28.60 0.13
N LEU C 33 -40.00 -27.99 -0.61
CA LEU C 33 -39.16 -28.73 -1.56
C LEU C 33 -38.17 -29.59 -0.83
N VAL C 34 -37.61 -29.03 0.24
CA VAL C 34 -36.66 -29.75 1.04
C VAL C 34 -37.34 -30.90 1.79
N GLU C 35 -38.54 -30.64 2.31
CA GLU C 35 -39.27 -31.66 3.04
C GLU C 35 -39.66 -32.81 2.13
N GLU C 36 -40.01 -32.48 0.89
CA GLU C 36 -40.41 -33.50 -0.09
C GLU C 36 -39.22 -34.34 -0.51
N SER C 37 -38.05 -33.69 -0.60
CA SER C 37 -36.82 -34.39 -0.92
C SER C 37 -36.43 -35.36 0.18
N LYS C 38 -36.79 -35.01 1.42
CA LYS C 38 -36.58 -35.89 2.55
C LYS C 38 -37.43 -37.15 2.40
N ASP C 39 -38.70 -36.98 2.07
CA ASP C 39 -39.58 -38.13 1.83
C ASP C 39 -39.01 -38.99 0.74
N ALA C 40 -38.55 -38.37 -0.35
CA ALA C 40 -37.93 -39.07 -1.46
C ALA C 40 -36.68 -39.81 -0.99
N GLY C 41 -35.84 -39.12 -0.24
CA GLY C 41 -34.62 -39.73 0.27
C GLY C 41 -34.93 -40.94 1.12
N ILE C 42 -35.76 -40.73 2.15
CA ILE C 42 -36.14 -41.80 3.05
C ILE C 42 -36.69 -42.99 2.28
N ARG C 43 -37.62 -42.72 1.37
CA ARG C 43 -38.18 -43.76 0.53
C ARG C 43 -37.08 -44.56 -0.15
N THR C 44 -36.13 -43.85 -0.76
CA THR C 44 -35.10 -44.49 -1.57
C THR C 44 -34.27 -45.43 -0.69
N LEU C 45 -33.96 -44.98 0.51
CA LEU C 45 -33.16 -45.77 1.44
C LEU C 45 -33.87 -47.06 1.82
N VAL C 46 -35.18 -46.96 2.01
CA VAL C 46 -35.97 -48.13 2.39
C VAL C 46 -35.92 -49.16 1.28
N MET C 47 -36.09 -48.70 0.04
CA MET C 47 -36.11 -49.60 -1.09
C MET C 47 -34.75 -50.25 -1.26
N LEU C 48 -33.69 -49.46 -1.14
CA LEU C 48 -32.34 -49.97 -1.27
C LEU C 48 -32.02 -51.02 -0.22
N ASP C 49 -32.46 -50.76 1.01
CA ASP C 49 -32.24 -51.68 2.11
C ASP C 49 -33.00 -52.99 1.88
N GLU C 50 -34.24 -52.88 1.44
CA GLU C 50 -35.05 -54.06 1.17
C GLU C 50 -34.47 -54.86 0.00
N GLN C 51 -34.03 -54.15 -1.03
CA GLN C 51 -33.35 -54.77 -2.17
C GLN C 51 -32.02 -55.41 -1.75
N GLY C 52 -31.42 -54.87 -0.69
CA GLY C 52 -30.24 -55.47 -0.09
C GLY C 52 -30.49 -56.92 0.30
N GLU C 53 -31.58 -57.16 1.02
CA GLU C 53 -31.94 -58.51 1.45
C GLU C 53 -32.18 -59.41 0.26
N GLN C 54 -32.79 -58.84 -0.76
CA GLN C 54 -33.09 -59.59 -1.97
C GLN C 54 -31.78 -60.04 -2.63
N LEU C 55 -30.89 -59.09 -2.87
CA LEU C 55 -29.64 -59.40 -3.56
C LEU C 55 -28.78 -60.40 -2.79
N ASP C 56 -28.80 -60.29 -1.47
CA ASP C 56 -28.07 -61.22 -0.61
C ASP C 56 -28.59 -62.64 -0.75
N ARG C 57 -29.90 -62.78 -0.83
CA ARG C 57 -30.52 -64.09 -1.02
C ARG C 57 -30.26 -64.61 -2.43
N VAL C 58 -30.08 -63.71 -3.40
CA VAL C 58 -29.75 -64.11 -4.76
C VAL C 58 -28.35 -64.70 -4.82
N GLU C 59 -27.40 -63.98 -4.24
CA GLU C 59 -26.03 -64.48 -4.20
C GLU C 59 -25.97 -65.81 -3.43
N GLU C 60 -26.77 -65.92 -2.37
CA GLU C 60 -26.89 -67.18 -1.62
C GLU C 60 -27.40 -68.29 -2.52
N GLY C 61 -28.33 -67.95 -3.39
CA GLY C 61 -28.79 -68.87 -4.41
C GLY C 61 -27.67 -69.33 -5.32
N MET C 62 -26.84 -68.39 -5.76
CA MET C 62 -25.71 -68.72 -6.63
C MET C 62 -24.74 -69.66 -5.94
N ASN C 63 -24.50 -69.42 -4.66
CA ASN C 63 -23.62 -70.27 -3.85
C ASN C 63 -24.21 -71.66 -3.62
N HIS C 64 -25.52 -71.73 -3.39
CA HIS C 64 -26.18 -73.02 -3.24
C HIS C 64 -26.02 -73.85 -4.49
N ILE C 65 -26.27 -73.25 -5.65
CA ILE C 65 -26.12 -73.94 -6.92
C ILE C 65 -24.70 -74.48 -7.10
N ASN C 66 -23.72 -73.64 -6.78
CA ASN C 66 -22.31 -74.06 -6.82
C ASN C 66 -22.01 -75.26 -5.91
N GLN C 67 -22.62 -75.28 -4.73
CA GLN C 67 -22.47 -76.40 -3.82
C GLN C 67 -23.01 -77.68 -4.44
N ASP C 68 -24.20 -77.58 -5.03
CA ASP C 68 -24.90 -78.72 -5.61
C ASP C 68 -24.23 -79.25 -6.87
N MET C 69 -23.44 -78.40 -7.53
CA MET C 69 -22.64 -78.84 -8.68
C MET C 69 -21.48 -79.75 -8.25
N LYS C 70 -20.77 -79.33 -7.20
CA LYS C 70 -19.66 -80.12 -6.69
C LYS C 70 -20.16 -81.42 -6.02
N GLU C 71 -21.32 -81.35 -5.40
CA GLU C 71 -21.93 -82.47 -4.69
C GLU C 71 -22.52 -83.47 -5.68
N ALA C 72 -23.21 -82.96 -6.70
CA ALA C 72 -23.84 -83.82 -7.72
C ALA C 72 -22.80 -84.55 -8.57
N GLU C 73 -21.78 -83.81 -9.04
CA GLU C 73 -20.72 -84.37 -9.87
C GLU C 73 -19.89 -85.40 -9.10
N LYS C 74 -19.43 -84.99 -7.90
CA LYS C 74 -18.54 -85.82 -7.07
C LYS C 74 -19.25 -87.09 -6.61
N ASN C 75 -20.46 -86.91 -6.10
CA ASN C 75 -21.27 -88.02 -5.57
C ASN C 75 -21.90 -88.99 -6.58
N LEU C 76 -22.75 -88.44 -7.46
CA LEU C 76 -23.52 -89.25 -8.44
C LEU C 76 -22.77 -89.40 -9.79
N LYS C 77 -21.42 -89.46 -9.74
CA LYS C 77 -20.64 -89.76 -10.95
C LYS C 77 -20.70 -91.26 -11.26
N GLY D 1 -39.19 -5.26 6.55
CA GLY D 1 -39.35 -5.08 8.02
C GLY D 1 -38.71 -6.23 8.78
N SER D 2 -38.86 -6.19 10.11
CA SER D 2 -38.22 -7.19 10.97
C SER D 2 -39.15 -8.31 11.51
N ALA D 3 -40.48 -8.23 11.36
CA ALA D 3 -41.28 -9.46 11.49
C ALA D 3 -41.03 -10.37 10.26
N ARG D 4 -40.80 -9.76 9.11
CA ARG D 4 -40.44 -10.47 7.88
C ARG D 4 -39.08 -11.12 8.03
N GLU D 5 -38.12 -10.35 8.54
CA GLU D 5 -36.80 -10.87 8.83
C GLU D 5 -36.87 -12.07 9.78
N ASN D 6 -37.68 -11.97 10.82
CA ASN D 6 -37.83 -13.05 11.80
C ASN D 6 -38.26 -14.34 11.12
N GLU D 7 -39.40 -14.29 10.46
CA GLU D 7 -39.95 -15.47 9.81
C GLU D 7 -39.02 -15.97 8.71
N MET D 8 -38.49 -15.05 7.93
CA MET D 8 -37.61 -15.39 6.82
C MET D 8 -36.38 -16.12 7.31
N ASP D 9 -35.71 -15.54 8.30
CA ASP D 9 -34.49 -16.14 8.84
C ASP D 9 -34.80 -17.45 9.57
N GLU D 10 -35.99 -17.56 10.13
CA GLU D 10 -36.43 -18.82 10.76
C GLU D 10 -36.51 -19.93 9.73
N ASN D 11 -37.12 -19.63 8.60
CA ASN D 11 -37.20 -20.58 7.53
C ASN D 11 -35.79 -20.97 7.07
N LEU D 12 -34.95 -19.97 6.85
CA LEU D 12 -33.61 -20.20 6.36
C LEU D 12 -32.89 -21.18 7.27
N GLU D 13 -32.90 -20.91 8.57
CA GLU D 13 -32.21 -21.78 9.53
C GLU D 13 -32.83 -23.16 9.54
N GLN D 14 -34.14 -23.23 9.40
CA GLN D 14 -34.84 -24.51 9.34
C GLN D 14 -34.38 -25.32 8.13
N VAL D 15 -34.25 -24.62 7.01
CA VAL D 15 -33.82 -25.28 5.79
C VAL D 15 -32.40 -25.82 5.95
N SER D 16 -31.49 -24.98 6.42
CA SER D 16 -30.08 -25.35 6.53
C SER D 16 -29.90 -26.63 7.32
N GLY D 17 -30.64 -26.74 8.42
CA GLY D 17 -30.59 -27.94 9.25
C GLY D 17 -31.04 -29.18 8.49
N ILE D 18 -32.13 -29.04 7.75
CA ILE D 18 -32.66 -30.16 6.98
C ILE D 18 -31.72 -30.51 5.84
N ILE D 19 -31.09 -29.50 5.25
CA ILE D 19 -30.09 -29.73 4.21
C ILE D 19 -28.94 -30.57 4.75
N GLY D 20 -28.61 -30.37 6.02
CA GLY D 20 -27.62 -31.21 6.69
C GLY D 20 -28.01 -32.67 6.62
N ASN D 21 -29.29 -32.96 6.82
CA ASN D 21 -29.78 -34.34 6.81
C ASN D 21 -29.69 -34.93 5.41
N LEU D 22 -29.94 -34.09 4.41
CA LEU D 22 -29.87 -34.52 3.03
C LEU D 22 -28.44 -34.93 2.70
N ARG D 23 -27.46 -34.18 3.18
CA ARG D 23 -26.07 -34.50 2.96
C ARG D 23 -25.79 -35.91 3.46
N HIS D 24 -26.22 -36.18 4.70
CA HIS D 24 -26.02 -37.48 5.32
C HIS D 24 -26.70 -38.56 4.51
N MET D 25 -27.91 -38.28 4.05
CA MET D 25 -28.62 -39.27 3.26
C MET D 25 -27.90 -39.50 1.95
N ALA D 26 -27.39 -38.44 1.35
CA ALA D 26 -26.74 -38.55 0.04
C ALA D 26 -25.55 -39.48 0.11
N LEU D 27 -24.75 -39.31 1.15
CA LEU D 27 -23.55 -40.13 1.33
C LEU D 27 -23.92 -41.59 1.56
N ASP D 28 -24.95 -41.84 2.36
CA ASP D 28 -25.40 -43.21 2.67
C ASP D 28 -25.78 -43.92 1.39
N MET D 29 -26.52 -43.21 0.54
CA MET D 29 -26.92 -43.74 -0.75
C MET D 29 -25.70 -44.08 -1.58
N GLY D 30 -24.75 -43.14 -1.63
CA GLY D 30 -23.53 -43.37 -2.39
C GLY D 30 -22.91 -44.70 -2.03
N ASN D 31 -22.69 -44.91 -0.73
CA ASN D 31 -22.04 -46.14 -0.24
C ASN D 31 -22.89 -47.38 -0.49
N GLU D 32 -24.19 -47.22 -0.36
CA GLU D 32 -25.10 -48.33 -0.54
C GLU D 32 -25.01 -48.81 -1.96
N ILE D 33 -25.05 -47.86 -2.89
CA ILE D 33 -25.03 -48.20 -4.32
C ILE D 33 -23.72 -48.85 -4.71
N ASP D 34 -22.61 -48.27 -4.24
CA ASP D 34 -21.30 -48.83 -4.53
C ASP D 34 -21.21 -50.29 -4.14
N THR D 35 -21.70 -50.61 -2.95
CA THR D 35 -21.70 -51.97 -2.44
C THR D 35 -22.53 -52.89 -3.32
N GLN D 36 -23.70 -52.41 -3.72
CA GLN D 36 -24.58 -53.21 -4.55
C GLN D 36 -24.03 -53.37 -5.97
N ASN D 37 -23.34 -52.35 -6.48
CA ASN D 37 -22.73 -52.45 -7.80
C ASN D 37 -21.70 -53.56 -7.87
N ARG D 38 -20.87 -53.64 -6.85
CA ARG D 38 -19.91 -54.74 -6.77
C ARG D 38 -20.63 -56.08 -6.70
N GLN D 39 -21.69 -56.14 -5.91
CA GLN D 39 -22.45 -57.38 -5.74
C GLN D 39 -23.05 -57.86 -7.06
N ILE D 40 -23.56 -56.92 -7.83
CA ILE D 40 -24.09 -57.23 -9.17
C ILE D 40 -23.01 -57.79 -10.11
N ASP D 41 -21.81 -57.23 -10.03
CA ASP D 41 -20.71 -57.72 -10.84
C ASP D 41 -20.30 -59.14 -10.47
N ARG D 42 -20.36 -59.47 -9.18
CA ARG D 42 -20.08 -60.83 -8.71
C ARG D 42 -21.17 -61.81 -9.12
N ILE D 43 -22.43 -61.39 -9.03
CA ILE D 43 -23.56 -62.21 -9.47
C ILE D 43 -23.49 -62.46 -10.99
N MET D 44 -23.03 -61.46 -11.77
CA MET D 44 -22.85 -61.63 -13.23
C MET D 44 -21.77 -62.65 -13.58
N GLU D 45 -20.69 -62.62 -12.80
CA GLU D 45 -19.60 -63.57 -12.98
C GLU D 45 -19.97 -64.98 -12.50
N LYS D 46 -20.68 -65.08 -11.38
CA LYS D 46 -21.12 -66.37 -10.86
C LYS D 46 -22.18 -67.01 -11.74
N ALA D 47 -23.09 -66.20 -12.25
CA ALA D 47 -24.10 -66.67 -13.17
C ALA D 47 -23.44 -67.21 -14.42
N ASP D 48 -22.51 -66.45 -14.98
CA ASP D 48 -21.81 -66.86 -16.19
C ASP D 48 -21.02 -68.16 -15.99
N SER D 49 -20.33 -68.23 -14.86
CA SER D 49 -19.54 -69.41 -14.50
C SER D 49 -20.43 -70.64 -14.32
N ASN D 50 -21.55 -70.47 -13.62
CA ASN D 50 -22.52 -71.56 -13.42
C ASN D 50 -23.17 -72.01 -14.73
N LYS D 51 -23.45 -71.05 -15.63
CA LYS D 51 -24.05 -71.38 -16.93
C LYS D 51 -23.07 -72.18 -17.80
N THR D 52 -21.78 -71.84 -17.74
CA THR D 52 -20.75 -72.61 -18.47
C THR D 52 -20.63 -74.03 -17.95
N ARG D 53 -20.62 -74.17 -16.62
CA ARG D 53 -20.54 -75.47 -15.96
C ARG D 53 -21.78 -76.34 -16.17
N ILE D 54 -22.94 -75.72 -16.20
CA ILE D 54 -24.19 -76.40 -16.49
C ILE D 54 -24.26 -76.84 -17.94
N ASP D 55 -23.71 -76.03 -18.84
CA ASP D 55 -23.64 -76.39 -20.26
C ASP D 55 -22.78 -77.63 -20.47
N GLU D 56 -21.61 -77.63 -19.84
CA GLU D 56 -20.66 -78.75 -19.93
C GLU D 56 -21.20 -80.03 -19.27
N ALA D 57 -21.68 -79.91 -18.02
CA ALA D 57 -22.16 -81.05 -17.23
C ALA D 57 -23.35 -81.76 -17.86
N ASN D 58 -24.25 -80.95 -18.40
CA ASN D 58 -25.46 -81.41 -19.07
C ASN D 58 -25.15 -82.11 -20.37
N GLN D 59 -24.33 -81.43 -21.16
CA GLN D 59 -23.93 -81.91 -22.46
C GLN D 59 -23.21 -83.24 -22.44
N ARG D 60 -22.33 -83.37 -21.47
CA ARG D 60 -21.57 -84.57 -21.30
C ARG D 60 -22.42 -85.67 -20.67
N ALA D 61 -23.17 -85.32 -19.63
CA ALA D 61 -24.01 -86.29 -18.91
C ALA D 61 -25.17 -86.84 -19.76
N THR D 62 -25.91 -85.94 -20.42
CA THR D 62 -27.07 -86.32 -21.22
C THR D 62 -27.76 -85.09 -21.83
N LEU E 3 -19.60 -49.97 23.72
CA LEU E 3 -18.36 -50.68 24.14
C LEU E 3 -17.10 -50.02 23.57
N GLY E 4 -16.98 -49.99 22.24
CA GLY E 4 -15.76 -49.51 21.55
C GLY E 4 -15.61 -48.01 21.46
N SER E 5 -16.51 -47.35 20.72
CA SER E 5 -16.57 -45.88 20.74
C SER E 5 -16.92 -45.36 22.14
N ASN E 6 -17.54 -46.20 22.94
CA ASN E 6 -17.84 -45.88 24.34
C ASN E 6 -16.56 -45.79 25.19
N ARG E 7 -15.65 -46.73 24.98
CA ARG E 7 -14.32 -46.66 25.58
C ARG E 7 -13.63 -45.36 25.21
N ARG E 8 -13.57 -45.08 23.91
CA ARG E 8 -12.94 -43.85 23.38
C ARG E 8 -13.53 -42.61 24.05
N LEU E 9 -14.85 -42.56 24.14
CA LEU E 9 -15.55 -41.45 24.75
C LEU E 9 -15.23 -41.38 26.24
N GLN E 10 -15.30 -42.52 26.91
CA GLN E 10 -15.09 -42.56 28.34
C GLN E 10 -13.78 -41.89 28.76
N GLN E 11 -12.74 -42.06 27.94
CA GLN E 11 -11.45 -41.45 28.21
C GLN E 11 -11.56 -39.93 28.23
N THR E 12 -12.14 -39.39 27.18
CA THR E 12 -12.24 -37.96 27.02
C THR E 12 -12.92 -37.38 28.24
N GLN E 13 -13.98 -38.04 28.68
CA GLN E 13 -14.74 -37.57 29.84
C GLN E 13 -13.79 -37.35 30.99
N ALA E 14 -13.02 -38.38 31.31
CA ALA E 14 -12.08 -38.32 32.40
C ALA E 14 -10.98 -37.28 32.14
N GLN E 15 -10.59 -37.13 30.88
CA GLN E 15 -9.52 -36.21 30.51
C GLN E 15 -9.93 -34.76 30.76
N VAL E 16 -11.18 -34.47 30.44
CA VAL E 16 -11.73 -33.15 30.62
C VAL E 16 -11.92 -32.83 32.08
N ASP E 17 -12.38 -33.82 32.84
CA ASP E 17 -12.57 -33.63 34.28
C ASP E 17 -11.28 -33.17 34.93
N GLU E 18 -10.17 -33.80 34.56
CA GLU E 18 -8.87 -33.39 35.08
C GLU E 18 -8.63 -31.92 34.77
N VAL E 19 -8.71 -31.57 33.50
CA VAL E 19 -8.45 -30.19 33.06
C VAL E 19 -9.25 -29.18 33.86
N VAL E 20 -10.50 -29.52 34.11
CA VAL E 20 -11.38 -28.65 34.87
C VAL E 20 -10.80 -28.37 36.26
N ASP E 21 -10.35 -29.42 36.92
CA ASP E 21 -9.80 -29.29 38.27
C ASP E 21 -8.53 -28.47 38.26
N ILE E 22 -7.79 -28.57 37.15
CA ILE E 22 -6.58 -27.77 36.96
C ILE E 22 -6.92 -26.29 36.75
N MET E 23 -7.94 -26.04 35.96
CA MET E 23 -8.35 -24.67 35.73
C MET E 23 -8.88 -24.08 36.99
N ARG E 24 -9.55 -24.90 37.77
CA ARG E 24 -10.10 -24.47 39.02
C ARG E 24 -9.08 -23.90 39.96
N VAL E 25 -7.99 -24.63 40.09
CA VAL E 25 -6.87 -24.18 40.88
C VAL E 25 -6.36 -22.88 40.28
N ASN E 26 -6.33 -22.80 38.95
CA ASN E 26 -5.90 -21.58 38.25
C ASN E 26 -6.81 -20.39 38.51
N VAL E 27 -8.09 -20.66 38.69
CA VAL E 27 -9.03 -19.61 39.04
C VAL E 27 -8.73 -19.13 40.44
N ASP E 28 -8.52 -20.07 41.35
CA ASP E 28 -8.14 -19.72 42.72
C ASP E 28 -6.95 -18.78 42.75
N LYS E 29 -5.92 -19.12 41.99
CA LYS E 29 -4.67 -18.35 41.95
C LYS E 29 -4.87 -16.96 41.36
N VAL E 30 -5.65 -16.87 40.29
CA VAL E 30 -5.89 -15.59 39.66
C VAL E 30 -6.74 -14.69 40.55
N LEU E 31 -7.64 -15.27 41.34
CA LEU E 31 -8.44 -14.51 42.30
C LEU E 31 -7.58 -13.95 43.44
N GLU E 32 -6.63 -14.75 43.87
CA GLU E 32 -5.63 -14.29 44.85
C GLU E 32 -4.79 -13.20 44.22
N ARG E 33 -4.44 -13.37 42.93
CA ARG E 33 -3.68 -12.37 42.18
C ARG E 33 -4.45 -11.07 42.03
N ASP E 34 -5.77 -11.19 41.89
CA ASP E 34 -6.63 -10.02 41.77
C ASP E 34 -6.70 -9.23 43.05
N GLN E 35 -6.87 -9.94 44.17
CA GLN E 35 -6.98 -9.28 45.45
C GLN E 35 -5.69 -8.54 45.80
N LYS E 36 -4.53 -9.08 45.40
CA LYS E 36 -3.23 -8.45 45.69
C LYS E 36 -3.04 -7.16 44.91
N LEU E 37 -3.57 -7.14 43.69
CA LEU E 37 -3.55 -5.93 42.86
C LEU E 37 -4.74 -5.00 43.14
N ALA F 3 -30.25 -52.05 19.66
CA ALA F 3 -29.68 -50.90 18.90
C ALA F 3 -30.11 -49.57 19.50
N LEU F 4 -31.39 -49.46 19.85
CA LEU F 4 -31.95 -48.24 20.44
C LEU F 4 -31.44 -48.00 21.86
N SER F 5 -31.46 -49.05 22.68
CA SER F 5 -31.01 -48.95 24.07
C SER F 5 -29.54 -48.53 24.21
N GLU F 6 -28.71 -48.97 23.26
CA GLU F 6 -27.28 -48.59 23.20
C GLU F 6 -27.10 -47.12 22.81
N ILE F 7 -27.80 -46.69 21.77
CA ILE F 7 -27.76 -45.31 21.31
C ILE F 7 -28.29 -44.38 22.40
N GLU F 8 -29.32 -44.82 23.10
CA GLU F 8 -29.91 -44.08 24.21
C GLU F 8 -28.87 -43.80 25.29
N THR F 9 -28.21 -44.86 25.74
CA THR F 9 -27.21 -44.74 26.78
C THR F 9 -25.98 -43.95 26.30
N ARG F 10 -25.63 -44.10 25.03
CA ARG F 10 -24.51 -43.34 24.43
C ARG F 10 -24.82 -41.87 24.40
N HIS F 11 -26.03 -41.54 23.98
CA HIS F 11 -26.49 -40.16 23.94
C HIS F 11 -26.38 -39.48 25.30
N SER F 12 -26.71 -40.21 26.36
CA SER F 12 -26.63 -39.65 27.71
C SER F 12 -25.24 -39.23 28.09
N GLU F 13 -24.25 -40.06 27.73
CA GLU F 13 -22.85 -39.74 28.00
C GLU F 13 -22.35 -38.57 27.15
N ILE F 14 -22.87 -38.43 25.94
CA ILE F 14 -22.53 -37.27 25.12
C ILE F 14 -22.92 -35.99 25.85
N ILE F 15 -24.15 -35.96 26.36
CA ILE F 15 -24.64 -34.79 27.10
C ILE F 15 -23.76 -34.50 28.31
N LYS F 16 -23.36 -35.54 29.04
CA LYS F 16 -22.44 -35.39 30.16
C LYS F 16 -21.19 -34.66 29.71
N LEU F 17 -20.66 -35.06 28.56
CA LEU F 17 -19.44 -34.48 28.03
C LEU F 17 -19.66 -33.04 27.61
N GLU F 18 -20.85 -32.75 27.11
CA GLU F 18 -21.18 -31.40 26.71
C GLU F 18 -21.15 -30.51 27.95
N ASN F 19 -21.79 -30.93 29.02
CA ASN F 19 -21.85 -30.12 30.23
C ASN F 19 -20.49 -29.78 30.77
N SER F 20 -19.59 -30.75 30.72
CA SER F 20 -18.25 -30.52 31.24
C SER F 20 -17.56 -29.51 30.37
N ILE F 21 -17.56 -29.75 29.07
CA ILE F 21 -16.88 -28.85 28.16
C ILE F 21 -17.44 -27.44 28.29
N ARG F 22 -18.76 -27.32 28.39
CA ARG F 22 -19.41 -26.02 28.56
C ARG F 22 -18.88 -25.29 29.78
N GLU F 23 -18.83 -25.98 30.90
CA GLU F 23 -18.37 -25.36 32.13
C GLU F 23 -16.90 -25.02 31.99
N LEU F 24 -16.11 -25.93 31.42
CA LEU F 24 -14.68 -25.68 31.20
C LEU F 24 -14.48 -24.44 30.34
N HIS F 25 -15.22 -24.38 29.25
CA HIS F 25 -15.17 -23.22 28.38
C HIS F 25 -15.44 -21.94 29.14
N ASP F 26 -16.52 -21.92 29.92
CA ASP F 26 -16.89 -20.74 30.69
C ASP F 26 -15.79 -20.28 31.63
N MET F 27 -15.12 -21.25 32.25
CA MET F 27 -13.98 -20.93 33.08
C MET F 27 -12.88 -20.28 32.26
N PHE F 28 -12.56 -20.86 31.11
CA PHE F 28 -11.54 -20.28 30.26
C PHE F 28 -11.87 -18.85 29.88
N MET F 29 -13.14 -18.57 29.62
CA MET F 29 -13.55 -17.24 29.23
C MET F 29 -13.45 -16.29 30.40
N ASP F 30 -13.97 -16.72 31.55
CA ASP F 30 -13.90 -15.91 32.75
C ASP F 30 -12.45 -15.60 33.10
N MET F 31 -11.58 -16.57 32.91
CA MET F 31 -10.17 -16.38 33.17
C MET F 31 -9.64 -15.23 32.32
N ALA F 32 -9.84 -15.31 31.02
CA ALA F 32 -9.33 -14.31 30.10
C ALA F 32 -9.81 -12.91 30.47
N MET F 33 -11.12 -12.75 30.66
CA MET F 33 -11.67 -11.43 30.97
C MET F 33 -11.13 -10.92 32.29
N LEU F 34 -11.12 -11.79 33.28
CA LEU F 34 -10.66 -11.43 34.59
C LEU F 34 -9.21 -11.02 34.57
N VAL F 35 -8.39 -11.79 33.86
CA VAL F 35 -6.97 -11.49 33.74
C VAL F 35 -6.74 -10.21 32.95
N GLU F 36 -7.48 -10.05 31.88
CA GLU F 36 -7.37 -8.84 31.07
C GLU F 36 -7.65 -7.61 31.89
N SER F 37 -8.67 -7.68 32.73
CA SER F 37 -8.97 -6.60 33.65
C SER F 37 -7.79 -6.29 34.56
N GLN F 38 -7.31 -7.31 35.26
CA GLN F 38 -6.16 -7.14 36.13
C GLN F 38 -4.97 -6.50 35.41
N GLY F 39 -4.72 -6.91 34.16
CA GLY F 39 -3.62 -6.37 33.36
C GLY F 39 -3.64 -4.87 33.25
N GLU F 40 -4.83 -4.28 33.23
CA GLU F 40 -4.96 -2.83 33.14
C GLU F 40 -4.68 -2.12 34.45
N MET F 41 -4.86 -2.81 35.57
CA MET F 41 -4.48 -2.24 36.85
C MET F 41 -2.97 -2.20 36.97
N ILE F 42 -2.32 -3.26 36.46
CA ILE F 42 -0.87 -3.33 36.47
C ILE F 42 -0.25 -2.21 35.64
N ASP F 43 -0.87 -1.90 34.50
CA ASP F 43 -0.37 -0.83 33.62
C ASP F 43 -0.23 0.46 34.41
N ARG F 44 -1.22 0.70 35.26
CA ARG F 44 -1.22 1.86 36.14
C ARG F 44 -0.09 1.89 37.11
N ILE F 45 0.06 0.77 37.82
CA ILE F 45 1.10 0.66 38.81
C ILE F 45 2.45 0.93 38.17
N GLU F 46 2.67 0.37 36.98
CA GLU F 46 3.91 0.58 36.25
C GLU F 46 4.12 2.05 35.93
N TYR F 47 3.12 2.69 35.35
CA TYR F 47 3.18 4.11 35.06
C TYR F 47 3.49 4.92 36.31
N ASN F 48 2.82 4.55 37.40
CA ASN F 48 2.96 5.23 38.66
C ASN F 48 4.37 5.13 39.21
N VAL F 49 4.87 3.91 39.27
CA VAL F 49 6.21 3.69 39.77
C VAL F 49 7.27 4.39 38.93
N GLU F 50 7.14 4.31 37.61
CA GLU F 50 8.12 4.92 36.70
C GLU F 50 8.26 6.42 36.90
N HIS F 51 7.18 7.08 37.31
CA HIS F 51 7.26 8.47 37.71
C HIS F 51 8.09 8.62 38.99
N ALA F 52 7.71 7.86 40.01
CA ALA F 52 8.42 7.91 41.29
C ALA F 52 9.91 7.69 41.11
N VAL F 53 10.27 6.76 40.23
CA VAL F 53 11.67 6.44 39.96
C VAL F 53 12.40 7.62 39.33
N ASP F 54 11.76 8.24 38.35
CA ASP F 54 12.31 9.40 37.68
C ASP F 54 12.47 10.59 38.59
N TYR F 55 11.49 10.79 39.46
CA TYR F 55 11.56 11.88 40.43
C TYR F 55 12.74 11.67 41.37
N VAL F 56 12.93 10.44 41.86
CA VAL F 56 14.05 10.14 42.76
C VAL F 56 15.39 10.35 42.08
N GLU F 57 15.52 9.86 40.84
CA GLU F 57 16.77 9.99 40.07
C GLU F 57 17.11 11.44 39.82
N ARG F 58 16.08 12.23 39.53
CA ARG F 58 16.26 13.65 39.24
C ARG F 58 16.71 14.42 40.50
N ALA F 59 16.16 14.03 41.65
CA ALA F 59 16.48 14.66 42.92
C ALA F 59 17.93 14.44 43.33
N VAL F 60 18.31 13.18 43.55
CA VAL F 60 19.66 12.96 44.05
C VAL F 60 20.71 13.29 42.99
N SER F 61 20.44 12.92 41.73
CA SER F 61 21.45 13.02 40.68
C SER F 61 21.82 14.48 40.35
N ASP F 62 20.83 15.35 40.18
CA ASP F 62 21.11 16.76 39.93
C ASP F 62 21.63 17.45 41.20
N THR F 63 20.82 17.36 42.25
CA THR F 63 21.05 18.13 43.45
C THR F 63 22.00 17.38 44.40
N ARG G 6 -45.87 -51.57 13.04
CA ARG G 6 -45.63 -50.59 11.95
C ARG G 6 -45.48 -49.17 12.49
N ASN G 7 -46.48 -48.73 13.24
CA ASN G 7 -46.45 -47.41 13.89
C ASN G 7 -45.47 -47.42 15.07
N GLU G 8 -45.36 -48.57 15.73
CA GLU G 8 -44.42 -48.75 16.84
C GLU G 8 -42.97 -48.75 16.37
N LEU G 9 -42.72 -49.35 15.21
CA LEU G 9 -41.37 -49.52 14.65
C LEU G 9 -40.93 -48.33 13.76
N GLU G 10 -41.90 -47.68 13.11
CA GLU G 10 -41.70 -46.33 12.58
C GLU G 10 -41.22 -45.45 13.72
N GLU G 11 -41.91 -45.60 14.84
CA GLU G 11 -41.71 -44.79 16.01
C GLU G 11 -40.31 -44.89 16.58
N MET G 12 -39.91 -46.11 16.92
CA MET G 12 -38.54 -46.34 17.30
C MET G 12 -37.61 -45.74 16.25
N GLN G 13 -37.92 -45.94 14.97
CA GLN G 13 -36.99 -45.49 13.93
C GLN G 13 -36.77 -44.00 13.87
N ARG G 14 -37.88 -43.26 13.80
CA ARG G 14 -37.83 -41.80 13.79
C ARG G 14 -37.10 -41.30 15.02
N ARG G 15 -37.31 -41.99 16.14
CA ARG G 15 -36.59 -41.67 17.35
C ARG G 15 -35.13 -41.94 17.32
N ALA G 16 -34.79 -43.03 16.67
CA ALA G 16 -33.41 -43.39 16.53
C ALA G 16 -32.70 -42.24 15.84
N ASP G 17 -33.23 -41.85 14.68
CA ASP G 17 -32.62 -40.77 13.90
C ASP G 17 -32.62 -39.46 14.67
N GLN G 18 -33.73 -39.18 15.32
CA GLN G 18 -33.88 -38.03 16.19
C GLN G 18 -32.71 -37.95 17.16
N LEU G 19 -32.51 -39.01 17.94
CA LEU G 19 -31.44 -39.04 18.94
C LEU G 19 -30.08 -38.90 18.29
N ALA G 20 -29.88 -39.61 17.19
CA ALA G 20 -28.60 -39.57 16.49
C ALA G 20 -28.27 -38.17 16.03
N ASP G 21 -29.28 -37.47 15.53
CA ASP G 21 -29.08 -36.14 15.03
C ASP G 21 -28.72 -35.18 16.16
N GLU G 22 -29.37 -35.31 17.31
CA GLU G 22 -29.08 -34.46 18.46
C GLU G 22 -27.65 -34.66 18.95
N SER G 23 -27.20 -35.91 18.87
CA SER G 23 -25.83 -36.23 19.23
C SER G 23 -24.86 -35.56 18.28
N LEU G 24 -25.16 -35.60 16.99
CA LEU G 24 -24.31 -34.93 16.03
C LEU G 24 -24.17 -33.46 16.41
N GLU G 25 -25.30 -32.78 16.57
CA GLU G 25 -25.30 -31.34 16.87
C GLU G 25 -24.64 -31.02 18.20
N SER G 26 -24.63 -31.99 19.10
CA SER G 26 -23.90 -31.83 20.34
C SER G 26 -22.40 -31.76 20.08
N THR G 27 -21.89 -32.65 19.23
CA THR G 27 -20.47 -32.66 18.90
C THR G 27 -20.07 -31.42 18.12
N ARG G 28 -21.01 -30.91 17.34
CA ARG G 28 -20.78 -29.66 16.64
C ARG G 28 -20.52 -28.58 17.66
N ARG G 29 -21.39 -28.50 18.66
CA ARG G 29 -21.22 -27.50 19.73
C ARG G 29 -19.89 -27.64 20.41
N MET G 30 -19.61 -28.85 20.86
CA MET G 30 -18.38 -29.11 21.57
C MET G 30 -17.21 -28.53 20.81
N LEU G 31 -17.20 -28.77 19.50
CA LEU G 31 -16.11 -28.32 18.67
C LEU G 31 -15.90 -26.81 18.78
N GLN G 32 -16.98 -26.04 18.72
CA GLN G 32 -16.90 -24.59 18.76
C GLN G 32 -16.52 -24.12 20.15
N LEU G 33 -16.92 -24.86 21.16
CA LEU G 33 -16.62 -24.49 22.54
C LEU G 33 -15.14 -24.66 22.80
N VAL G 34 -14.60 -25.76 22.31
CA VAL G 34 -13.19 -26.05 22.51
C VAL G 34 -12.35 -25.04 21.74
N GLU G 35 -12.75 -24.72 20.52
CA GLU G 35 -11.99 -23.78 19.72
C GLU G 35 -11.98 -22.41 20.36
N GLU G 36 -13.10 -22.02 20.95
CA GLU G 36 -13.24 -20.72 21.57
C GLU G 36 -12.38 -20.64 22.83
N SER G 37 -12.31 -21.76 23.55
CA SER G 37 -11.47 -21.85 24.73
C SER G 37 -9.98 -21.73 24.37
N LYS G 38 -9.64 -22.19 23.17
CA LYS G 38 -8.29 -22.04 22.66
C LYS G 38 -7.97 -20.57 22.43
N ASP G 39 -8.89 -19.85 21.82
CA ASP G 39 -8.72 -18.41 21.63
C ASP G 39 -8.55 -17.72 22.96
N ALA G 40 -9.39 -18.09 23.92
CA ALA G 40 -9.31 -17.56 25.29
C ALA G 40 -7.96 -17.90 25.92
N GLY G 41 -7.55 -19.16 25.80
CA GLY G 41 -6.26 -19.58 26.36
C GLY G 41 -5.12 -18.79 25.77
N ILE G 42 -5.03 -18.81 24.45
CA ILE G 42 -4.00 -18.10 23.74
C ILE G 42 -3.98 -16.65 24.18
N ARG G 43 -5.13 -16.00 24.17
CA ARG G 43 -5.22 -14.61 24.61
C ARG G 43 -4.61 -14.43 25.99
N THR G 44 -4.98 -15.32 26.91
CA THR G 44 -4.57 -15.18 28.29
C THR G 44 -3.04 -15.26 28.39
N LEU G 45 -2.46 -16.18 27.64
CA LEU G 45 -1.01 -16.36 27.65
C LEU G 45 -0.28 -15.11 27.16
N VAL G 46 -0.84 -14.47 26.14
CA VAL G 46 -0.24 -13.27 25.57
C VAL G 46 -0.23 -12.17 26.60
N MET G 47 -1.35 -11.99 27.28
CA MET G 47 -1.46 -10.93 28.26
C MET G 47 -0.48 -11.20 29.41
N LEU G 48 -0.41 -12.44 29.87
CA LEU G 48 0.46 -12.81 30.98
C LEU G 48 1.92 -12.56 30.63
N ASP G 49 2.29 -12.91 29.41
CA ASP G 49 3.64 -12.71 28.92
C ASP G 49 3.99 -11.22 28.84
N GLU G 50 3.06 -10.43 28.31
CA GLU G 50 3.27 -9.01 28.20
C GLU G 50 3.35 -8.38 29.59
N GLN G 51 2.47 -8.82 30.49
CA GLN G 51 2.51 -8.37 31.88
C GLN G 51 3.79 -8.81 32.57
N GLY G 52 4.37 -9.90 32.10
CA GLY G 52 5.68 -10.33 32.57
C GLY G 52 6.73 -9.25 32.39
N GLU G 53 6.81 -8.68 31.19
CA GLU G 53 7.77 -7.60 30.91
C GLU G 53 7.51 -6.42 31.79
N GLN G 54 6.23 -6.13 32.02
CA GLN G 54 5.86 -5.01 32.85
C GLN G 54 6.37 -5.20 34.27
N LEU G 55 6.03 -6.34 34.86
CA LEU G 55 6.40 -6.62 36.24
C LEU G 55 7.92 -6.62 36.45
N ASP G 56 8.63 -7.13 35.44
CA ASP G 56 10.10 -7.17 35.49
C ASP G 56 10.69 -5.77 35.50
N ARG G 57 10.10 -4.88 34.73
CA ARG G 57 10.54 -3.48 34.73
C ARG G 57 10.14 -2.77 36.02
N VAL G 58 9.06 -3.21 36.66
CA VAL G 58 8.65 -2.66 37.95
C VAL G 58 9.64 -3.02 39.04
N GLU G 59 9.99 -4.29 39.11
CA GLU G 59 10.99 -4.74 40.07
C GLU G 59 12.34 -4.07 39.81
N GLU G 60 12.67 -3.85 38.54
CA GLU G 60 13.87 -3.11 38.15
C GLU G 60 13.81 -1.68 38.69
N GLY G 61 12.61 -1.09 38.64
CA GLY G 61 12.37 0.20 39.24
C GLY G 61 12.65 0.19 40.72
N MET G 62 12.16 -0.83 41.43
CA MET G 62 12.39 -0.96 42.87
C MET G 62 13.87 -1.06 43.20
N ASN G 63 14.60 -1.81 42.37
CA ASN G 63 16.05 -1.97 42.53
C ASN G 63 16.80 -0.67 42.24
N HIS G 64 16.36 0.06 41.23
CA HIS G 64 16.97 1.36 40.93
C HIS G 64 16.82 2.31 42.10
N ILE G 65 15.62 2.37 42.67
CA ILE G 65 15.38 3.22 43.82
C ILE G 65 16.29 2.86 44.98
N ASN G 66 16.42 1.56 45.25
CA ASN G 66 17.32 1.06 46.29
C ASN G 66 18.78 1.48 46.07
N GLN G 67 19.22 1.45 44.81
CA GLN G 67 20.57 1.88 44.47
C GLN G 67 20.75 3.35 44.82
N ASP G 68 19.76 4.17 44.44
CA ASP G 68 19.82 5.63 44.61
C ASP G 68 19.72 6.05 46.07
N MET G 69 19.14 5.19 46.91
CA MET G 69 19.11 5.42 48.36
C MET G 69 20.50 5.28 48.97
N LYS G 70 21.20 4.22 48.60
CA LYS G 70 22.54 3.97 49.13
C LYS G 70 23.54 4.99 48.56
N GLU G 71 23.31 5.41 47.32
CA GLU G 71 24.17 6.38 46.66
C GLU G 71 23.93 7.79 47.17
N ALA G 72 22.66 8.15 47.35
CA ALA G 72 22.30 9.49 47.83
C ALA G 72 22.74 9.70 49.27
N GLU G 73 22.49 8.71 50.13
CA GLU G 73 22.85 8.78 51.55
C GLU G 73 24.37 8.81 51.73
N LYS G 74 25.05 7.84 51.10
CA LYS G 74 26.50 7.68 51.25
C LYS G 74 27.23 8.90 50.72
N ASN G 75 26.89 9.29 49.49
CA ASN G 75 27.53 10.39 48.78
C ASN G 75 27.22 11.81 49.27
N LEU G 76 25.94 12.19 49.24
CA LEU G 76 25.50 13.58 49.45
C LEU G 76 25.10 13.84 50.91
N LYS G 77 24.51 12.83 51.57
CA LYS G 77 24.17 12.92 52.98
C LYS G 77 25.39 12.67 53.86
N ASP G 78 26.53 12.31 53.28
CA ASP G 78 27.81 12.46 53.97
C ASP G 78 28.84 13.28 53.16
N LEU G 79 29.54 12.62 52.22
CA LEU G 79 30.63 13.25 51.47
C LEU G 79 30.11 14.21 50.40
N GLY H 1 -26.72 -43.74 9.32
CA GLY H 1 -26.16 -44.52 10.45
C GLY H 1 -24.65 -44.70 10.41
N SER H 2 -24.13 -45.16 9.27
CA SER H 2 -22.68 -45.34 9.07
C SER H 2 -21.98 -44.00 8.80
N ALA H 3 -22.62 -43.13 8.01
CA ALA H 3 -22.05 -41.81 7.71
C ALA H 3 -22.11 -40.85 8.90
N ARG H 4 -23.12 -41.03 9.74
CA ARG H 4 -23.25 -40.27 10.98
C ARG H 4 -22.13 -40.65 11.94
N GLU H 5 -21.91 -41.95 12.10
CA GLU H 5 -20.82 -42.46 12.92
C GLU H 5 -19.48 -41.90 12.45
N ASN H 6 -19.27 -41.86 11.15
CA ASN H 6 -18.01 -41.34 10.58
C ASN H 6 -17.76 -39.90 10.99
N GLU H 7 -18.72 -39.04 10.68
CA GLU H 7 -18.59 -37.63 10.98
C GLU H 7 -18.53 -37.39 12.49
N MET H 8 -19.40 -38.10 13.22
CA MET H 8 -19.47 -37.95 14.67
C MET H 8 -18.15 -38.32 15.33
N ASP H 9 -17.62 -39.49 14.98
CA ASP H 9 -16.37 -39.95 15.56
C ASP H 9 -15.20 -39.08 15.10
N GLU H 10 -15.30 -38.51 13.90
CA GLU H 10 -14.29 -37.57 13.41
C GLU H 10 -14.23 -36.33 14.30
N ASN H 11 -15.39 -35.79 14.60
CA ASN H 11 -15.45 -34.66 15.49
C ASN H 11 -14.88 -35.03 16.86
N LEU H 12 -15.31 -36.17 17.39
CA LEU H 12 -14.85 -36.58 18.70
C LEU H 12 -13.34 -36.60 18.74
N GLU H 13 -12.72 -37.27 17.78
CA GLU H 13 -11.27 -37.39 17.75
C GLU H 13 -10.62 -36.03 17.61
N GLN H 14 -11.24 -35.17 16.81
CA GLN H 14 -10.73 -33.81 16.63
C GLN H 14 -10.78 -33.06 17.94
N VAL H 15 -11.86 -33.23 18.68
CA VAL H 15 -12.00 -32.58 19.96
C VAL H 15 -10.92 -33.05 20.93
N SER H 16 -10.78 -34.37 21.05
CA SER H 16 -9.83 -34.94 22.02
C SER H 16 -8.43 -34.39 21.84
N GLY H 17 -8.01 -34.28 20.60
CA GLY H 17 -6.70 -33.73 20.30
C GLY H 17 -6.55 -32.30 20.77
N ILE H 18 -7.56 -31.49 20.49
CA ILE H 18 -7.54 -30.10 20.88
C ILE H 18 -7.61 -29.97 22.40
N ILE H 19 -8.34 -30.87 23.05
CA ILE H 19 -8.40 -30.89 24.50
C ILE H 19 -7.04 -31.14 25.10
N GLY H 20 -6.23 -31.92 24.40
CA GLY H 20 -4.85 -32.13 24.78
C GLY H 20 -4.09 -30.82 24.84
N ASN H 21 -4.34 -29.94 23.88
CA ASN H 21 -3.66 -28.64 23.82
C ASN H 21 -4.10 -27.77 24.97
N LEU H 22 -5.37 -27.87 25.32
CA LEU H 22 -5.92 -27.10 26.44
C LEU H 22 -5.25 -27.50 27.74
N ARG H 23 -5.00 -28.79 27.90
CA ARG H 23 -4.30 -29.28 29.08
C ARG H 23 -2.94 -28.59 29.20
N HIS H 24 -2.19 -28.59 28.11
CA HIS H 24 -0.87 -27.99 28.06
C HIS H 24 -0.95 -26.51 28.36
N MET H 25 -1.94 -25.84 27.80
CA MET H 25 -2.11 -24.42 28.07
C MET H 25 -2.48 -24.18 29.52
N ALA H 26 -3.31 -25.05 30.08
CA ALA H 26 -3.76 -24.88 31.46
C ALA H 26 -2.60 -24.91 32.42
N LEU H 27 -1.71 -25.87 32.21
CA LEU H 27 -0.53 -26.02 33.06
C LEU H 27 0.43 -24.82 32.94
N ASP H 28 0.63 -24.33 31.72
CA ASP H 28 1.51 -23.18 31.47
C ASP H 28 1.01 -21.99 32.24
N MET H 29 -0.30 -21.76 32.18
CA MET H 29 -0.93 -20.67 32.90
C MET H 29 -0.69 -20.84 34.38
N GLY H 30 -0.92 -22.05 34.90
CA GLY H 30 -0.69 -22.32 36.31
C GLY H 30 0.69 -21.88 36.76
N ASN H 31 1.71 -22.31 36.04
CA ASN H 31 3.09 -21.95 36.38
C ASN H 31 3.38 -20.46 36.24
N GLU H 32 2.79 -19.86 35.21
CA GLU H 32 3.01 -18.45 34.94
C GLU H 32 2.47 -17.64 36.09
N ILE H 33 1.26 -17.96 36.52
CA ILE H 33 0.61 -17.20 37.59
C ILE H 33 1.38 -17.36 38.89
N ASP H 34 1.78 -18.58 39.20
CA ASP H 34 2.53 -18.84 40.43
C ASP H 34 3.76 -17.96 40.51
N THR H 35 4.49 -17.87 39.40
CA THR H 35 5.70 -17.07 39.31
C THR H 35 5.40 -15.60 39.54
N GLN H 36 4.33 -15.13 38.92
CA GLN H 36 3.94 -13.73 39.05
C GLN H 36 3.42 -13.43 40.45
N ASN H 37 2.74 -14.38 41.08
CA ASN H 37 2.25 -14.18 42.45
C ASN H 37 3.39 -13.93 43.42
N ARG H 38 4.43 -14.73 43.30
CA ARG H 38 5.62 -14.52 44.11
C ARG H 38 6.20 -13.14 43.83
N GLN H 39 6.29 -12.77 42.55
CA GLN H 39 6.87 -11.50 42.16
C GLN H 39 6.10 -10.34 42.78
N ILE H 40 4.77 -10.44 42.79
CA ILE H 40 3.93 -9.43 43.39
C ILE H 40 4.20 -9.30 44.89
N ASP H 41 4.39 -10.43 45.56
CA ASP H 41 4.70 -10.41 46.99
C ASP H 41 6.03 -9.73 47.28
N ARG H 42 7.02 -9.93 46.41
CA ARG H 42 8.32 -9.25 46.54
C ARG H 42 8.23 -7.74 46.28
N ILE H 43 7.46 -7.37 45.26
CA ILE H 43 7.23 -5.95 44.96
C ILE H 43 6.50 -5.27 46.12
N MET H 44 5.53 -5.97 46.69
CA MET H 44 4.81 -5.55 47.88
C MET H 44 5.73 -5.24 49.07
N GLU H 45 6.69 -6.12 49.31
CA GLU H 45 7.68 -5.97 50.39
C GLU H 45 8.74 -4.92 50.10
N LYS H 46 9.18 -4.84 48.84
CA LYS H 46 10.16 -3.83 48.42
C LYS H 46 9.59 -2.42 48.44
N ALA H 47 8.34 -2.30 48.00
CA ALA H 47 7.64 -1.04 48.03
C ALA H 47 7.49 -0.57 49.48
N ASP H 48 7.07 -1.47 50.37
CA ASP H 48 6.90 -1.13 51.78
C ASP H 48 8.22 -0.71 52.44
N SER H 49 9.28 -1.48 52.15
CA SER H 49 10.60 -1.21 52.67
C SER H 49 11.12 0.15 52.17
N ASN H 50 10.96 0.41 50.88
CA ASN H 50 11.36 1.70 50.30
C ASN H 50 10.54 2.86 50.87
N LYS H 51 9.25 2.60 51.14
CA LYS H 51 8.32 3.55 51.79
C LYS H 51 8.87 4.01 53.11
N THR H 52 9.22 3.02 53.91
CA THR H 52 9.70 3.27 55.25
C THR H 52 11.01 4.06 55.23
N ARG H 53 11.92 3.66 54.35
CA ARG H 53 13.22 4.32 54.19
C ARG H 53 13.12 5.76 53.66
N ILE H 54 12.19 5.98 52.75
CA ILE H 54 11.93 7.32 52.24
C ILE H 54 11.27 8.20 53.29
N ASP H 55 10.42 7.62 54.14
CA ASP H 55 9.80 8.36 55.24
C ASP H 55 10.86 8.84 56.22
N GLU H 56 11.76 7.93 56.60
CA GLU H 56 12.87 8.25 57.54
C GLU H 56 13.87 9.25 56.94
N ALA H 57 14.34 8.98 55.72
CA ALA H 57 15.38 9.80 55.07
C ALA H 57 14.93 11.23 54.82
N ASN H 58 13.67 11.36 54.41
CA ASN H 58 13.04 12.65 54.14
C ASN H 58 12.84 13.46 55.41
N GLN H 59 12.25 12.78 56.38
CA GLN H 59 11.93 13.36 57.67
C GLN H 59 13.13 13.92 58.40
N ARG H 60 14.20 13.16 58.37
CA ARG H 60 15.44 13.53 59.02
C ARG H 60 16.18 14.59 58.21
N ALA H 61 16.25 14.39 56.90
CA ALA H 61 16.94 15.33 56.02
C ALA H 61 16.25 16.67 55.99
N GLY I 4 -15.31 -74.36 6.28
CA GLY I 4 -14.97 -73.43 5.17
C GLY I 4 -14.59 -72.02 5.61
N SER I 5 -13.85 -71.94 6.73
CA SER I 5 -13.22 -70.70 7.25
C SER I 5 -12.04 -70.22 6.40
N ASN I 6 -11.47 -71.12 5.60
CA ASN I 6 -10.41 -70.78 4.63
C ASN I 6 -10.95 -69.91 3.49
N ARG I 7 -12.14 -70.24 3.00
CA ARG I 7 -12.84 -69.40 2.03
C ARG I 7 -13.07 -67.98 2.59
N ARG I 8 -13.63 -67.92 3.79
CA ARG I 8 -13.90 -66.65 4.48
C ARG I 8 -12.63 -65.82 4.61
N LEU I 9 -11.53 -66.47 5.02
CA LEU I 9 -10.24 -65.81 5.17
C LEU I 9 -9.69 -65.35 3.83
N GLN I 10 -9.75 -66.24 2.84
CA GLN I 10 -9.23 -65.94 1.51
C GLN I 10 -9.78 -64.63 0.93
N GLN I 11 -11.05 -64.36 1.20
CA GLN I 11 -11.69 -63.13 0.75
C GLN I 11 -10.99 -61.91 1.36
N THR I 12 -10.86 -61.93 2.68
CA THR I 12 -10.30 -60.82 3.38
C THR I 12 -8.92 -60.50 2.82
N GLN I 13 -8.14 -61.54 2.57
CA GLN I 13 -6.80 -61.36 2.04
C GLN I 13 -6.87 -60.50 0.80
N ALA I 14 -7.70 -60.91 -0.15
CA ALA I 14 -7.86 -60.19 -1.40
C ALA I 14 -8.44 -58.79 -1.18
N GLN I 15 -9.30 -58.65 -0.19
CA GLN I 15 -9.95 -57.37 0.11
C GLN I 15 -8.95 -56.33 0.59
N VAL I 16 -8.03 -56.80 1.42
CA VAL I 16 -6.99 -55.96 1.98
C VAL I 16 -6.00 -55.57 0.91
N ASP I 17 -5.65 -56.52 0.06
CA ASP I 17 -4.72 -56.24 -1.03
C ASP I 17 -5.21 -55.07 -1.87
N GLU I 18 -6.50 -55.06 -2.19
CA GLU I 18 -7.08 -53.97 -2.95
C GLU I 18 -6.83 -52.66 -2.22
N VAL I 19 -7.26 -52.61 -0.96
CA VAL I 19 -7.15 -51.40 -0.15
C VAL I 19 -5.74 -50.86 -0.18
N VAL I 20 -4.76 -51.75 -0.07
CA VAL I 20 -3.38 -51.35 -0.08
C VAL I 20 -3.04 -50.61 -1.36
N ASP I 21 -3.48 -51.15 -2.49
CA ASP I 21 -3.16 -50.54 -3.78
C ASP I 21 -3.81 -49.18 -3.89
N ILE I 22 -4.98 -49.05 -3.26
CA ILE I 22 -5.68 -47.77 -3.24
C ILE I 22 -4.94 -46.76 -2.39
N MET I 23 -4.45 -47.21 -1.26
CA MET I 23 -3.72 -46.31 -0.39
C MET I 23 -2.46 -45.91 -1.04
N ARG I 24 -1.87 -46.82 -1.78
CA ARG I 24 -0.65 -46.55 -2.50
C ARG I 24 -0.74 -45.38 -3.46
N VAL I 25 -1.81 -45.41 -4.23
CA VAL I 25 -2.11 -44.32 -5.12
C VAL I 25 -2.28 -43.04 -4.28
N ASN I 26 -2.94 -43.17 -3.13
CA ASN I 26 -3.13 -42.03 -2.23
C ASN I 26 -1.82 -41.48 -1.66
N VAL I 27 -0.86 -42.35 -1.47
CA VAL I 27 0.45 -41.91 -1.03
C VAL I 27 1.09 -41.12 -2.16
N ASP I 28 1.00 -41.66 -3.36
CA ASP I 28 1.53 -40.97 -4.52
C ASP I 28 1.01 -39.57 -4.62
N LYS I 29 -0.29 -39.43 -4.46
CA LYS I 29 -0.96 -38.14 -4.59
C LYS I 29 -0.53 -37.18 -3.48
N VAL I 30 -0.43 -37.69 -2.26
CA VAL I 30 -0.07 -36.83 -1.13
C VAL I 30 1.39 -36.37 -1.25
N LEU I 31 2.24 -37.22 -1.82
CA LEU I 31 3.63 -36.86 -2.04
C LEU I 31 3.73 -35.76 -3.09
N GLU I 32 2.90 -35.84 -4.12
CA GLU I 32 2.80 -34.77 -5.13
C GLU I 32 2.24 -33.50 -4.49
N ARG I 33 1.29 -33.68 -3.59
CA ARG I 33 0.72 -32.57 -2.84
C ARG I 33 1.77 -31.92 -1.94
N ASP I 34 2.66 -32.74 -1.40
CA ASP I 34 3.70 -32.22 -0.53
C ASP I 34 4.72 -31.38 -1.29
N GLN I 35 5.17 -31.86 -2.43
CA GLN I 35 6.17 -31.13 -3.20
C GLN I 35 5.60 -29.83 -3.79
N LYS I 36 4.30 -29.77 -4.04
CA LYS I 36 3.68 -28.52 -4.51
C LYS I 36 3.66 -27.47 -3.40
N LEU I 37 3.48 -27.91 -2.16
CA LEU I 37 3.53 -27.02 -1.01
C LEU I 37 4.95 -26.84 -0.48
N SER J 2 -2.60 -84.47 7.50
CA SER J 2 -3.65 -84.63 8.56
C SER J 2 -3.90 -83.29 9.30
N ALA J 3 -4.63 -83.36 10.42
CA ALA J 3 -4.89 -82.22 11.31
C ALA J 3 -3.74 -81.21 11.36
N LEU J 4 -2.52 -81.72 11.45
CA LEU J 4 -1.31 -80.88 11.49
C LEU J 4 -1.07 -80.17 10.16
N SER J 5 -1.16 -80.90 9.06
CA SER J 5 -0.92 -80.34 7.73
C SER J 5 -1.90 -79.21 7.38
N GLU J 6 -3.13 -79.30 7.87
CA GLU J 6 -4.13 -78.25 7.66
C GLU J 6 -3.82 -77.00 8.49
N ILE J 7 -3.49 -77.20 9.76
CA ILE J 7 -3.14 -76.10 10.65
C ILE J 7 -1.88 -75.41 10.16
N GLU J 8 -0.95 -76.21 9.64
CA GLU J 8 0.30 -75.69 9.06
C GLU J 8 -0.02 -74.72 7.92
N THR J 9 -0.80 -75.18 6.97
CA THR J 9 -1.13 -74.36 5.81
C THR J 9 -1.98 -73.15 6.21
N ARG J 10 -2.84 -73.32 7.22
CA ARG J 10 -3.64 -72.21 7.74
C ARG J 10 -2.77 -71.15 8.36
N HIS J 11 -1.84 -71.60 9.18
CA HIS J 11 -0.93 -70.69 9.84
C HIS J 11 -0.18 -69.81 8.83
N SER J 12 0.21 -70.40 7.70
CA SER J 12 0.93 -69.65 6.66
C SER J 12 0.11 -68.50 6.13
N GLU J 13 -1.18 -68.75 5.89
CA GLU J 13 -2.07 -67.70 5.40
C GLU J 13 -2.32 -66.63 6.45
N ILE J 14 -2.32 -67.01 7.72
CA ILE J 14 -2.44 -66.00 8.77
C ILE J 14 -1.27 -65.01 8.68
N ILE J 15 -0.06 -65.52 8.56
CA ILE J 15 1.12 -64.67 8.44
C ILE J 15 1.03 -63.76 7.21
N LYS J 16 0.57 -64.29 6.09
CA LYS J 16 0.35 -63.47 4.90
C LYS J 16 -0.55 -62.29 5.24
N LEU J 17 -1.61 -62.55 6.00
CA LEU J 17 -2.57 -61.53 6.37
C LEU J 17 -1.96 -60.52 7.33
N GLU J 18 -1.09 -61.00 8.20
CA GLU J 18 -0.41 -60.11 9.12
C GLU J 18 0.45 -59.12 8.33
N ASN J 19 1.22 -59.61 7.37
CA ASN J 19 2.11 -58.76 6.59
C ASN J 19 1.36 -57.67 5.87
N SER J 20 0.20 -58.01 5.33
CA SER J 20 -0.57 -57.03 4.61
C SER J 20 -1.05 -55.97 5.58
N ILE J 21 -1.68 -56.41 6.66
CA ILE J 21 -2.23 -55.47 7.62
C ILE J 21 -1.14 -54.56 8.19
N ARG J 22 0.03 -55.14 8.46
CA ARG J 22 1.16 -54.36 8.94
C ARG J 22 1.52 -53.26 7.95
N GLU J 23 1.66 -53.62 6.68
CA GLU J 23 2.04 -52.65 5.68
C GLU J 23 0.96 -51.60 5.53
N LEU J 24 -0.29 -52.06 5.50
CA LEU J 24 -1.42 -51.14 5.41
C LEU J 24 -1.36 -50.17 6.60
N HIS J 25 -1.21 -50.70 7.79
CA HIS J 25 -1.14 -49.87 8.98
C HIS J 25 -0.06 -48.81 8.82
N ASP J 26 1.13 -49.22 8.40
CA ASP J 26 2.24 -48.28 8.23
C ASP J 26 1.91 -47.16 7.27
N MET J 27 1.19 -47.49 6.20
CA MET J 27 0.75 -46.48 5.26
C MET J 27 -0.20 -45.51 5.93
N PHE J 28 -1.14 -46.03 6.68
CA PHE J 28 -2.07 -45.16 7.40
C PHE J 28 -1.35 -44.22 8.35
N MET J 29 -0.31 -44.70 9.02
CA MET J 29 0.43 -43.85 9.96
C MET J 29 1.24 -42.81 9.26
N ASP J 30 1.91 -43.23 8.19
CA ASP J 30 2.68 -42.31 7.36
C ASP J 30 1.79 -41.22 6.78
N MET J 31 0.59 -41.61 6.35
CA MET J 31 -0.36 -40.66 5.81
C MET J 31 -0.63 -39.56 6.85
N ALA J 32 -1.02 -39.98 8.05
CA ALA J 32 -1.39 -39.05 9.13
C ALA J 32 -0.27 -38.08 9.47
N MET J 33 0.93 -38.60 9.68
CA MET J 33 2.06 -37.75 10.01
C MET J 33 2.36 -36.80 8.88
N LEU J 34 2.37 -37.33 7.65
CA LEU J 34 2.69 -36.55 6.48
C LEU J 34 1.66 -35.44 6.25
N VAL J 35 0.38 -35.78 6.39
CA VAL J 35 -0.68 -34.81 6.25
C VAL J 35 -0.65 -33.75 7.35
N GLU J 36 -0.41 -34.20 8.57
CA GLU J 36 -0.34 -33.31 9.72
C GLU J 36 0.75 -32.28 9.48
N SER J 37 1.90 -32.72 8.99
CA SER J 37 2.97 -31.83 8.65
C SER J 37 2.50 -30.78 7.64
N GLN J 38 1.96 -31.26 6.52
CA GLN J 38 1.44 -30.36 5.49
C GLN J 38 0.46 -29.32 6.05
N GLY J 39 -0.40 -29.76 6.97
CA GLY J 39 -1.40 -28.88 7.60
C GLY J 39 -0.78 -27.64 8.22
N GLU J 40 0.42 -27.78 8.76
CA GLU J 40 1.10 -26.67 9.41
C GLU J 40 1.68 -25.69 8.40
N MET J 41 1.98 -26.17 7.21
CA MET J 41 2.44 -25.26 6.16
C MET J 41 1.28 -24.42 5.67
N ILE J 42 0.12 -25.04 5.60
CA ILE J 42 -1.07 -24.34 5.18
C ILE J 42 -1.43 -23.24 6.16
N ASP J 43 -1.27 -23.51 7.46
CA ASP J 43 -1.57 -22.52 8.49
C ASP J 43 -0.82 -21.23 8.23
N ARG J 44 0.42 -21.39 7.80
CA ARG J 44 1.25 -20.27 7.42
C ARG J 44 0.71 -19.48 6.27
N ILE J 45 0.41 -20.20 5.20
CA ILE J 45 -0.05 -19.56 4.00
C ILE J 45 -1.30 -18.76 4.33
N GLU J 46 -2.18 -19.33 5.14
CA GLU J 46 -3.39 -18.63 5.54
C GLU J 46 -3.07 -17.34 6.30
N TYR J 47 -2.22 -17.45 7.31
CA TYR J 47 -1.80 -16.28 8.06
C TYR J 47 -1.22 -15.22 7.15
N ASN J 48 -0.36 -15.68 6.24
CA ASN J 48 0.33 -14.80 5.33
C ASN J 48 -0.66 -14.06 4.44
N VAL J 49 -1.56 -14.80 3.81
CA VAL J 49 -2.53 -14.19 2.92
C VAL J 49 -3.44 -13.21 3.65
N GLU J 50 -3.89 -13.58 4.84
CA GLU J 50 -4.80 -12.72 5.61
C GLU J 50 -4.20 -11.36 5.91
N HIS J 51 -2.88 -11.30 6.07
CA HIS J 51 -2.19 -10.02 6.21
C HIS J 51 -2.28 -9.23 4.92
N ALA J 52 -1.90 -9.88 3.82
CA ALA J 52 -1.95 -9.24 2.50
C ALA J 52 -3.33 -8.67 2.20
N VAL J 53 -4.36 -9.42 2.56
CA VAL J 53 -5.75 -9.01 2.31
C VAL J 53 -6.09 -7.76 3.11
N ASP J 54 -5.69 -7.75 4.37
CA ASP J 54 -5.91 -6.62 5.25
C ASP J 54 -5.17 -5.37 4.82
N TYR J 55 -3.94 -5.55 4.37
CA TYR J 55 -3.14 -4.45 3.87
C TYR J 55 -3.80 -3.83 2.65
N VAL J 56 -4.29 -4.67 1.73
CA VAL J 56 -4.96 -4.18 0.52
C VAL J 56 -6.25 -3.44 0.84
N GLU J 57 -7.03 -3.98 1.76
CA GLU J 57 -8.28 -3.36 2.19
C GLU J 57 -8.06 -2.03 2.87
N ARG J 58 -7.00 -1.95 3.67
CA ARG J 58 -6.67 -0.72 4.37
C ARG J 58 -6.24 0.37 3.39
N ALA J 59 -5.49 -0.02 2.35
CA ALA J 59 -4.98 0.92 1.34
C ALA J 59 -6.12 1.52 0.49
N VAL J 60 -6.88 0.64 -0.17
CA VAL J 60 -8.00 0.99 -1.04
C VAL J 60 -9.33 0.71 -0.34
N ASN K 7 4.68 -90.07 24.45
CA ASN K 7 5.11 -90.52 23.10
C ASN K 7 5.15 -89.37 22.10
N GLU K 8 5.60 -89.64 20.88
CA GLU K 8 5.61 -88.62 19.82
C GLU K 8 4.22 -88.17 19.41
N LEU K 9 3.20 -88.99 19.71
CA LEU K 9 1.79 -88.58 19.62
C LEU K 9 1.54 -87.34 20.48
N GLU K 10 2.08 -87.37 21.70
CA GLU K 10 1.95 -86.28 22.67
C GLU K 10 2.73 -85.03 22.20
N GLU K 11 3.85 -85.26 21.51
CA GLU K 11 4.68 -84.18 21.00
C GLU K 11 4.09 -83.48 19.75
N MET K 12 3.55 -84.28 18.84
CA MET K 12 2.81 -83.77 17.67
C MET K 12 1.62 -82.94 18.10
N GLN K 13 0.87 -83.46 19.07
CA GLN K 13 -0.24 -82.76 19.72
C GLN K 13 0.10 -81.42 20.31
N ARG K 14 1.20 -81.40 21.04
CA ARG K 14 1.74 -80.19 21.62
C ARG K 14 2.01 -79.16 20.52
N ARG K 15 2.45 -79.64 19.36
CA ARG K 15 2.60 -78.76 18.20
C ARG K 15 1.34 -78.21 17.64
N ALA K 16 0.32 -79.04 17.62
CA ALA K 16 -0.96 -78.62 17.13
C ALA K 16 -1.45 -77.42 17.95
N ASP K 17 -1.42 -77.58 19.28
CA ASP K 17 -1.86 -76.50 20.18
C ASP K 17 -0.95 -75.28 20.06
N GLN K 18 0.34 -75.53 19.98
CA GLN K 18 1.34 -74.51 19.73
C GLN K 18 0.92 -73.64 18.55
N LEU K 19 0.73 -74.28 17.39
CA LEU K 19 0.39 -73.57 16.15
C LEU K 19 -0.94 -72.85 16.27
N ALA K 20 -1.91 -73.50 16.89
CA ALA K 20 -3.24 -72.93 17.08
C ALA K 20 -3.17 -71.67 17.92
N ASP K 21 -2.37 -71.71 18.97
CA ASP K 21 -2.24 -70.58 19.87
C ASP K 21 -1.57 -69.38 19.17
N GLU K 22 -0.56 -69.65 18.34
CA GLU K 22 0.11 -68.59 17.58
C GLU K 22 -0.83 -67.93 16.61
N SER K 23 -1.72 -68.72 16.02
CA SER K 23 -2.75 -68.21 15.12
C SER K 23 -3.71 -67.31 15.88
N LEU K 24 -4.10 -67.72 17.08
CA LEU K 24 -4.97 -66.89 17.88
C LEU K 24 -4.33 -65.53 18.11
N GLU K 25 -3.10 -65.53 18.62
CA GLU K 25 -2.39 -64.29 18.92
C GLU K 25 -2.15 -63.43 17.69
N SER K 26 -2.10 -64.06 16.52
CA SER K 26 -1.99 -63.32 15.28
C SER K 26 -3.26 -62.52 15.03
N THR K 27 -4.40 -63.14 15.23
CA THR K 27 -5.68 -62.46 15.02
C THR K 27 -5.85 -61.36 16.04
N ARG K 28 -5.30 -61.57 17.23
CA ARG K 28 -5.35 -60.52 18.27
C ARG K 28 -4.61 -59.31 17.76
N ARG K 29 -3.43 -59.54 17.20
CA ARG K 29 -2.67 -58.44 16.63
C ARG K 29 -3.43 -57.73 15.57
N MET K 30 -3.88 -58.50 14.60
CA MET K 30 -4.60 -57.93 13.46
C MET K 30 -5.68 -56.98 13.93
N LEU K 31 -6.40 -57.39 14.96
CA LEU K 31 -7.48 -56.59 15.49
C LEU K 31 -7.01 -55.22 15.93
N GLN K 32 -5.91 -55.15 16.64
CA GLN K 32 -5.41 -53.87 17.13
C GLN K 32 -4.79 -53.02 16.04
N LEU K 33 -4.26 -53.67 15.01
CA LEU K 33 -3.69 -52.96 13.87
C LEU K 33 -4.77 -52.27 13.08
N VAL K 34 -5.86 -53.00 12.86
CA VAL K 34 -6.97 -52.46 12.11
C VAL K 34 -7.61 -51.33 12.88
N GLU K 35 -7.77 -51.49 14.18
CA GLU K 35 -8.39 -50.46 15.02
C GLU K 35 -7.53 -49.20 15.02
N GLU K 36 -6.21 -49.37 15.03
CA GLU K 36 -5.30 -48.24 15.07
C GLU K 36 -5.33 -47.51 13.75
N SER K 37 -5.45 -48.27 12.67
CA SER K 37 -5.57 -47.69 11.34
C SER K 37 -6.84 -46.86 11.23
N LYS K 38 -7.89 -47.29 11.91
CA LYS K 38 -9.14 -46.54 11.95
C LYS K 38 -8.90 -45.19 12.62
N ASP K 39 -8.21 -45.18 13.75
CA ASP K 39 -7.88 -43.94 14.43
C ASP K 39 -7.11 -43.05 13.49
N ALA K 40 -6.13 -43.64 12.81
CA ALA K 40 -5.34 -42.91 11.83
C ALA K 40 -6.21 -42.35 10.70
N GLY K 41 -7.07 -43.19 10.16
CA GLY K 41 -7.95 -42.77 9.09
C GLY K 41 -8.80 -41.61 9.52
N ILE K 42 -9.52 -41.81 10.62
CA ILE K 42 -10.41 -40.80 11.17
C ILE K 42 -9.64 -39.50 11.36
N ARG K 43 -8.49 -39.59 12.02
CA ARG K 43 -7.66 -38.40 12.22
C ARG K 43 -7.39 -37.69 10.90
N THR K 44 -7.00 -38.45 9.89
CA THR K 44 -6.60 -37.86 8.63
C THR K 44 -7.77 -37.09 8.02
N LEU K 45 -8.95 -37.68 8.10
CA LEU K 45 -10.14 -37.07 7.52
C LEU K 45 -10.47 -35.75 8.18
N VAL K 46 -10.28 -35.70 9.49
CA VAL K 46 -10.56 -34.48 10.24
C VAL K 46 -9.64 -33.37 9.79
N MET K 47 -8.36 -33.70 9.65
CA MET K 47 -7.38 -32.70 9.27
C MET K 47 -7.67 -32.21 7.87
N LEU K 48 -7.98 -33.12 6.96
CA LEU K 48 -8.27 -32.75 5.58
C LEU K 48 -9.49 -31.84 5.47
N ASP K 49 -10.51 -32.16 6.27
CA ASP K 49 -11.73 -31.37 6.31
C ASP K 49 -11.46 -29.98 6.84
N GLU K 50 -10.69 -29.90 7.92
CA GLU K 50 -10.33 -28.63 8.53
C GLU K 50 -9.48 -27.81 7.55
N GLN K 51 -8.53 -28.48 6.92
CA GLN K 51 -7.71 -27.84 5.89
C GLN K 51 -8.56 -27.40 4.71
N GLY K 52 -9.66 -28.09 4.48
CA GLY K 52 -10.62 -27.67 3.46
C GLY K 52 -11.10 -26.26 3.69
N GLU K 53 -11.52 -25.94 4.91
CA GLU K 53 -11.98 -24.59 5.25
C GLU K 53 -10.87 -23.59 5.07
N GLN K 54 -9.65 -23.98 5.41
CA GLN K 54 -8.51 -23.09 5.28
C GLN K 54 -8.27 -22.74 3.82
N LEU K 55 -8.18 -23.75 2.97
CA LEU K 55 -7.92 -23.54 1.55
C LEU K 55 -9.00 -22.72 0.87
N ASP K 56 -10.25 -22.94 1.28
CA ASP K 56 -11.37 -22.18 0.73
C ASP K 56 -11.27 -20.70 1.07
N ARG K 57 -10.84 -20.40 2.30
CA ARG K 57 -10.65 -19.02 2.71
C ARG K 57 -9.43 -18.41 2.03
N VAL K 58 -8.45 -19.24 1.67
CA VAL K 58 -7.28 -18.77 0.94
C VAL K 58 -7.66 -18.35 -0.47
N GLU K 59 -8.41 -19.19 -1.15
CA GLU K 59 -8.89 -18.87 -2.50
C GLU K 59 -9.81 -17.65 -2.46
N GLU K 60 -10.60 -17.53 -1.40
CA GLU K 60 -11.43 -16.35 -1.19
C GLU K 60 -10.55 -15.10 -1.06
N GLY K 61 -9.43 -15.25 -0.38
CA GLY K 61 -8.43 -14.20 -0.30
C GLY K 61 -7.92 -13.80 -1.66
N MET K 62 -7.61 -14.77 -2.51
CA MET K 62 -7.13 -14.50 -3.87
C MET K 62 -8.17 -13.75 -4.69
N ASN K 63 -9.43 -14.12 -4.52
CA ASN K 63 -10.54 -13.46 -5.20
C ASN K 63 -10.77 -12.04 -4.70
N HIS K 64 -10.64 -11.85 -3.39
CA HIS K 64 -10.75 -10.50 -2.82
C HIS K 64 -9.68 -9.58 -3.40
N ILE K 65 -8.44 -10.04 -3.44
CA ILE K 65 -7.34 -9.24 -4.00
C ILE K 65 -7.62 -8.87 -5.45
N ASN K 66 -8.10 -9.83 -6.24
CA ASN K 66 -8.48 -9.59 -7.63
C ASN K 66 -9.56 -8.51 -7.77
N GLN K 67 -10.52 -8.53 -6.85
CA GLN K 67 -11.57 -7.52 -6.83
C GLN K 67 -10.98 -6.13 -6.59
N ASP K 68 -10.07 -6.05 -5.63
CA ASP K 68 -9.47 -4.77 -5.21
C ASP K 68 -8.49 -4.23 -6.24
N MET K 69 -7.99 -5.10 -7.11
CA MET K 69 -7.16 -4.67 -8.24
C MET K 69 -7.99 -3.95 -9.29
N LYS K 70 -9.14 -4.53 -9.64
CA LYS K 70 -10.05 -3.93 -10.64
C LYS K 70 -10.71 -2.66 -10.09
N GLU K 71 -10.96 -2.65 -8.79
CA GLU K 71 -11.58 -1.50 -8.11
C GLU K 71 -10.59 -0.36 -7.91
N ALA K 72 -9.37 -0.69 -7.51
CA ALA K 72 -8.32 0.30 -7.27
C ALA K 72 -7.87 0.97 -8.57
N GLU K 73 -7.63 0.17 -9.60
CA GLU K 73 -7.20 0.68 -10.92
C GLU K 73 -8.29 1.53 -11.56
N LYS K 74 -9.49 0.97 -11.64
CA LYS K 74 -10.63 1.62 -12.32
C LYS K 74 -11.02 2.91 -11.62
N ASN K 75 -11.16 2.83 -10.31
CA ASN K 75 -11.58 3.97 -9.49
C ASN K 75 -10.56 5.08 -9.35
N LEU K 76 -9.32 4.73 -9.03
CA LEU K 76 -8.30 5.76 -8.84
C LEU K 76 -8.02 6.56 -10.12
N LYS K 77 -8.51 6.08 -11.27
CA LYS K 77 -8.40 6.83 -12.53
C LYS K 77 -9.64 7.67 -12.81
N GLY L 1 -8.80 -75.97 21.03
CA GLY L 1 -9.38 -76.54 19.78
C GLY L 1 -10.63 -75.83 19.31
N SER L 2 -11.79 -76.24 19.83
CA SER L 2 -13.12 -75.75 19.38
C SER L 2 -13.40 -74.28 19.70
N ALA L 3 -13.11 -73.92 20.95
CA ALA L 3 -13.32 -72.58 21.48
C ALA L 3 -12.33 -71.55 20.90
N ARG L 4 -11.14 -72.03 20.54
CA ARG L 4 -10.12 -71.20 19.89
C ARG L 4 -10.59 -70.80 18.51
N GLU L 5 -11.08 -71.77 17.74
CA GLU L 5 -11.65 -71.51 16.42
C GLU L 5 -12.78 -70.47 16.49
N ASN L 6 -13.65 -70.60 17.50
CA ASN L 6 -14.76 -69.66 17.66
C ASN L 6 -14.26 -68.23 17.81
N GLU L 7 -13.44 -68.01 18.82
CA GLU L 7 -12.92 -66.67 19.11
C GLU L 7 -12.07 -66.15 17.96
N MET L 8 -11.23 -67.02 17.42
CA MET L 8 -10.34 -66.67 16.32
C MET L 8 -11.13 -66.23 15.09
N ASP L 9 -12.10 -67.03 14.68
CA ASP L 9 -12.92 -66.71 13.51
C ASP L 9 -13.83 -65.51 13.77
N GLU L 10 -14.21 -65.29 15.03
CA GLU L 10 -14.97 -64.10 15.40
C GLU L 10 -14.15 -62.83 15.17
N ASN L 11 -12.89 -62.87 15.62
CA ASN L 11 -11.99 -61.76 15.39
C ASN L 11 -11.80 -61.52 13.88
N LEU L 12 -11.55 -62.60 13.14
CA LEU L 12 -11.32 -62.50 11.70
C LEU L 12 -12.46 -61.80 11.01
N GLU L 13 -13.68 -62.25 11.30
CA GLU L 13 -14.87 -61.66 10.70
C GLU L 13 -15.02 -60.20 11.13
N GLN L 14 -14.71 -59.92 12.39
CA GLN L 14 -14.77 -58.55 12.90
C GLN L 14 -13.80 -57.65 12.14
N VAL L 15 -12.61 -58.17 11.90
CA VAL L 15 -11.60 -57.42 11.20
C VAL L 15 -12.05 -57.14 9.77
N SER L 16 -12.50 -58.18 9.07
CA SER L 16 -12.88 -58.04 7.67
C SER L 16 -13.89 -56.93 7.49
N GLY L 17 -14.86 -56.87 8.39
CA GLY L 17 -15.90 -55.84 8.33
C GLY L 17 -15.30 -54.46 8.48
N ILE L 18 -14.38 -54.31 9.43
CA ILE L 18 -13.75 -53.02 9.68
C ILE L 18 -12.83 -52.63 8.52
N ILE L 19 -12.20 -53.62 7.92
CA ILE L 19 -11.38 -53.39 6.74
C ILE L 19 -12.20 -52.82 5.60
N GLY L 20 -13.45 -53.26 5.52
CA GLY L 20 -14.38 -52.68 4.55
C GLY L 20 -14.52 -51.18 4.75
N ASN L 21 -14.58 -50.73 6.01
CA ASN L 21 -14.74 -49.32 6.32
C ASN L 21 -13.50 -48.56 5.92
N LEU L 22 -12.35 -49.20 6.10
CA LEU L 22 -11.09 -48.58 5.73
C LEU L 22 -11.04 -48.34 4.23
N ARG L 23 -11.54 -49.30 3.46
CA ARG L 23 -11.59 -49.15 2.02
C ARG L 23 -12.36 -47.89 1.66
N HIS L 24 -13.54 -47.75 2.25
CA HIS L 24 -14.40 -46.61 2.00
C HIS L 24 -13.68 -45.34 2.39
N MET L 25 -13.01 -45.35 3.54
CA MET L 25 -12.29 -44.17 3.97
C MET L 25 -11.15 -43.85 3.03
N ALA L 26 -10.48 -44.88 2.54
CA ALA L 26 -9.34 -44.70 1.65
C ALA L 26 -9.75 -43.97 0.38
N LEU L 27 -10.86 -44.39 -0.19
CA LEU L 27 -11.35 -43.78 -1.43
C LEU L 27 -11.78 -42.33 -1.23
N ASP L 28 -12.44 -42.05 -0.10
CA ASP L 28 -12.89 -40.69 0.22
C ASP L 28 -11.72 -39.74 0.33
N MET L 29 -10.67 -40.18 0.99
CA MET L 29 -9.43 -39.42 1.09
C MET L 29 -8.86 -39.15 -0.30
N GLY L 30 -8.79 -40.19 -1.13
CA GLY L 30 -8.28 -40.03 -2.49
C GLY L 30 -8.96 -38.88 -3.21
N ASN L 31 -10.29 -38.92 -3.23
CA ASN L 31 -11.08 -37.91 -3.93
C ASN L 31 -10.90 -36.53 -3.30
N GLU L 32 -10.82 -36.50 -1.99
CA GLU L 32 -10.69 -35.25 -1.25
C GLU L 32 -9.39 -34.58 -1.65
N ILE L 33 -8.31 -35.35 -1.65
CA ILE L 33 -6.99 -34.83 -1.94
C ILE L 33 -6.93 -34.33 -3.37
N ASP L 34 -7.45 -35.13 -4.29
CA ASP L 34 -7.47 -34.75 -5.70
C ASP L 34 -8.12 -33.39 -5.90
N THR L 35 -9.26 -33.18 -5.25
CA THR L 35 -9.99 -31.92 -5.33
C THR L 35 -9.18 -30.77 -4.78
N GLN L 36 -8.51 -31.01 -3.66
CA GLN L 36 -7.69 -29.97 -3.03
C GLN L 36 -6.42 -29.68 -3.84
N ASN L 37 -5.85 -30.70 -4.48
CA ASN L 37 -4.67 -30.50 -5.32
C ASN L 37 -4.93 -29.56 -6.48
N ARG L 38 -6.07 -29.75 -7.14
CA ARG L 38 -6.49 -28.84 -8.19
C ARG L 38 -6.68 -27.43 -7.63
N GLN L 39 -7.32 -27.33 -6.47
CA GLN L 39 -7.58 -26.02 -5.84
C GLN L 39 -6.29 -25.27 -5.56
N ILE L 40 -5.29 -25.99 -5.07
CA ILE L 40 -3.97 -25.42 -4.80
C ILE L 40 -3.34 -24.89 -6.10
N ASP L 41 -3.47 -25.64 -7.17
CA ASP L 41 -2.93 -25.20 -8.45
C ASP L 41 -3.60 -23.91 -8.93
N ARG L 42 -4.90 -23.79 -8.71
CA ARG L 42 -5.63 -22.57 -9.08
C ARG L 42 -5.22 -21.39 -8.22
N ILE L 43 -5.06 -21.64 -6.92
CA ILE L 43 -4.61 -20.60 -6.01
C ILE L 43 -3.20 -20.11 -6.39
N MET L 44 -2.34 -21.03 -6.82
CA MET L 44 -0.99 -20.66 -7.23
C MET L 44 -1.02 -19.76 -8.46
N GLU L 45 -1.88 -20.10 -9.41
CA GLU L 45 -2.02 -19.31 -10.64
C GLU L 45 -2.66 -17.95 -10.38
N LYS L 46 -3.66 -17.92 -9.49
CA LYS L 46 -4.34 -16.67 -9.13
C LYS L 46 -3.43 -15.75 -8.32
N ALA L 47 -2.66 -16.35 -7.43
CA ALA L 47 -1.69 -15.59 -6.65
C ALA L 47 -0.65 -14.97 -7.56
N ASP L 48 -0.13 -15.76 -8.48
CA ASP L 48 0.89 -15.29 -9.43
C ASP L 48 0.33 -14.18 -10.34
N SER L 49 -0.88 -14.38 -10.84
CA SER L 49 -1.54 -13.39 -11.68
C SER L 49 -1.80 -12.08 -10.94
N ASN L 50 -2.27 -12.18 -9.70
CA ASN L 50 -2.52 -11.00 -8.84
C ASN L 50 -1.24 -10.25 -8.48
N LYS L 51 -0.15 -10.95 -8.20
CA LYS L 51 1.08 -10.25 -7.87
C LYS L 51 1.74 -9.61 -9.10
N THR L 52 1.52 -10.17 -10.31
CA THR L 52 1.96 -9.51 -11.55
C THR L 52 1.17 -8.21 -11.77
N ARG L 53 -0.15 -8.27 -11.59
CA ARG L 53 -1.03 -7.10 -11.73
C ARG L 53 -0.74 -6.03 -10.66
N ILE L 54 -0.46 -6.48 -9.43
CA ILE L 54 -0.12 -5.57 -8.33
C ILE L 54 1.23 -4.92 -8.55
N ASP L 55 2.17 -5.65 -9.15
CA ASP L 55 3.48 -5.11 -9.51
C ASP L 55 3.32 -3.98 -10.54
N GLU L 56 2.53 -4.26 -11.58
CA GLU L 56 2.28 -3.28 -12.66
C GLU L 56 1.50 -2.05 -12.16
N ALA L 57 0.38 -2.29 -11.48
CA ALA L 57 -0.52 -1.22 -11.03
C ALA L 57 0.16 -0.27 -10.06
N ASN L 58 0.95 -0.84 -9.17
CA ASN L 58 1.70 -0.11 -8.15
C ASN L 58 2.81 0.72 -8.76
N GLN L 59 3.57 0.05 -9.61
CA GLN L 59 4.70 0.67 -10.28
C GLN L 59 4.33 1.87 -11.12
N ARG L 60 3.24 1.71 -11.85
CA ARG L 60 2.73 2.74 -12.75
C ARG L 60 2.06 3.85 -11.94
N ALA L 61 1.22 3.47 -10.98
CA ALA L 61 0.48 4.43 -10.17
C ALA L 61 1.37 5.25 -9.24
N THR L 62 2.25 4.55 -8.53
CA THR L 62 3.13 5.21 -7.55
C THR L 62 3.86 6.36 -8.22
N LYS L 63 4.52 6.09 -9.34
CA LYS L 63 5.27 7.14 -10.03
C LYS L 63 4.37 8.14 -10.75
N MET L 64 3.34 7.65 -11.45
CA MET L 64 2.36 8.55 -12.08
C MET L 64 1.47 9.19 -11.02
N PRO M 2 -12.53 9.30 21.94
CA PRO M 2 -13.37 10.50 21.80
C PRO M 2 -14.52 10.56 22.82
N LEU M 3 -14.85 11.77 23.27
CA LEU M 3 -15.95 11.98 24.22
C LEU M 3 -17.30 11.57 23.60
N GLY M 4 -17.41 11.76 22.28
CA GLY M 4 -18.60 11.41 21.51
C GLY M 4 -18.90 9.92 21.42
N SER M 5 -17.86 9.10 21.24
CA SER M 5 -17.99 7.62 21.16
C SER M 5 -18.30 6.95 22.50
N ASN M 6 -17.93 7.61 23.60
CA ASN M 6 -18.27 7.16 24.94
C ASN M 6 -19.79 7.21 25.20
N ARG M 7 -20.41 8.30 24.77
CA ARG M 7 -21.88 8.41 24.81
C ARG M 7 -22.54 7.28 24.03
N ARG M 8 -22.10 7.10 22.78
CA ARG M 8 -22.62 6.03 21.92
C ARG M 8 -22.49 4.66 22.58
N LEU M 9 -21.32 4.39 23.16
CA LEU M 9 -21.06 3.14 23.85
C LEU M 9 -21.95 3.02 25.09
N GLN M 10 -22.00 4.07 25.89
CA GLN M 10 -22.78 4.06 27.13
C GLN M 10 -24.22 3.59 26.91
N GLN M 11 -24.82 3.98 25.80
CA GLN M 11 -26.18 3.58 25.46
C GLN M 11 -26.26 2.05 25.33
N THR M 12 -25.38 1.50 24.52
CA THR M 12 -25.40 0.09 24.24
C THR M 12 -25.33 -0.68 25.53
N GLN M 13 -24.47 -0.24 26.42
CA GLN M 13 -24.29 -0.91 27.70
C GLN M 13 -25.65 -1.05 28.36
N ALA M 14 -26.34 0.08 28.51
CA ALA M 14 -27.65 0.09 29.14
C ALA M 14 -28.68 -0.74 28.36
N GLN M 15 -28.55 -0.73 27.03
CA GLN M 15 -29.48 -1.43 26.15
C GLN M 15 -29.38 -2.95 26.37
N VAL M 16 -28.15 -3.41 26.51
CA VAL M 16 -27.88 -4.82 26.70
C VAL M 16 -28.35 -5.25 28.07
N ASP M 17 -28.12 -4.41 29.07
CA ASP M 17 -28.54 -4.73 30.43
C ASP M 17 -30.03 -5.02 30.46
N GLU M 18 -30.81 -4.19 29.78
CA GLU M 18 -32.24 -4.42 29.71
C GLU M 18 -32.51 -5.82 29.16
N VAL M 19 -31.98 -6.08 27.99
CA VAL M 19 -32.22 -7.34 27.31
C VAL M 19 -31.94 -8.50 28.23
N VAL M 20 -30.86 -8.41 28.98
CA VAL M 20 -30.48 -9.47 29.87
C VAL M 20 -31.58 -9.73 30.89
N ASP M 21 -32.13 -8.67 31.46
CA ASP M 21 -33.17 -8.83 32.46
C ASP M 21 -34.40 -9.43 31.85
N ILE M 22 -34.64 -9.12 30.58
CA ILE M 22 -35.76 -9.70 29.86
C ILE M 22 -35.54 -11.19 29.63
N MET M 23 -34.33 -11.55 29.26
CA MET M 23 -34.03 -12.95 29.03
C MET M 23 -34.13 -13.70 30.31
N ARG M 24 -33.73 -13.05 31.37
CA ARG M 24 -33.78 -13.65 32.65
C ARG M 24 -35.16 -14.11 33.05
N VAL M 25 -36.12 -13.23 32.85
CA VAL M 25 -37.51 -13.55 33.08
C VAL M 25 -37.91 -14.72 32.17
N ASN M 26 -37.42 -14.70 30.93
CA ASN M 26 -37.68 -15.78 29.98
C ASN M 26 -37.08 -17.12 30.42
N VAL M 27 -35.95 -17.07 31.09
CA VAL M 27 -35.38 -18.28 31.63
C VAL M 27 -36.28 -18.80 32.73
N ASP M 28 -36.72 -17.91 33.59
CA ASP M 28 -37.65 -18.29 34.65
C ASP M 28 -38.87 -19.01 34.13
N LYS M 29 -39.45 -18.46 33.08
CA LYS M 29 -40.65 -19.01 32.48
C LYS M 29 -40.39 -20.37 31.85
N VAL M 30 -39.27 -20.52 31.16
CA VAL M 30 -38.96 -21.78 30.49
C VAL M 30 -38.62 -22.88 31.50
N LEU M 31 -38.05 -22.49 32.64
CA LEU M 31 -37.81 -23.43 33.72
C LEU M 31 -39.12 -23.92 34.35
N GLU M 32 -40.09 -23.00 34.51
CA GLU M 32 -41.42 -23.37 34.95
C GLU M 32 -42.08 -24.27 33.93
N ARG M 33 -41.86 -23.95 32.65
CA ARG M 33 -42.36 -24.75 31.53
C ARG M 33 -41.73 -26.14 31.51
N ASP M 34 -40.47 -26.24 31.91
CA ASP M 34 -39.80 -27.52 31.97
C ASP M 34 -40.35 -28.40 33.08
N GLN M 35 -40.55 -27.77 34.24
CA GLN M 35 -41.10 -28.43 35.41
C GLN M 35 -42.46 -29.08 35.11
N LYS M 36 -43.31 -28.33 34.40
CA LYS M 36 -44.67 -28.78 34.08
C LYS M 36 -44.66 -29.97 33.13
N LEU M 37 -43.70 -29.99 32.21
CA LEU M 37 -43.52 -31.12 31.30
C LEU M 37 -42.66 -32.21 31.93
N ALA N 3 -4.39 11.41 26.25
CA ALA N 3 -4.69 10.39 25.20
C ALA N 3 -4.76 8.99 25.81
N LEU N 4 -3.77 8.66 26.65
CA LEU N 4 -3.68 7.36 27.31
C LEU N 4 -4.81 7.16 28.33
N SER N 5 -5.02 8.16 29.17
CA SER N 5 -6.05 8.10 30.21
C SER N 5 -7.45 7.89 29.64
N GLU N 6 -7.71 8.48 28.47
CA GLU N 6 -9.00 8.31 27.78
C GLU N 6 -9.15 6.90 27.21
N ILE N 7 -8.10 6.41 26.55
CA ILE N 7 -8.11 5.06 25.99
C ILE N 7 -8.23 4.02 27.10
N GLU N 8 -7.57 4.29 28.21
CA GLU N 8 -7.64 3.43 29.38
C GLU N 8 -9.09 3.28 29.86
N THR N 9 -9.75 4.40 30.09
CA THR N 9 -11.12 4.38 30.58
C THR N 9 -12.07 3.80 29.52
N ARG N 10 -11.80 4.04 28.24
CA ARG N 10 -12.62 3.47 27.16
C ARG N 10 -12.49 1.96 27.15
N HIS N 11 -11.26 1.48 27.26
CA HIS N 11 -11.01 0.07 27.27
C HIS N 11 -11.81 -0.63 28.36
N SER N 12 -11.89 0.00 29.53
CA SER N 12 -12.63 -0.59 30.65
C SER N 12 -14.09 -0.80 30.32
N GLU N 13 -14.71 0.18 29.66
CA GLU N 13 -16.09 0.05 29.28
C GLU N 13 -16.27 -1.02 28.19
N ILE N 14 -15.28 -1.19 27.33
CA ILE N 14 -15.36 -2.26 26.35
C ILE N 14 -15.49 -3.60 27.05
N ILE N 15 -14.63 -3.83 28.02
CA ILE N 15 -14.68 -5.08 28.77
C ILE N 15 -16.04 -5.27 29.43
N LYS N 16 -16.58 -4.20 30.01
CA LYS N 16 -17.93 -4.27 30.60
C LYS N 16 -18.92 -4.79 29.59
N LEU N 17 -18.83 -4.28 28.36
CA LEU N 17 -19.73 -4.65 27.30
C LEU N 17 -19.52 -6.10 26.89
N GLU N 18 -18.27 -6.54 26.93
CA GLU N 18 -17.96 -7.92 26.59
C GLU N 18 -18.65 -8.85 27.59
N ASN N 19 -18.51 -8.55 28.87
CA ASN N 19 -19.10 -9.40 29.90
C ASN N 19 -20.59 -9.54 29.76
N SER N 20 -21.25 -8.46 29.41
CA SER N 20 -22.69 -8.51 29.26
C SER N 20 -23.02 -9.38 28.08
N ILE N 21 -22.42 -9.10 26.95
CA ILE N 21 -22.73 -9.86 25.76
C ILE N 21 -22.44 -11.34 25.97
N ARG N 22 -21.33 -11.64 26.62
CA ARG N 22 -21.00 -13.03 26.92
C ARG N 22 -22.13 -13.70 27.72
N GLU N 23 -22.56 -13.05 28.79
CA GLU N 23 -23.59 -13.64 29.64
C GLU N 23 -24.86 -13.77 28.83
N LEU N 24 -25.20 -12.74 28.07
CA LEU N 24 -26.40 -12.79 27.25
C LEU N 24 -26.31 -13.96 26.28
N HIS N 25 -25.19 -14.08 25.60
CA HIS N 25 -24.97 -15.17 24.68
C HIS N 25 -25.24 -16.50 25.36
N ASP N 26 -24.63 -16.71 26.52
CA ASP N 26 -24.78 -17.97 27.27
C ASP N 26 -26.24 -18.27 27.59
N MET N 27 -27.01 -17.24 27.90
CA MET N 27 -28.43 -17.42 28.13
C MET N 27 -29.11 -17.87 26.85
N PHE N 28 -28.79 -17.23 25.75
CA PHE N 28 -29.38 -17.63 24.50
C PHE N 28 -29.09 -19.08 24.16
N MET N 29 -27.88 -19.54 24.46
CA MET N 29 -27.51 -20.91 24.14
C MET N 29 -28.22 -21.88 25.05
N ASP N 30 -28.22 -21.56 26.34
CA ASP N 30 -28.91 -22.38 27.33
C ASP N 30 -30.39 -22.51 26.97
N MET N 31 -30.97 -21.40 26.53
CA MET N 31 -32.36 -21.39 26.13
C MET N 31 -32.56 -22.45 25.05
N ALA N 32 -31.78 -22.34 23.97
CA ALA N 32 -31.94 -23.23 22.82
C ALA N 32 -31.83 -24.69 23.20
N MET N 33 -30.79 -25.03 23.95
CA MET N 33 -30.59 -26.42 24.36
C MET N 33 -31.72 -26.88 25.24
N LEU N 34 -32.08 -26.04 26.20
CA LEU N 34 -33.12 -26.39 27.15
C LEU N 34 -34.46 -26.58 26.45
N VAL N 35 -34.79 -25.69 25.52
CA VAL N 35 -36.03 -25.79 24.76
C VAL N 35 -36.05 -27.01 23.84
N GLU N 36 -34.92 -27.24 23.18
CA GLU N 36 -34.79 -28.37 22.28
C GLU N 36 -35.07 -29.66 23.02
N SER N 37 -34.51 -29.76 24.22
CA SER N 37 -34.74 -30.91 25.07
C SER N 37 -36.24 -31.06 25.32
N GLN N 38 -36.86 -30.00 25.84
CA GLN N 38 -38.30 -30.02 26.10
C GLN N 38 -39.12 -30.46 24.88
N GLY N 39 -38.72 -29.98 23.70
CA GLY N 39 -39.39 -30.34 22.46
C GLY N 39 -39.52 -31.83 22.24
N GLU N 40 -38.51 -32.58 22.68
CA GLU N 40 -38.51 -34.02 22.52
C GLU N 40 -39.44 -34.73 23.49
N MET N 41 -39.71 -34.10 24.62
CA MET N 41 -40.68 -34.64 25.57
C MET N 41 -42.07 -34.46 24.99
N ILE N 42 -42.28 -33.31 24.37
CA ILE N 42 -43.57 -33.05 23.76
C ILE N 42 -43.86 -34.05 22.63
N ASP N 43 -42.85 -34.40 21.86
CA ASP N 43 -43.04 -35.37 20.77
C ASP N 43 -43.65 -36.66 21.28
N ARG N 44 -43.18 -37.06 22.44
CA ARG N 44 -43.71 -38.22 23.11
C ARG N 44 -45.16 -38.09 23.45
N ILE N 45 -45.48 -37.02 24.14
CA ILE N 45 -46.83 -36.80 24.60
C ILE N 45 -47.77 -36.84 23.41
N GLU N 46 -47.35 -36.23 22.30
CA GLU N 46 -48.15 -36.23 21.09
C GLU N 46 -48.37 -37.63 20.58
N TYR N 47 -47.29 -38.38 20.45
CA TYR N 47 -47.39 -39.78 20.01
C TYR N 47 -48.33 -40.57 20.90
N ASN N 48 -48.18 -40.35 22.21
CA ASN N 48 -48.93 -41.06 23.20
C ASN N 48 -50.42 -40.77 23.07
N VAL N 49 -50.76 -39.49 23.04
CA VAL N 49 -52.14 -39.08 22.93
C VAL N 49 -52.80 -39.59 21.65
N GLU N 50 -52.07 -39.49 20.54
CA GLU N 50 -52.60 -39.92 19.24
C GLU N 50 -52.99 -41.39 19.22
N HIS N 51 -52.29 -42.21 20.00
CA HIS N 51 -52.70 -43.60 20.19
C HIS N 51 -54.01 -43.68 20.94
N ALA N 52 -54.06 -42.98 22.08
CA ALA N 52 -55.27 -42.96 22.90
C ALA N 52 -56.48 -42.51 22.11
N VAL N 53 -56.30 -41.51 21.25
CA VAL N 53 -57.38 -40.99 20.43
C VAL N 53 -57.88 -42.01 19.42
N ASP N 54 -56.94 -42.70 18.79
CA ASP N 54 -57.26 -43.77 17.83
C ASP N 54 -57.95 -44.98 18.46
N TYR N 55 -57.50 -45.34 19.66
CA TYR N 55 -58.13 -46.43 20.39
C TYR N 55 -59.59 -46.10 20.74
N VAL N 56 -59.83 -44.87 21.20
CA VAL N 56 -61.18 -44.41 21.55
C VAL N 56 -62.10 -44.41 20.33
N GLU N 57 -61.59 -43.87 19.23
CA GLU N 57 -62.33 -43.79 17.97
C GLU N 57 -62.69 -45.19 17.45
N ARG N 58 -61.75 -46.13 17.58
CA ARG N 58 -61.96 -47.51 17.12
C ARG N 58 -63.02 -48.19 17.97
N ALA N 59 -63.00 -47.92 19.27
CA ALA N 59 -63.94 -48.54 20.20
C ALA N 59 -65.36 -48.05 19.95
N ARG O 6 12.27 9.41 29.03
CA ARG O 6 12.71 8.82 27.72
C ARG O 6 12.04 7.46 27.47
N ASN O 7 12.28 6.53 28.41
CA ASN O 7 11.81 5.14 28.34
C ASN O 7 10.31 5.08 28.63
N GLU O 8 9.84 5.94 29.55
CA GLU O 8 8.42 6.05 29.87
C GLU O 8 7.57 6.38 28.63
N LEU O 9 7.74 7.58 28.07
CA LEU O 9 6.91 8.05 26.92
C LEU O 9 6.97 7.15 25.67
N GLU O 10 8.17 6.63 25.36
CA GLU O 10 8.37 5.63 24.30
C GLU O 10 7.43 4.42 24.50
N GLU O 11 7.47 3.92 25.73
CA GLU O 11 6.63 2.82 26.20
C GLU O 11 5.14 3.17 26.13
N MET O 12 4.81 4.39 26.54
CA MET O 12 3.44 4.91 26.53
C MET O 12 2.82 4.78 25.15
N GLN O 13 3.63 4.91 24.10
CA GLN O 13 3.12 4.73 22.74
C GLN O 13 2.78 3.30 22.37
N ARG O 14 3.75 2.41 22.57
CA ARG O 14 3.53 0.99 22.31
C ARG O 14 2.36 0.45 23.12
N ARG O 15 2.19 0.98 24.32
CA ARG O 15 1.03 0.64 25.13
C ARG O 15 -0.28 1.16 24.63
N ALA O 16 -0.25 2.36 24.09
CA ALA O 16 -1.43 2.95 23.54
C ALA O 16 -1.97 2.03 22.44
N ASP O 17 -1.08 1.67 21.52
CA ASP O 17 -1.46 0.80 20.40
C ASP O 17 -1.90 -0.58 20.90
N GLN O 18 -1.13 -1.10 21.86
CA GLN O 18 -1.45 -2.35 22.53
C GLN O 18 -2.91 -2.35 22.99
N LEU O 19 -3.26 -1.35 23.79
CA LEU O 19 -4.61 -1.26 24.35
C LEU O 19 -5.65 -1.09 23.26
N ALA O 20 -5.34 -0.27 22.27
CA ALA O 20 -6.27 -0.01 21.16
C ALA O 20 -6.56 -1.28 20.37
N ASP O 21 -5.52 -2.08 20.15
CA ASP O 21 -5.66 -3.31 19.41
C ASP O 21 -6.53 -4.30 20.18
N GLU O 22 -6.33 -4.39 21.49
CA GLU O 22 -7.12 -5.30 22.32
C GLU O 22 -8.58 -4.92 22.29
N SER O 23 -8.84 -3.62 22.26
CA SER O 23 -10.20 -3.11 22.17
C SER O 23 -10.83 -3.52 20.85
N LEU O 24 -10.04 -3.40 19.78
CA LEU O 24 -10.53 -3.81 18.49
C LEU O 24 -10.97 -5.27 18.55
N GLU O 25 -10.07 -6.15 18.98
CA GLU O 25 -10.35 -7.58 19.02
C GLU O 25 -11.50 -7.92 19.97
N SER O 26 -11.75 -7.06 20.95
CA SER O 26 -12.90 -7.23 21.81
C SER O 26 -14.20 -7.03 21.04
N THR O 27 -14.24 -5.98 20.22
CA THR O 27 -15.42 -5.71 19.43
C THR O 27 -15.63 -6.80 18.38
N ARG O 28 -14.54 -7.37 17.88
CA ARG O 28 -14.63 -8.48 16.96
C ARG O 28 -15.36 -9.61 17.62
N ARG O 29 -14.95 -9.93 18.83
CA ARG O 29 -15.62 -10.98 19.59
C ARG O 29 -17.08 -10.69 19.75
N MET O 30 -17.36 -9.50 20.27
CA MET O 30 -18.74 -9.13 20.55
C MET O 30 -19.61 -9.41 19.34
N LEU O 31 -19.10 -9.06 18.17
CA LEU O 31 -19.84 -9.22 16.95
C LEU O 31 -20.26 -10.69 16.75
N GLN O 32 -19.31 -11.61 16.94
CA GLN O 32 -19.56 -13.03 16.70
C GLN O 32 -20.47 -13.60 17.77
N LEU O 33 -20.40 -13.05 18.96
CA LEU O 33 -21.25 -13.50 20.07
C LEU O 33 -22.70 -13.10 19.81
N VAL O 34 -22.88 -11.88 19.36
CA VAL O 34 -24.20 -11.39 19.08
C VAL O 34 -24.80 -12.17 17.93
N GLU O 35 -24.01 -12.43 16.90
CA GLU O 35 -24.51 -13.14 15.73
C GLU O 35 -24.89 -14.56 16.09
N GLU O 36 -24.14 -15.17 16.99
CA GLU O 36 -24.41 -16.54 17.39
C GLU O 36 -25.67 -16.57 18.24
N SER O 37 -25.88 -15.56 19.05
CA SER O 37 -27.09 -15.45 19.86
C SER O 37 -28.32 -15.32 18.99
N LYS O 38 -28.17 -14.68 17.84
CA LYS O 38 -29.24 -14.54 16.88
C LYS O 38 -29.62 -15.93 16.35
N ASP O 39 -28.62 -16.72 15.98
CA ASP O 39 -28.86 -18.08 15.49
C ASP O 39 -29.60 -18.86 16.54
N ALA O 40 -29.14 -18.74 17.77
CA ALA O 40 -29.78 -19.38 18.90
C ALA O 40 -31.22 -18.90 19.04
N GLY O 41 -31.40 -17.59 19.01
CA GLY O 41 -32.74 -17.03 19.15
C GLY O 41 -33.66 -17.55 18.08
N ILE O 42 -33.24 -17.38 16.83
CA ILE O 42 -34.01 -17.84 15.69
C ILE O 42 -34.35 -19.32 15.86
N ARG O 43 -33.36 -20.14 16.16
CA ARG O 43 -33.59 -21.55 16.37
C ARG O 43 -34.70 -21.77 17.39
N THR O 44 -34.60 -21.06 18.50
CA THR O 44 -35.53 -21.28 19.60
C THR O 44 -36.96 -20.97 19.15
N LEU O 45 -37.12 -19.89 18.40
CA LEU O 45 -38.44 -19.47 17.95
C LEU O 45 -39.07 -20.52 17.04
N VAL O 46 -38.25 -21.12 16.20
CA VAL O 46 -38.72 -22.13 15.27
C VAL O 46 -39.26 -23.32 16.04
N MET O 47 -38.50 -23.75 17.04
CA MET O 47 -38.87 -24.91 17.81
C MET O 47 -40.17 -24.62 18.55
N LEU O 48 -40.26 -23.44 19.15
CA LEU O 48 -41.44 -23.07 19.92
C LEU O 48 -42.68 -23.02 19.05
N ASP O 49 -42.51 -22.50 17.85
CA ASP O 49 -43.60 -22.41 16.89
C ASP O 49 -44.05 -23.80 16.48
N GLU O 50 -43.10 -24.68 16.19
CA GLU O 50 -43.41 -26.05 15.78
C GLU O 50 -44.06 -26.80 16.93
N GLN O 51 -43.55 -26.62 18.13
CA GLN O 51 -44.16 -27.18 19.32
C GLN O 51 -45.54 -26.61 19.58
N GLY O 52 -45.78 -25.40 19.11
CA GLY O 52 -47.11 -24.80 19.14
C GLY O 52 -48.15 -25.66 18.43
N GLU O 53 -47.82 -26.10 17.22
CA GLU O 53 -48.72 -26.96 16.44
C GLU O 53 -48.93 -28.27 17.15
N GLN O 54 -47.87 -28.79 17.77
CA GLN O 54 -47.97 -30.05 18.48
C GLN O 54 -48.94 -29.93 19.65
N LEU O 55 -48.73 -28.91 20.49
CA LEU O 55 -49.57 -28.71 21.68
C LEU O 55 -51.03 -28.47 21.34
N ASP O 56 -51.27 -27.75 20.25
CA ASP O 56 -52.63 -27.49 19.77
C ASP O 56 -53.34 -28.78 19.36
N ARG O 57 -52.61 -29.68 18.72
CA ARG O 57 -53.16 -30.98 18.33
C ARG O 57 -53.36 -31.88 19.54
N VAL O 58 -52.55 -31.68 20.58
CA VAL O 58 -52.72 -32.43 21.81
C VAL O 58 -54.00 -32.04 22.52
N GLU O 59 -54.20 -30.73 22.67
CA GLU O 59 -55.44 -30.23 23.27
C GLU O 59 -56.67 -30.62 22.45
N GLU O 60 -56.51 -30.65 21.13
CA GLU O 60 -57.57 -31.15 20.24
C GLU O 60 -57.87 -32.62 20.51
N GLY O 61 -56.82 -33.38 20.79
CA GLY O 61 -56.95 -34.76 21.24
C GLY O 61 -57.77 -34.86 22.51
N MET O 62 -57.47 -34.01 23.49
CA MET O 62 -58.22 -34.00 24.77
C MET O 62 -59.70 -33.69 24.56
N ASN O 63 -59.96 -32.75 23.66
CA ASN O 63 -61.33 -32.38 23.31
C ASN O 63 -62.07 -33.50 22.58
N HIS O 64 -61.36 -34.18 21.67
CA HIS O 64 -61.94 -35.32 20.98
C HIS O 64 -62.37 -36.41 21.96
N ILE O 65 -61.48 -36.75 22.88
CA ILE O 65 -61.78 -37.75 23.91
C ILE O 65 -63.01 -37.36 24.72
N ASN O 66 -63.07 -36.09 25.12
CA ASN O 66 -64.24 -35.56 25.84
C ASN O 66 -65.55 -35.72 25.06
N GLN O 67 -65.47 -35.48 23.76
CA GLN O 67 -66.63 -35.64 22.89
C GLN O 67 -67.09 -37.09 22.90
N ASP O 68 -66.14 -38.01 22.77
CA ASP O 68 -66.42 -39.44 22.69
C ASP O 68 -66.91 -40.03 24.01
N MET O 69 -66.60 -39.37 25.11
CA MET O 69 -67.14 -39.76 26.41
C MET O 69 -68.64 -39.48 26.50
N LYS O 70 -69.04 -38.28 26.09
CA LYS O 70 -70.45 -37.88 26.13
C LYS O 70 -71.27 -38.65 25.11
N GLU O 71 -70.65 -38.95 23.97
CA GLU O 71 -71.30 -39.68 22.89
C GLU O 71 -71.43 -41.15 23.24
N ALA O 72 -70.37 -41.74 23.79
CA ALA O 72 -70.36 -43.16 24.16
C ALA O 72 -71.34 -43.45 25.30
N GLU O 73 -71.30 -42.62 26.34
CA GLU O 73 -72.18 -42.76 27.50
C GLU O 73 -73.63 -42.55 27.12
N LYS O 74 -73.91 -41.43 26.45
CA LYS O 74 -75.28 -41.04 26.11
C LYS O 74 -75.90 -42.03 25.15
N ASN O 75 -75.15 -42.35 24.09
CA ASN O 75 -75.62 -43.28 23.08
C ASN O 75 -75.78 -44.67 23.69
N LEU O 76 -75.14 -44.87 24.85
CA LEU O 76 -75.50 -45.95 25.80
C LEU O 76 -76.75 -45.66 26.67
N LYS O 77 -76.96 -44.40 27.08
CA LYS O 77 -78.18 -44.02 27.77
C LYS O 77 -79.36 -44.14 26.82
N GLY P 1 -4.33 4.83 14.13
CA GLY P 1 -5.25 5.22 15.23
C GLY P 1 -6.62 5.63 14.73
N SER P 2 -6.64 6.33 13.59
CA SER P 2 -7.89 6.82 12.99
C SER P 2 -8.68 5.71 12.26
N ALA P 3 -7.97 4.85 11.54
CA ALA P 3 -8.56 3.69 10.86
C ALA P 3 -9.11 2.66 11.85
N ARG P 4 -8.51 2.61 13.04
CA ARG P 4 -8.99 1.76 14.12
C ARG P 4 -10.34 2.24 14.60
N GLU P 5 -10.44 3.55 14.85
CA GLU P 5 -11.71 4.16 15.24
C GLU P 5 -12.81 3.85 14.23
N ASN P 6 -12.49 3.94 12.94
CA ASN P 6 -13.47 3.66 11.89
C ASN P 6 -14.03 2.27 12.01
N GLU P 7 -13.14 1.28 11.96
CA GLU P 7 -13.56 -0.11 12.01
C GLU P 7 -14.22 -0.44 13.34
N MET P 8 -13.65 0.07 14.42
CA MET P 8 -14.18 -0.17 15.75
C MET P 8 -15.60 0.37 15.88
N ASP P 9 -15.79 1.62 15.52
CA ASP P 9 -17.12 2.24 15.61
C ASP P 9 -18.12 1.62 14.64
N GLU P 10 -17.62 1.11 13.51
CA GLU P 10 -18.46 0.38 12.55
C GLU P 10 -19.01 -0.90 13.18
N ASN P 11 -18.13 -1.64 13.84
CA ASN P 11 -18.56 -2.83 14.54
C ASN P 11 -19.59 -2.47 15.60
N LEU P 12 -19.28 -1.44 16.40
CA LEU P 12 -20.16 -1.04 17.50
C LEU P 12 -21.55 -0.76 16.97
N GLU P 13 -21.65 0.05 15.93
CA GLU P 13 -22.95 0.41 15.37
C GLU P 13 -23.64 -0.84 14.81
N GLN P 14 -22.86 -1.73 14.20
CA GLN P 14 -23.41 -2.97 13.68
C GLN P 14 -24.01 -3.81 14.79
N VAL P 15 -23.30 -3.87 15.90
CA VAL P 15 -23.76 -4.63 17.04
C VAL P 15 -25.07 -4.05 17.60
N SER P 16 -25.07 -2.74 17.83
CA SER P 16 -26.23 -2.08 18.42
C SER P 16 -27.50 -2.38 17.65
N GLY P 17 -27.41 -2.34 16.33
CA GLY P 17 -28.54 -2.65 15.47
C GLY P 17 -29.03 -4.07 15.66
N ILE P 18 -28.09 -5.01 15.71
CA ILE P 18 -28.44 -6.40 15.89
C ILE P 18 -29.00 -6.65 17.29
N ILE P 19 -28.48 -5.92 18.28
CA ILE P 19 -29.02 -6.01 19.63
C ILE P 19 -30.47 -5.58 19.67
N GLY P 20 -30.83 -4.63 18.83
CA GLY P 20 -32.22 -4.23 18.68
C GLY P 20 -33.08 -5.41 18.29
N ASN P 21 -32.59 -6.26 17.38
CA ASN P 21 -33.34 -7.42 16.90
C ASN P 21 -33.50 -8.43 18.01
N LEU P 22 -32.47 -8.54 18.84
CA LEU P 22 -32.53 -9.47 19.95
C LEU P 22 -33.61 -9.06 20.93
N ARG P 23 -33.73 -7.76 21.15
CA ARG P 23 -34.76 -7.23 22.03
C ARG P 23 -36.12 -7.70 21.53
N HIS P 24 -36.36 -7.50 20.24
CA HIS P 24 -37.63 -7.87 19.62
C HIS P 24 -37.86 -9.37 19.75
N MET P 25 -36.81 -10.16 19.55
CA MET P 25 -36.93 -11.60 19.67
C MET P 25 -37.20 -12.01 21.09
N ALA P 26 -36.57 -11.33 22.03
CA ALA P 26 -36.74 -11.65 23.43
C ALA P 26 -38.20 -11.49 23.86
N LEU P 27 -38.81 -10.38 23.46
CA LEU P 27 -40.19 -10.09 23.82
C LEU P 27 -41.17 -11.10 23.20
N ASP P 28 -40.92 -11.48 21.95
CA ASP P 28 -41.75 -12.45 21.24
C ASP P 28 -41.75 -13.79 21.96
N MET P 29 -40.56 -14.21 22.38
CA MET P 29 -40.42 -15.44 23.16
C MET P 29 -41.21 -15.34 24.44
N GLY P 30 -41.06 -14.23 25.15
CA GLY P 30 -41.79 -14.01 26.40
C GLY P 30 -43.28 -14.27 26.22
N ASN P 31 -43.87 -13.62 25.22
CA ASN P 31 -45.30 -13.75 24.96
C ASN P 31 -45.66 -15.17 24.54
N GLU P 32 -44.79 -15.78 23.74
CA GLU P 32 -45.04 -17.10 23.22
C GLU P 32 -45.10 -18.09 24.38
N ILE P 33 -44.15 -17.99 25.28
CA ILE P 33 -44.08 -18.91 26.40
C ILE P 33 -45.28 -18.72 27.31
N ASP P 34 -45.61 -17.46 27.61
CA ASP P 34 -46.77 -17.16 28.48
C ASP P 34 -48.05 -17.82 27.97
N THR P 35 -48.27 -17.73 26.67
CA THR P 35 -49.44 -18.31 26.02
C THR P 35 -49.43 -19.84 26.15
N GLN P 36 -48.26 -20.44 25.96
CA GLN P 36 -48.12 -21.89 26.05
C GLN P 36 -48.23 -22.38 27.49
N ASN P 37 -47.75 -21.59 28.44
CA ASN P 37 -47.88 -21.95 29.85
C ASN P 37 -49.32 -22.06 30.28
N ARG P 38 -50.15 -21.10 29.87
CA ARG P 38 -51.59 -21.17 30.13
C ARG P 38 -52.21 -22.40 29.47
N GLN P 39 -51.80 -22.69 28.23
CA GLN P 39 -52.31 -23.82 27.49
C GLN P 39 -52.00 -25.14 28.20
N ILE P 40 -50.79 -25.26 28.71
CA ILE P 40 -50.39 -26.44 29.47
C ILE P 40 -51.25 -26.62 30.73
N ASP P 41 -51.55 -25.52 31.41
CA ASP P 41 -52.39 -25.57 32.59
C ASP P 41 -53.81 -26.04 32.26
N ARG P 42 -54.34 -25.62 31.11
CA ARG P 42 -55.66 -26.07 30.67
C ARG P 42 -55.65 -27.55 30.29
N ILE P 43 -54.60 -27.99 29.59
CA ILE P 43 -54.45 -29.40 29.22
C ILE P 43 -54.34 -30.30 30.44
N MET P 44 -53.65 -29.83 31.46
CA MET P 44 -53.53 -30.57 32.72
C MET P 44 -54.89 -30.72 33.41
N GLU P 45 -55.68 -29.64 33.42
CA GLU P 45 -57.02 -29.65 34.01
C GLU P 45 -57.99 -30.51 33.20
N LYS P 46 -57.89 -30.43 31.87
CA LYS P 46 -58.73 -31.25 30.98
C LYS P 46 -58.37 -32.73 31.04
N ALA P 47 -57.07 -33.02 31.13
CA ALA P 47 -56.60 -34.39 31.28
C ALA P 47 -57.08 -34.99 32.59
N ASP P 48 -56.96 -34.22 33.66
CA ASP P 48 -57.41 -34.68 34.97
C ASP P 48 -58.93 -34.91 35.00
N SER P 49 -59.68 -33.96 34.44
CA SER P 49 -61.15 -34.06 34.38
C SER P 49 -61.60 -35.25 33.56
N ASN P 50 -60.97 -35.45 32.40
CA ASN P 50 -61.26 -36.62 31.55
C ASN P 50 -60.91 -37.94 32.21
N LYS P 51 -59.79 -37.98 32.93
CA LYS P 51 -59.40 -39.19 33.64
C LYS P 51 -60.43 -39.55 34.71
N THR P 52 -60.90 -38.55 35.46
CA THR P 52 -61.90 -38.78 36.51
C THR P 52 -63.19 -39.34 35.89
N ARG P 53 -63.62 -38.75 34.79
CA ARG P 53 -64.82 -39.17 34.08
C ARG P 53 -64.69 -40.56 33.47
N ILE P 54 -63.49 -40.87 32.98
CA ILE P 54 -63.20 -42.19 32.42
C ILE P 54 -63.14 -43.24 33.53
N ASP P 55 -62.65 -42.86 34.70
CA ASP P 55 -62.64 -43.78 35.85
C ASP P 55 -64.05 -44.13 36.27
N GLU P 56 -64.91 -43.12 36.38
CA GLU P 56 -66.31 -43.31 36.78
C GLU P 56 -67.11 -44.12 35.73
N ALA P 57 -67.03 -43.68 34.47
CA ALA P 57 -67.81 -44.26 33.36
C ALA P 57 -67.48 -45.73 33.14
N ASN P 58 -66.19 -46.02 33.24
CA ASN P 58 -65.66 -47.37 33.07
C ASN P 58 -66.07 -48.28 34.21
N GLN P 59 -65.84 -47.77 35.41
CA GLN P 59 -66.13 -48.49 36.63
C GLN P 59 -67.57 -48.86 36.79
N ARG P 60 -68.45 -47.94 36.42
CA ARG P 60 -69.88 -48.15 36.48
C ARG P 60 -70.37 -49.03 35.32
N ALA P 61 -69.90 -48.72 34.11
CA ALA P 61 -70.30 -49.50 32.94
C ALA P 61 -69.89 -50.96 33.05
N THR P 62 -68.84 -51.25 33.82
CA THR P 62 -68.53 -52.64 34.19
C THR P 62 -69.41 -53.20 35.34
N LYS P 63 -69.69 -52.38 36.36
CA LYS P 63 -70.48 -52.83 37.52
C LYS P 63 -71.98 -52.91 37.24
N MET P 64 -72.42 -52.36 36.10
CA MET P 64 -73.79 -52.55 35.62
C MET P 64 -73.98 -53.96 35.09
N LEU Q 3 16.23 51.95 -26.56
CA LEU Q 3 15.52 52.29 -25.30
C LEU Q 3 15.39 51.08 -24.36
N GLY Q 4 14.79 51.30 -23.20
CA GLY Q 4 14.62 50.28 -22.17
C GLY Q 4 13.67 49.16 -22.55
N SER Q 5 12.42 49.50 -22.87
CA SER Q 5 11.48 48.48 -23.37
C SER Q 5 11.92 47.94 -24.72
N ASN Q 6 12.70 48.74 -25.47
CA ASN Q 6 13.29 48.29 -26.72
C ASN Q 6 14.36 47.21 -26.51
N ARG Q 7 15.19 47.40 -25.48
CA ARG Q 7 16.14 46.36 -25.07
C ARG Q 7 15.40 45.07 -24.70
N ARG Q 8 14.41 45.19 -23.84
CA ARG Q 8 13.60 44.05 -23.40
C ARG Q 8 13.02 43.29 -24.59
N LEU Q 9 12.46 44.04 -25.54
CA LEU Q 9 11.87 43.48 -26.74
C LEU Q 9 12.93 42.82 -27.61
N GLN Q 10 14.04 43.52 -27.82
CA GLN Q 10 15.11 43.02 -28.67
C GLN Q 10 15.55 41.60 -28.29
N GLN Q 11 15.57 41.32 -26.98
CA GLN Q 11 15.94 40.00 -26.49
C GLN Q 11 14.98 38.94 -26.99
N THR Q 12 13.71 39.20 -26.78
CA THR Q 12 12.68 38.24 -27.14
C THR Q 12 12.83 37.89 -28.60
N GLN Q 13 13.05 38.90 -29.42
CA GLN Q 13 13.18 38.70 -30.86
C GLN Q 13 14.23 37.64 -31.12
N ALA Q 14 15.40 37.84 -30.55
CA ALA Q 14 16.51 36.91 -30.71
C ALA Q 14 16.19 35.54 -30.10
N GLN Q 15 15.44 35.55 -29.01
CA GLN Q 15 15.10 34.32 -28.30
C GLN Q 15 14.20 33.43 -29.16
N VAL Q 16 13.26 34.06 -29.82
CA VAL Q 16 12.32 33.37 -30.68
C VAL Q 16 13.02 32.85 -31.92
N ASP Q 17 13.91 33.64 -32.49
CA ASP Q 17 14.64 33.22 -33.67
C ASP Q 17 15.36 31.91 -33.40
N GLU Q 18 15.99 31.80 -32.24
CA GLU Q 18 16.66 30.56 -31.87
C GLU Q 18 15.65 29.41 -31.90
N VAL Q 19 14.57 29.55 -31.15
CA VAL Q 19 13.57 28.49 -31.06
C VAL Q 19 13.12 28.02 -32.43
N VAL Q 20 12.94 28.97 -33.34
CA VAL Q 20 12.51 28.63 -34.68
C VAL Q 20 13.51 27.69 -35.34
N ASP Q 21 14.78 28.01 -35.22
CA ASP Q 21 15.83 27.20 -35.85
C ASP Q 21 15.87 25.82 -35.24
N ILE Q 22 15.53 25.74 -33.95
CA ILE Q 22 15.46 24.47 -33.25
C ILE Q 22 14.28 23.65 -33.74
N MET Q 23 13.16 24.30 -33.93
CA MET Q 23 11.97 23.61 -34.41
C MET Q 23 12.20 23.14 -35.81
N ARG Q 24 12.91 23.95 -36.57
CA ARG Q 24 13.22 23.62 -37.93
C ARG Q 24 13.94 22.30 -38.05
N VAL Q 25 14.96 22.13 -37.23
CA VAL Q 25 15.71 20.90 -37.18
C VAL Q 25 14.74 19.79 -36.79
N ASN Q 26 13.83 20.09 -35.86
CA ASN Q 26 12.83 19.12 -35.43
C ASN Q 26 11.87 18.73 -36.55
N VAL Q 27 11.58 19.66 -37.43
CA VAL Q 27 10.75 19.36 -38.57
C VAL Q 27 11.51 18.42 -39.50
N ASP Q 28 12.77 18.73 -39.73
CA ASP Q 28 13.62 17.87 -40.54
C ASP Q 28 13.59 16.43 -40.05
N LYS Q 29 13.75 16.27 -38.74
CA LYS Q 29 13.81 14.95 -38.11
C LYS Q 29 12.48 14.21 -38.21
N VAL Q 30 11.38 14.91 -38.00
CA VAL Q 30 10.08 14.27 -38.07
C VAL Q 30 9.72 13.89 -39.51
N LEU Q 31 10.21 14.65 -40.49
CA LEU Q 31 10.01 14.30 -41.90
C LEU Q 31 10.79 13.05 -42.28
N GLU Q 32 11.99 12.93 -41.74
CA GLU Q 32 12.80 11.72 -41.90
C GLU Q 32 12.09 10.56 -41.22
N ARG Q 33 11.52 10.84 -40.05
CA ARG Q 33 10.73 9.85 -39.30
C ARG Q 33 9.50 9.39 -40.07
N ASP Q 34 8.89 10.32 -40.80
CA ASP Q 34 7.72 10.02 -41.58
C ASP Q 34 8.06 9.11 -42.73
N GLN Q 35 9.17 9.42 -43.39
CA GLN Q 35 9.61 8.67 -44.57
C GLN Q 35 9.90 7.22 -44.21
N LYS Q 36 10.47 7.01 -43.03
CA LYS Q 36 10.83 5.67 -42.56
C LYS Q 36 9.62 4.83 -42.24
N LEU Q 37 8.57 5.48 -41.74
CA LEU Q 37 7.31 4.80 -41.47
C LEU Q 37 6.39 4.75 -42.71
N ALA R 3 8.54 61.71 -29.88
CA ALA R 3 7.58 60.72 -29.28
C ALA R 3 6.99 59.81 -30.37
N LEU R 4 6.57 60.42 -31.48
CA LEU R 4 5.98 59.70 -32.60
C LEU R 4 7.00 58.80 -33.32
N SER R 5 8.17 59.36 -33.61
CA SER R 5 9.22 58.63 -34.31
C SER R 5 9.71 57.39 -33.55
N GLU R 6 9.70 57.48 -32.21
CA GLU R 6 10.07 56.34 -31.35
C GLU R 6 8.99 55.27 -31.36
N ILE R 7 7.73 55.68 -31.21
CA ILE R 7 6.61 54.74 -31.26
C ILE R 7 6.52 54.07 -32.63
N GLU R 8 6.80 54.84 -33.68
CA GLU R 8 6.81 54.32 -35.05
C GLU R 8 7.82 53.19 -35.19
N THR R 9 9.05 53.43 -34.76
CA THR R 9 10.09 52.45 -34.86
C THR R 9 9.84 51.24 -33.93
N ARG R 10 9.24 51.49 -32.77
CA ARG R 10 8.86 50.41 -31.83
C ARG R 10 7.82 49.51 -32.46
N HIS R 11 6.80 50.13 -33.05
CA HIS R 11 5.74 49.41 -33.69
C HIS R 11 6.28 48.46 -34.77
N SER R 12 7.27 48.89 -35.52
CA SER R 12 7.86 48.06 -36.57
C SER R 12 8.46 46.79 -36.02
N GLU R 13 9.16 46.90 -34.89
CA GLU R 13 9.75 45.74 -34.24
C GLU R 13 8.70 44.80 -33.65
N ILE R 14 7.58 45.36 -33.20
CA ILE R 14 6.48 44.51 -32.73
C ILE R 14 6.01 43.60 -33.85
N ILE R 15 5.78 44.18 -35.03
CA ILE R 15 5.34 43.42 -36.18
C ILE R 15 6.35 42.32 -36.54
N LYS R 16 7.65 42.65 -36.49
CA LYS R 16 8.69 41.66 -36.71
C LYS R 16 8.50 40.48 -35.78
N LEU R 17 8.21 40.78 -34.51
CA LEU R 17 8.04 39.76 -33.50
C LEU R 17 6.78 38.94 -33.75
N GLU R 18 5.76 39.61 -34.27
CA GLU R 18 4.54 38.90 -34.60
C GLU R 18 4.82 37.87 -35.69
N ASN R 19 5.52 38.28 -36.74
CA ASN R 19 5.80 37.39 -37.85
C ASN R 19 6.54 36.16 -37.42
N SER R 20 7.49 36.32 -36.52
CA SER R 20 8.26 35.20 -36.06
C SER R 20 7.37 34.27 -35.29
N ILE R 21 6.66 34.81 -34.32
CA ILE R 21 5.81 33.98 -33.49
C ILE R 21 4.77 33.24 -34.34
N ARG R 22 4.20 33.94 -35.32
CA ARG R 22 3.23 33.32 -36.22
C ARG R 22 3.82 32.12 -36.94
N GLU R 23 5.01 32.29 -37.48
CA GLU R 23 5.66 31.20 -38.20
C GLU R 23 6.00 30.09 -37.23
N LEU R 24 6.53 30.44 -36.06
CA LEU R 24 6.84 29.45 -35.05
C LEU R 24 5.60 28.65 -34.69
N HIS R 25 4.52 29.36 -34.41
CA HIS R 25 3.26 28.72 -34.08
C HIS R 25 2.86 27.71 -35.14
N ASP R 26 2.89 28.14 -36.41
CA ASP R 26 2.51 27.28 -37.52
C ASP R 26 3.34 26.01 -37.59
N MET R 27 4.63 26.13 -37.29
CA MET R 27 5.50 24.97 -37.21
C MET R 27 5.03 24.03 -36.10
N PHE R 28 4.76 24.59 -34.92
CA PHE R 28 4.29 23.77 -33.82
C PHE R 28 3.02 23.03 -34.19
N MET R 29 2.12 23.69 -34.91
CA MET R 29 0.86 23.04 -35.29
C MET R 29 1.10 21.96 -36.30
N ASP R 30 1.90 22.28 -37.32
CA ASP R 30 2.23 21.30 -38.34
C ASP R 30 2.90 20.08 -37.70
N MET R 31 3.75 20.33 -36.72
CA MET R 31 4.43 19.25 -36.04
C MET R 31 3.39 18.31 -35.44
N ALA R 32 2.49 18.86 -34.66
CA ALA R 32 1.50 18.07 -33.95
C ALA R 32 0.67 17.22 -34.91
N MET R 33 0.15 17.84 -35.95
CA MET R 33 -0.70 17.13 -36.91
C MET R 33 0.08 16.06 -37.60
N LEU R 34 1.29 16.42 -38.04
CA LEU R 34 2.13 15.50 -38.75
C LEU R 34 2.51 14.31 -37.89
N VAL R 35 2.87 14.58 -36.64
CA VAL R 35 3.21 13.52 -35.72
C VAL R 35 2.02 12.64 -35.36
N GLU R 36 0.87 13.27 -35.14
CA GLU R 36 -0.34 12.54 -34.84
C GLU R 36 -0.68 11.56 -35.95
N SER R 37 -0.52 12.01 -37.19
CA SER R 37 -0.73 11.15 -38.33
C SER R 37 0.21 9.95 -38.25
N GLN R 38 1.50 10.21 -38.15
CA GLN R 38 2.49 9.14 -38.04
C GLN R 38 2.14 8.13 -36.95
N GLY R 39 1.68 8.63 -35.81
CA GLY R 39 1.29 7.78 -34.68
C GLY R 39 0.30 6.70 -35.05
N GLU R 40 -0.59 7.00 -35.97
CA GLU R 40 -1.60 6.04 -36.40
C GLU R 40 -1.03 4.96 -37.33
N MET R 41 0.05 5.28 -38.02
CA MET R 41 0.71 4.28 -38.83
C MET R 41 1.42 3.29 -37.92
N ILE R 42 2.00 3.82 -36.86
CA ILE R 42 2.68 2.98 -35.87
C ILE R 42 1.71 2.00 -35.22
N ASP R 43 0.50 2.47 -34.91
CA ASP R 43 -0.50 1.63 -34.27
C ASP R 43 -0.72 0.37 -35.09
N ARG R 44 -0.72 0.55 -36.40
CA ARG R 44 -0.84 -0.55 -37.34
C ARG R 44 0.28 -1.54 -37.27
N ILE R 45 1.48 -1.00 -37.35
CA ILE R 45 2.66 -1.83 -37.33
C ILE R 45 2.65 -2.67 -36.07
N GLU R 46 2.30 -2.06 -34.94
CA GLU R 46 2.23 -2.77 -33.66
C GLU R 46 1.21 -3.90 -33.71
N TYR R 47 0.00 -3.59 -34.16
CA TYR R 47 -1.03 -4.60 -34.30
C TYR R 47 -0.56 -5.74 -35.20
N ASN R 48 0.10 -5.36 -36.30
CA ASN R 48 0.57 -6.31 -37.29
C ASN R 48 1.60 -7.25 -36.71
N VAL R 49 2.61 -6.67 -36.07
CA VAL R 49 3.67 -7.46 -35.46
C VAL R 49 3.15 -8.40 -34.38
N GLU R 50 2.27 -7.89 -33.52
CA GLU R 50 1.71 -8.68 -32.42
C GLU R 50 1.00 -9.94 -32.88
N HIS R 51 0.39 -9.89 -34.07
CA HIS R 51 -0.16 -11.08 -34.69
C HIS R 51 0.95 -12.04 -35.09
N ALA R 52 1.94 -11.55 -35.82
CA ALA R 52 3.06 -12.37 -36.27
C ALA R 52 3.71 -13.09 -35.09
N VAL R 53 3.86 -12.36 -33.98
CA VAL R 53 4.49 -12.90 -32.77
C VAL R 53 3.68 -14.04 -32.18
N ASP R 54 2.37 -13.83 -32.11
CA ASP R 54 1.46 -14.85 -31.59
C ASP R 54 1.40 -16.08 -32.46
N TYR R 55 1.44 -15.87 -33.77
CA TYR R 55 1.45 -16.98 -34.71
C TYR R 55 2.72 -17.82 -34.53
N VAL R 56 3.85 -17.15 -34.39
CA VAL R 56 5.12 -17.86 -34.18
C VAL R 56 5.13 -18.67 -32.88
N GLU R 57 4.66 -18.02 -31.81
CA GLU R 57 4.61 -18.65 -30.49
C GLU R 57 3.71 -19.88 -30.50
N ARG R 58 2.57 -19.77 -31.19
CA ARG R 58 1.59 -20.86 -31.29
C ARG R 58 2.19 -22.04 -32.05
N ALA R 59 2.94 -21.74 -33.11
CA ALA R 59 3.53 -22.77 -33.96
C ALA R 59 4.61 -23.58 -33.26
N VAL R 60 5.70 -22.91 -32.93
CA VAL R 60 6.85 -23.63 -32.42
C VAL R 60 6.52 -24.25 -31.07
N SER R 61 5.73 -23.54 -30.25
CA SER R 61 5.30 -24.10 -28.98
C SER R 61 4.37 -25.29 -29.16
N ASP R 62 3.73 -25.40 -30.32
CA ASP R 62 2.87 -26.54 -30.64
C ASP R 62 3.65 -27.86 -30.75
N THR R 63 4.88 -27.81 -31.26
CA THR R 63 5.65 -29.06 -31.48
C THR R 63 5.43 -30.16 -30.41
N GLU S 8 -2.88 69.17 -38.65
CA GLU S 8 -1.51 68.60 -38.59
C GLU S 8 -1.23 67.99 -37.22
N LEU S 9 -1.45 68.76 -36.16
CA LEU S 9 -1.20 68.29 -34.78
C LEU S 9 -2.32 67.34 -34.27
N GLU S 10 -3.52 67.59 -34.75
CA GLU S 10 -4.70 66.77 -34.46
C GLU S 10 -4.43 65.34 -34.95
N GLU S 11 -4.07 65.27 -36.24
CA GLU S 11 -3.56 64.07 -36.89
C GLU S 11 -2.63 63.30 -35.96
N MET S 12 -1.57 63.97 -35.54
CA MET S 12 -0.55 63.31 -34.75
C MET S 12 -1.19 62.56 -33.57
N GLN S 13 -2.19 63.14 -32.90
CA GLN S 13 -2.71 62.51 -31.68
C GLN S 13 -3.58 61.28 -31.86
N ARG S 14 -4.61 61.43 -32.66
CA ARG S 14 -5.53 60.33 -32.97
C ARG S 14 -4.75 59.17 -33.59
N ARG S 15 -3.71 59.49 -34.35
CA ARG S 15 -2.81 58.45 -34.86
C ARG S 15 -1.94 57.79 -33.85
N ALA S 16 -1.49 58.58 -32.90
CA ALA S 16 -0.70 58.03 -31.85
C ALA S 16 -1.50 56.94 -31.15
N ASP S 17 -2.71 57.29 -30.73
CA ASP S 17 -3.57 56.33 -30.03
C ASP S 17 -3.93 55.14 -30.93
N GLN S 18 -4.23 55.42 -32.19
CA GLN S 18 -4.47 54.42 -33.20
C GLN S 18 -3.35 53.39 -33.19
N LEU S 19 -2.12 53.84 -33.37
CA LEU S 19 -0.98 52.93 -33.44
C LEU S 19 -0.78 52.18 -32.14
N ALA S 20 -0.94 52.87 -31.02
CA ALA S 20 -0.77 52.27 -29.71
C ALA S 20 -1.78 51.15 -29.51
N ASP S 21 -3.01 51.38 -29.94
CA ASP S 21 -4.06 50.40 -29.78
C ASP S 21 -3.79 49.15 -30.62
N GLU S 22 -3.29 49.35 -31.84
CA GLU S 22 -2.96 48.22 -32.72
C GLU S 22 -1.84 47.39 -32.13
N SER S 23 -0.90 48.04 -31.48
CA SER S 23 0.17 47.35 -30.80
C SER S 23 -0.35 46.51 -29.64
N LEU S 24 -1.28 47.07 -28.89
CA LEU S 24 -1.89 46.33 -27.79
C LEU S 24 -2.50 45.04 -28.34
N GLU S 25 -3.38 45.17 -29.34
CA GLU S 25 -4.08 44.02 -29.91
C GLU S 25 -3.14 43.02 -30.56
N SER S 26 -1.97 43.48 -30.98
CA SER S 26 -0.96 42.59 -31.48
C SER S 26 -0.43 41.69 -30.36
N THR S 27 -0.17 42.28 -29.20
CA THR S 27 0.32 41.51 -28.06
C THR S 27 -0.74 40.55 -27.56
N ARG S 28 -2.00 40.96 -27.67
CA ARG S 28 -3.10 40.08 -27.31
C ARG S 28 -3.03 38.83 -28.17
N ARG S 29 -2.86 39.03 -29.47
CA ARG S 29 -2.73 37.90 -30.39
C ARG S 29 -1.58 37.00 -30.02
N MET S 30 -0.42 37.61 -29.89
CA MET S 30 0.77 36.87 -29.57
C MET S 30 0.50 35.93 -28.42
N LEU S 31 -0.15 36.46 -27.39
CA LEU S 31 -0.41 35.70 -26.19
C LEU S 31 -1.18 34.41 -26.50
N GLN S 32 -2.21 34.50 -27.33
CA GLN S 32 -3.03 33.34 -27.66
C GLN S 32 -2.27 32.39 -28.55
N LEU S 33 -1.40 32.91 -29.39
CA LEU S 33 -0.65 32.08 -30.31
C LEU S 33 0.34 31.25 -29.54
N VAL S 34 0.97 31.86 -28.56
CA VAL S 34 1.94 31.18 -27.75
C VAL S 34 1.24 30.13 -26.88
N GLU S 35 0.10 30.47 -26.32
CA GLU S 35 -0.62 29.53 -25.48
C GLU S 35 -1.09 28.32 -26.28
N GLU S 36 -1.49 28.55 -27.53
CA GLU S 36 -1.97 27.48 -28.39
C GLU S 36 -0.84 26.57 -28.81
N SER S 37 0.33 27.15 -29.01
CA SER S 37 1.54 26.39 -29.32
C SER S 37 1.95 25.49 -28.14
N LYS S 38 1.67 25.95 -26.93
CA LYS S 38 1.92 25.16 -25.73
C LYS S 38 1.02 23.93 -25.74
N ASP S 39 -0.26 24.12 -26.03
CA ASP S 39 -1.19 23.00 -26.15
C ASP S 39 -0.72 22.03 -27.20
N ALA S 40 -0.30 22.55 -28.34
CA ALA S 40 0.25 21.73 -29.42
C ALA S 40 1.50 20.98 -28.95
N GLY S 41 2.41 21.70 -28.29
CA GLY S 41 3.62 21.09 -27.78
C GLY S 41 3.32 19.96 -26.82
N ILE S 42 2.56 20.29 -25.79
CA ILE S 42 2.18 19.32 -24.80
C ILE S 42 1.56 18.10 -25.46
N ARG S 43 0.59 18.33 -26.34
CA ARG S 43 -0.05 17.24 -27.06
C ARG S 43 0.99 16.35 -27.73
N THR S 44 1.94 16.98 -28.42
CA THR S 44 2.92 16.23 -29.22
C THR S 44 3.75 15.34 -28.31
N LEU S 45 4.13 15.87 -27.16
CA LEU S 45 4.96 15.12 -26.21
C LEU S 45 4.23 13.89 -25.69
N VAL S 46 2.94 14.03 -25.45
CA VAL S 46 2.13 12.94 -24.95
C VAL S 46 2.08 11.82 -25.97
N MET S 47 1.85 12.19 -27.22
CA MET S 47 1.75 11.20 -28.28
C MET S 47 3.09 10.49 -28.45
N LEU S 48 4.18 11.25 -28.44
CA LEU S 48 5.51 10.68 -28.61
C LEU S 48 5.85 9.70 -27.51
N ASP S 49 5.48 10.08 -26.28
CA ASP S 49 5.71 9.23 -25.11
C ASP S 49 4.91 7.94 -25.20
N GLU S 50 3.64 8.05 -25.58
CA GLU S 50 2.79 6.89 -25.73
C GLU S 50 3.29 6.00 -26.85
N GLN S 51 3.69 6.61 -27.96
CA GLN S 51 4.30 5.88 -29.06
C GLN S 51 5.63 5.24 -28.67
N GLY S 52 6.29 5.83 -27.68
CA GLY S 52 7.48 5.23 -27.10
C GLY S 52 7.20 3.82 -26.57
N GLU S 53 6.13 3.68 -25.78
CA GLU S 53 5.76 2.37 -25.22
C GLU S 53 5.43 1.40 -26.33
N GLN S 54 4.78 1.90 -27.36
CA GLN S 54 4.41 1.06 -28.49
C GLN S 54 5.66 0.51 -29.17
N LEU S 55 6.58 1.41 -29.53
CA LEU S 55 7.78 1.01 -30.26
C LEU S 55 8.63 0.03 -29.45
N ASP S 56 8.68 0.24 -28.14
CA ASP S 56 9.44 -0.62 -27.24
C ASP S 56 8.87 -2.03 -27.22
N ARG S 57 7.55 -2.13 -27.23
CA ARG S 57 6.89 -3.42 -27.30
C ARG S 57 7.06 -4.07 -28.67
N VAL S 58 7.21 -3.25 -29.72
CA VAL S 58 7.46 -3.77 -31.06
C VAL S 58 8.83 -4.40 -31.16
N GLU S 59 9.84 -3.69 -30.66
CA GLU S 59 11.19 -4.23 -30.65
C GLU S 59 11.26 -5.48 -29.77
N GLU S 60 10.49 -5.49 -28.67
CA GLU S 60 10.38 -6.68 -27.81
C GLU S 60 9.79 -7.85 -28.59
N GLY S 61 8.83 -7.54 -29.45
CA GLY S 61 8.28 -8.53 -30.36
C GLY S 61 9.34 -9.10 -31.28
N MET S 62 10.18 -8.23 -31.84
CA MET S 62 11.25 -8.67 -32.74
C MET S 62 12.22 -9.59 -32.03
N ASN S 63 12.53 -9.25 -30.77
CA ASN S 63 13.42 -10.05 -29.94
C ASN S 63 12.80 -11.39 -29.56
N HIS S 64 11.51 -11.39 -29.28
CA HIS S 64 10.82 -12.64 -28.99
C HIS S 64 10.88 -13.58 -30.19
N ILE S 65 10.60 -13.06 -31.37
CA ILE S 65 10.67 -13.85 -32.59
C ILE S 65 12.05 -14.45 -32.78
N ASN S 66 13.09 -13.64 -32.59
CA ASN S 66 14.48 -14.12 -32.66
C ASN S 66 14.80 -15.25 -31.68
N GLN S 67 14.25 -15.15 -30.47
CA GLN S 67 14.41 -16.21 -29.47
C GLN S 67 13.79 -17.51 -29.96
N ASP S 68 12.57 -17.42 -30.49
CA ASP S 68 11.81 -18.59 -30.94
C ASP S 68 12.39 -19.23 -32.20
N MET S 69 13.17 -18.47 -32.96
CA MET S 69 13.91 -19.02 -34.12
C MET S 69 15.05 -19.93 -33.66
N LYS S 70 15.82 -19.45 -32.68
CA LYS S 70 16.95 -20.23 -32.17
C LYS S 70 16.43 -21.44 -31.38
N GLU S 71 15.30 -21.28 -30.71
CA GLU S 71 14.70 -22.34 -29.90
C GLU S 71 14.02 -23.38 -30.78
N ALA S 72 13.30 -22.93 -31.80
CA ALA S 72 12.60 -23.84 -32.70
C ALA S 72 13.55 -24.66 -33.55
N GLU S 73 14.59 -24.00 -34.09
CA GLU S 73 15.58 -24.69 -34.92
C GLU S 73 16.43 -25.66 -34.11
N LYS S 74 16.96 -25.19 -32.98
CA LYS S 74 17.87 -25.98 -32.14
C LYS S 74 17.14 -27.18 -31.55
N ASN S 75 15.96 -26.93 -31.00
CA ASN S 75 15.15 -27.97 -30.35
C ASN S 75 14.54 -29.03 -31.31
N LEU S 76 14.10 -28.62 -32.50
CA LEU S 76 13.46 -29.56 -33.45
C LEU S 76 14.43 -30.05 -34.53
N LYS S 77 14.78 -29.17 -35.48
CA LYS S 77 15.71 -29.52 -36.55
C LYS S 77 17.14 -29.33 -36.07
N GLY T 1 -0.26 57.29 -23.10
CA GLY T 1 -0.54 55.85 -22.83
C GLY T 1 0.41 55.26 -21.80
N SER T 2 0.19 55.61 -20.54
CA SER T 2 0.91 55.00 -19.41
C SER T 2 0.29 53.64 -19.04
N ALA T 3 -1.04 53.59 -19.05
CA ALA T 3 -1.77 52.34 -18.79
C ALA T 3 -1.59 51.36 -19.93
N ARG T 4 -1.39 51.88 -21.14
CA ARG T 4 -1.12 51.05 -22.32
C ARG T 4 0.23 50.37 -22.16
N GLU T 5 1.24 51.16 -21.77
CA GLU T 5 2.57 50.62 -21.50
C GLU T 5 2.51 49.52 -20.46
N ASN T 6 1.73 49.72 -19.39
CA ASN T 6 1.60 48.72 -18.33
C ASN T 6 1.11 47.39 -18.85
N GLU T 7 -0.05 47.43 -19.49
CA GLU T 7 -0.66 46.22 -20.02
C GLU T 7 0.20 45.61 -21.12
N MET T 8 0.72 46.45 -22.00
CA MET T 8 1.54 45.99 -23.10
C MET T 8 2.78 45.27 -22.62
N ASP T 9 3.51 45.90 -21.71
CA ASP T 9 4.73 45.31 -21.15
C ASP T 9 4.41 44.07 -20.32
N GLU T 10 3.24 44.05 -19.69
CA GLU T 10 2.80 42.86 -18.94
C GLU T 10 2.65 41.67 -19.88
N ASN T 11 1.99 41.91 -21.01
CA ASN T 11 1.84 40.86 -21.99
C ASN T 11 3.22 40.41 -22.49
N LEU T 12 4.07 41.37 -22.80
CA LEU T 12 5.38 41.04 -23.32
C LEU T 12 6.09 40.10 -22.37
N GLU T 13 6.15 40.47 -21.10
CA GLU T 13 6.85 39.67 -20.10
C GLU T 13 6.22 38.30 -19.95
N GLN T 14 4.89 38.27 -20.02
CA GLN T 14 4.16 37.01 -19.95
C GLN T 14 4.55 36.12 -21.12
N VAL T 15 4.64 36.71 -22.30
CA VAL T 15 5.00 35.94 -23.47
C VAL T 15 6.41 35.38 -23.34
N SER T 16 7.36 36.23 -22.98
CA SER T 16 8.76 35.81 -22.88
C SER T 16 8.93 34.59 -22.00
N GLY T 17 8.24 34.59 -20.87
CA GLY T 17 8.29 33.46 -19.96
C GLY T 17 7.79 32.18 -20.59
N ILE T 18 6.66 32.28 -21.28
CA ILE T 18 6.06 31.13 -21.93
C ILE T 18 6.95 30.65 -23.08
N ILE T 19 7.59 31.59 -23.77
CA ILE T 19 8.53 31.24 -24.83
C ILE T 19 9.67 30.41 -24.28
N GLY T 20 10.07 30.71 -23.05
CA GLY T 20 11.06 29.90 -22.36
C GLY T 20 10.62 28.46 -22.28
N ASN T 21 9.34 28.22 -22.01
CA ASN T 21 8.81 26.87 -21.89
C ASN T 21 8.82 26.17 -23.23
N LEU T 22 8.55 26.93 -24.28
CA LEU T 22 8.56 26.40 -25.63
C LEU T 22 9.95 25.92 -26.01
N ARG T 23 10.97 26.67 -25.61
CA ARG T 23 12.35 26.27 -25.85
C ARG T 23 12.62 24.89 -25.24
N HIS T 24 12.24 24.74 -23.98
CA HIS T 24 12.42 23.48 -23.25
C HIS T 24 11.67 22.35 -23.93
N MET T 25 10.45 22.63 -24.37
CA MET T 25 9.68 21.62 -25.06
C MET T 25 10.31 21.27 -26.40
N ALA T 26 10.83 22.27 -27.10
CA ALA T 26 11.44 22.03 -28.40
C ALA T 26 12.60 21.08 -28.30
N LEU T 27 13.44 21.29 -27.31
CA LEU T 27 14.61 20.45 -27.11
C LEU T 27 14.23 19.01 -26.74
N ASP T 28 13.23 18.86 -25.88
CA ASP T 28 12.75 17.54 -25.45
C ASP T 28 12.28 16.73 -26.65
N MET T 29 11.52 17.39 -27.53
CA MET T 29 11.05 16.78 -28.74
C MET T 29 12.22 16.35 -29.59
N GLY T 30 13.19 17.23 -29.76
CA GLY T 30 14.39 16.92 -30.55
C GLY T 30 15.01 15.62 -30.10
N ASN T 31 15.27 15.50 -28.80
CA ASN T 31 15.89 14.29 -28.23
C ASN T 31 15.00 13.06 -28.36
N GLU T 32 13.70 13.26 -28.18
CA GLU T 32 12.75 12.17 -28.24
C GLU T 32 12.76 11.57 -29.63
N ILE T 33 12.70 12.44 -30.64
CA ILE T 33 12.65 12.00 -32.02
C ILE T 33 13.93 11.27 -32.39
N ASP T 34 15.07 11.85 -32.02
CA ASP T 34 16.37 11.23 -32.32
C ASP T 34 16.41 9.80 -31.82
N THR T 35 15.96 9.60 -30.60
CA THR T 35 15.96 8.28 -29.97
C THR T 35 15.06 7.32 -30.74
N GLN T 36 13.89 7.80 -31.13
CA GLN T 36 12.95 6.97 -31.87
C GLN T 36 13.43 6.68 -33.28
N ASN T 37 14.14 7.63 -33.90
CA ASN T 37 14.69 7.40 -35.23
C ASN T 37 15.67 6.25 -35.25
N ARG T 38 16.56 6.23 -34.27
CA ARG T 38 17.47 5.12 -34.13
C ARG T 38 16.70 3.82 -33.94
N GLN T 39 15.68 3.85 -33.08
CA GLN T 39 14.91 2.66 -32.78
C GLN T 39 14.25 2.10 -34.04
N ILE T 40 13.73 2.99 -34.87
CA ILE T 40 13.12 2.60 -36.14
C ILE T 40 14.13 1.93 -37.05
N ASP T 41 15.35 2.46 -37.09
CA ASP T 41 16.41 1.86 -37.90
C ASP T 41 16.77 0.45 -37.42
N ARG T 42 16.76 0.23 -36.11
CA ARG T 42 17.02 -1.10 -35.54
C ARG T 42 15.89 -2.09 -35.84
N ILE T 43 14.65 -1.61 -35.73
CA ILE T 43 13.49 -2.43 -36.05
C ILE T 43 13.50 -2.80 -37.54
N MET T 44 13.88 -1.87 -38.39
CA MET T 44 14.03 -2.12 -39.81
C MET T 44 15.06 -3.23 -40.11
N GLU T 45 16.19 -3.19 -39.42
CA GLU T 45 17.24 -4.19 -39.59
C GLU T 45 16.87 -5.54 -38.99
N LYS T 46 16.19 -5.53 -37.84
CA LYS T 46 15.74 -6.76 -37.19
C LYS T 46 14.63 -7.45 -37.97
N ALA T 47 13.72 -6.66 -38.51
CA ALA T 47 12.64 -7.17 -39.35
C ALA T 47 13.23 -7.82 -40.58
N ASP T 48 14.17 -7.14 -41.22
CA ASP T 48 14.80 -7.67 -42.44
C ASP T 48 15.57 -8.97 -42.15
N SER T 49 16.31 -8.98 -41.05
CA SER T 49 17.08 -10.14 -40.62
C SER T 49 16.16 -11.33 -40.32
N ASN T 50 15.09 -11.06 -39.58
CA ASN T 50 14.10 -12.09 -39.26
C ASN T 50 13.39 -12.61 -40.51
N LYS T 51 13.13 -11.73 -41.48
CA LYS T 51 12.48 -12.11 -42.74
C LYS T 51 13.36 -13.04 -43.55
N THR T 52 14.65 -12.74 -43.58
CA THR T 52 15.60 -13.60 -44.29
C THR T 52 15.71 -14.98 -43.64
N ARG T 53 15.79 -15.00 -42.31
CA ARG T 53 15.86 -16.25 -41.53
C ARG T 53 14.59 -17.10 -41.64
N ILE T 54 13.43 -16.44 -41.66
CA ILE T 54 12.16 -17.13 -41.83
C ILE T 54 12.00 -17.67 -43.25
N ASP T 55 12.53 -16.96 -44.23
CA ASP T 55 12.53 -17.43 -45.62
C ASP T 55 13.35 -18.70 -45.77
N GLU T 56 14.55 -18.69 -45.19
CA GLU T 56 15.44 -19.87 -45.23
C GLU T 56 14.88 -21.07 -44.44
N ALA T 57 14.47 -20.83 -43.19
CA ALA T 57 14.00 -21.88 -42.28
C ALA T 57 12.76 -22.58 -42.81
N ASN T 58 11.87 -21.79 -43.37
CA ASN T 58 10.62 -22.27 -43.94
C ASN T 58 10.85 -23.08 -45.19
N GLN T 59 11.65 -22.50 -46.07
CA GLN T 59 11.98 -23.09 -47.36
C GLN T 59 12.65 -24.43 -47.25
N ARG T 60 13.58 -24.51 -46.32
CA ARG T 60 14.33 -25.73 -46.08
C ARG T 60 13.47 -26.75 -45.32
N ALA T 61 12.77 -26.29 -44.29
CA ALA T 61 11.93 -27.17 -43.49
C ALA T 61 10.80 -27.81 -44.31
N THR T 62 10.32 -27.13 -45.35
CA THR T 62 9.35 -27.73 -46.27
C THR T 62 10.05 -28.28 -47.52
N LEU U 3 19.24 10.96 -8.03
CA LEU U 3 20.14 10.85 -9.22
C LEU U 3 21.53 11.44 -8.91
N GLY U 4 22.52 11.10 -9.75
CA GLY U 4 23.86 11.65 -9.65
C GLY U 4 23.84 13.14 -9.39
N SER U 5 22.74 13.78 -9.81
CA SER U 5 22.54 15.20 -9.58
C SER U 5 22.22 15.54 -8.12
N ASN U 6 21.67 14.58 -7.39
CA ASN U 6 21.42 14.71 -5.94
C ASN U 6 22.73 14.80 -5.15
N ARG U 7 23.70 13.95 -5.51
CA ARG U 7 25.05 14.05 -4.94
C ARG U 7 25.65 15.44 -5.18
N ARG U 8 25.63 15.87 -6.45
CA ARG U 8 26.15 17.17 -6.85
C ARG U 8 25.52 18.30 -6.03
N LEU U 9 24.21 18.24 -5.89
CA LEU U 9 23.46 19.24 -5.14
C LEU U 9 23.83 19.17 -3.66
N GLN U 10 23.85 17.96 -3.10
CA GLN U 10 24.13 17.77 -1.69
C GLN U 10 25.42 18.48 -1.26
N GLN U 11 26.42 18.48 -2.13
CA GLN U 11 27.70 19.14 -1.84
C GLN U 11 27.50 20.63 -1.65
N THR U 12 26.83 21.23 -2.61
CA THR U 12 26.64 22.64 -2.61
C THR U 12 25.97 23.05 -1.32
N GLN U 13 24.96 22.28 -0.91
CA GLN U 13 24.23 22.57 0.31
C GLN U 13 25.22 22.73 1.47
N ALA U 14 26.07 21.73 1.63
CA ALA U 14 27.06 21.72 2.69
C ALA U 14 28.09 22.85 2.51
N GLN U 15 28.41 23.17 1.26
CA GLN U 15 29.39 24.20 0.95
C GLN U 15 28.90 25.59 1.39
N VAL U 16 27.62 25.84 1.13
CA VAL U 16 26.99 27.10 1.47
C VAL U 16 26.84 27.23 2.97
N ASP U 17 26.48 26.14 3.64
CA ASP U 17 26.35 26.16 5.08
C ASP U 17 27.64 26.61 5.74
N GLU U 18 28.76 26.11 5.26
CA GLU U 18 30.06 26.55 5.77
C GLU U 18 30.18 28.06 5.61
N VAL U 19 30.02 28.54 4.39
CA VAL U 19 30.18 29.96 4.10
C VAL U 19 29.34 30.83 5.04
N VAL U 20 28.12 30.39 5.30
CA VAL U 20 27.23 31.11 6.20
C VAL U 20 27.86 31.27 7.58
N ASP U 21 28.41 30.18 8.11
CA ASP U 21 29.01 30.21 9.44
C ASP U 21 30.22 31.11 9.46
N ILE U 22 30.90 31.18 8.33
CA ILE U 22 32.05 32.07 8.19
C ILE U 22 31.60 33.53 8.17
N MET U 23 30.53 33.80 7.44
CA MET U 23 30.03 35.16 7.37
C MET U 23 29.50 35.58 8.71
N ARG U 24 28.93 34.64 9.41
CA ARG U 24 28.42 34.89 10.72
C ARG U 24 29.45 35.43 11.69
N VAL U 25 30.60 34.76 11.70
CA VAL U 25 31.72 35.20 12.49
C VAL U 25 32.11 36.59 12.01
N ASN U 26 32.08 36.82 10.70
CA ASN U 26 32.39 38.13 10.13
C ASN U 26 31.41 39.21 10.57
N VAL U 27 30.16 38.84 10.76
CA VAL U 27 29.17 39.78 11.25
C VAL U 27 29.48 40.13 12.69
N ASP U 28 29.81 39.12 13.48
CA ASP U 28 30.23 39.36 14.84
C ASP U 28 31.35 40.37 14.92
N LYS U 29 32.37 40.16 14.10
CA LYS U 29 33.56 41.00 14.11
C LYS U 29 33.24 42.45 13.70
N VAL U 30 32.40 42.61 12.68
CA VAL U 30 32.07 43.94 12.20
C VAL U 30 31.20 44.68 13.20
N LEU U 31 30.39 43.95 13.95
CA LEU U 31 29.59 44.54 15.02
C LEU U 31 30.46 45.03 16.15
N GLU U 32 31.48 44.25 16.47
CA GLU U 32 32.47 44.67 17.46
C GLU U 32 33.23 45.88 16.93
N ARG U 33 33.52 45.87 15.62
CA ARG U 33 34.18 46.99 14.95
C ARG U 33 33.31 48.25 14.98
N ASP U 34 32.01 48.05 14.88
CA ASP U 34 31.09 49.18 14.91
C ASP U 34 31.06 49.84 16.26
N GLN U 35 31.01 49.05 17.32
CA GLN U 35 30.82 49.64 18.65
C GLN U 35 32.16 49.97 19.32
N LYS U 36 33.27 49.81 18.59
CA LYS U 36 34.53 50.52 18.88
C LYS U 36 34.60 51.89 18.22
N LEU U 37 34.01 52.01 17.04
CA LEU U 37 33.93 53.30 16.35
C LEU U 37 32.67 54.10 16.78
N ALA V 3 9.66 8.74 -12.20
CA ALA V 3 10.18 9.98 -12.84
C ALA V 3 9.69 11.22 -12.10
N LEU V 4 8.40 11.25 -11.77
CA LEU V 4 7.79 12.36 -11.05
C LEU V 4 8.28 12.47 -9.60
N SER V 5 8.29 11.34 -8.89
CA SER V 5 8.72 11.30 -7.50
C SER V 5 10.17 11.76 -7.29
N GLU V 6 11.03 11.46 -8.28
CA GLU V 6 12.43 11.90 -8.25
C GLU V 6 12.55 13.41 -8.49
N ILE V 7 11.84 13.92 -9.49
CA ILE V 7 11.83 15.35 -9.79
C ILE V 7 11.24 16.14 -8.63
N GLU V 8 10.21 15.56 -8.00
CA GLU V 8 9.59 16.16 -6.83
C GLU V 8 10.61 16.36 -5.72
N THR V 9 11.30 15.30 -5.36
CA THR V 9 12.28 15.35 -4.29
C THR V 9 13.48 16.24 -4.66
N ARG V 10 13.85 16.24 -5.93
CA ARG V 10 14.94 17.10 -6.41
C ARG V 10 14.55 18.56 -6.28
N HIS V 11 13.33 18.87 -6.70
CA HIS V 11 12.82 20.22 -6.61
C HIS V 11 12.90 20.75 -5.19
N SER V 12 12.58 19.90 -4.21
CA SER V 12 12.63 20.31 -2.82
C SER V 12 14.02 20.76 -2.40
N GLU V 13 15.03 20.01 -2.82
CA GLU V 13 16.40 20.36 -2.48
C GLU V 13 16.83 21.63 -3.18
N ILE V 14 16.32 21.89 -4.37
CA ILE V 14 16.62 23.15 -5.04
C ILE V 14 16.17 24.33 -4.20
N ILE V 15 14.94 24.26 -3.71
CA ILE V 15 14.40 25.31 -2.87
C ILE V 15 15.26 25.51 -1.61
N LYS V 16 15.68 24.41 -1.00
CA LYS V 16 16.57 24.48 0.15
C LYS V 16 17.79 25.30 -0.19
N LEU V 17 18.35 25.05 -1.37
CA LEU V 17 19.54 25.75 -1.82
C LEU V 17 19.25 27.21 -2.08
N GLU V 18 18.06 27.49 -2.58
CA GLU V 18 17.68 28.87 -2.83
C GLU V 18 17.67 29.62 -1.51
N ASN V 19 17.04 29.05 -0.49
CA ASN V 19 16.92 29.73 0.80
C ASN V 19 18.27 30.07 1.40
N SER V 20 19.21 29.16 1.27
CA SER V 20 20.53 29.40 1.80
C SER V 20 21.18 30.53 1.06
N ILE V 21 21.22 30.42 -0.26
CA ILE V 21 21.87 31.44 -1.05
C ILE V 21 21.24 32.80 -0.77
N ARG V 22 19.92 32.85 -0.69
CA ARG V 22 19.21 34.10 -0.41
C ARG V 22 19.69 34.71 0.90
N GLU V 23 19.75 33.90 1.95
CA GLU V 23 20.17 34.41 3.24
C GLU V 23 21.63 34.83 3.17
N LEU V 24 22.45 34.03 2.52
CA LEU V 24 23.86 34.35 2.35
C LEU V 24 24.01 35.68 1.63
N HIS V 25 23.29 35.83 0.53
CA HIS V 25 23.31 37.08 -0.23
C HIS V 25 22.97 38.26 0.66
N ASP V 26 21.89 38.14 1.44
CA ASP V 26 21.44 39.23 2.33
C ASP V 26 22.50 39.62 3.34
N MET V 27 23.22 38.63 3.85
CA MET V 27 24.34 38.90 4.73
C MET V 27 25.43 39.69 4.00
N PHE V 28 25.78 39.25 2.80
CA PHE V 28 26.78 39.97 2.03
C PHE V 28 26.40 41.41 1.76
N MET V 29 25.12 41.67 1.54
CA MET V 29 24.64 43.02 1.30
C MET V 29 24.68 43.84 2.56
N ASP V 30 24.17 43.27 3.64
CA ASP V 30 24.19 43.94 4.93
C ASP V 30 25.61 44.28 5.34
N MET V 31 26.53 43.36 5.07
CA MET V 31 27.93 43.59 5.37
C MET V 31 28.42 44.86 4.65
N ALA V 32 28.22 44.91 3.34
CA ALA V 32 28.71 46.02 2.53
C ALA V 32 28.16 47.35 3.03
N MET V 33 26.85 47.44 3.24
CA MET V 33 26.22 48.68 3.68
C MET V 33 26.71 49.08 5.06
N LEU V 34 26.77 48.10 5.94
CA LEU V 34 27.20 48.34 7.30
C LEU V 34 28.64 48.81 7.34
N VAL V 35 29.49 48.15 6.58
CA VAL V 35 30.90 48.53 6.50
C VAL V 35 31.09 49.88 5.85
N GLU V 36 30.37 50.14 4.78
CA GLU V 36 30.43 51.42 4.10
C GLU V 36 30.09 52.55 5.07
N SER V 37 29.05 52.34 5.88
CA SER V 37 28.66 53.30 6.89
C SER V 37 29.82 53.57 7.84
N GLN V 38 30.33 52.51 8.43
CA GLN V 38 31.47 52.62 9.34
C GLN V 38 32.64 53.40 8.70
N GLY V 39 32.92 53.13 7.42
CA GLY V 39 34.01 53.79 6.70
C GLY V 39 33.94 55.31 6.77
N GLU V 40 32.72 55.83 6.81
CA GLU V 40 32.51 57.27 6.87
C GLU V 40 32.76 57.85 8.26
N MET V 41 32.59 57.03 9.29
CA MET V 41 32.93 57.47 10.63
C MET V 41 34.44 57.56 10.78
N ILE V 42 35.13 56.61 10.15
CA ILE V 42 36.58 56.60 10.17
C ILE V 42 37.14 57.84 9.48
N ASP V 43 36.53 58.24 8.37
CA ASP V 43 36.99 59.42 7.63
C ASP V 43 37.05 60.62 8.54
N ARG V 44 36.05 60.73 9.40
CA ARG V 44 36.00 61.78 10.40
C ARG V 44 37.13 61.75 11.39
N ILE V 45 37.32 60.58 11.97
CA ILE V 45 38.34 60.40 12.97
C ILE V 45 39.67 60.81 12.39
N GLU V 46 39.93 60.40 11.14
CA GLU V 46 41.17 60.74 10.46
C GLU V 46 41.33 62.24 10.28
N TYR V 47 40.30 62.89 9.76
CA TYR V 47 40.30 64.34 9.63
C TYR V 47 40.55 65.02 10.97
N ASN V 48 39.89 64.50 12.00
CA ASN V 48 39.97 65.05 13.33
C ASN V 48 41.39 64.96 13.89
N VAL V 49 41.96 63.76 13.82
CA VAL V 49 43.30 63.53 14.31
C VAL V 49 44.34 64.37 13.57
N GLU V 50 44.24 64.42 12.24
CA GLU V 50 45.18 65.16 11.40
C GLU V 50 45.25 66.65 11.78
N HIS V 51 44.14 67.21 12.25
CA HIS V 51 44.15 68.57 12.79
C HIS V 51 44.94 68.61 14.09
N ALA V 52 44.61 67.73 15.02
CA ALA V 52 45.29 67.66 16.31
C ALA V 52 46.81 67.53 16.14
N VAL V 53 47.22 66.73 15.17
CA VAL V 53 48.64 66.50 14.89
C VAL V 53 49.33 67.76 14.39
N ASP V 54 48.66 68.46 13.48
CA ASP V 54 49.15 69.72 12.94
C ASP V 54 49.24 70.82 13.97
N TYR V 55 48.24 70.86 14.85
CA TYR V 55 48.25 71.84 15.93
C TYR V 55 49.45 71.59 16.86
N VAL V 56 49.67 70.33 17.21
CA VAL V 56 50.79 69.96 18.08
C VAL V 56 52.14 70.31 17.46
N GLU V 57 52.30 69.97 16.18
CA GLU V 57 53.53 70.25 15.44
C GLU V 57 53.80 71.74 15.34
N ARG V 58 52.74 72.53 15.14
CA ARG V 58 52.87 73.97 15.01
C ARG V 58 53.27 74.60 16.34
N ALA V 59 52.73 74.06 17.43
CA ALA V 59 53.04 74.56 18.78
C ALA V 59 54.52 74.34 19.08
N VAL V 60 55.02 73.15 18.75
CA VAL V 60 56.45 72.82 18.85
C VAL V 60 57.11 72.86 17.47
N ARG W 6 -6.25 10.87 -22.11
CA ARG W 6 -6.90 11.27 -20.83
C ARG W 6 -6.25 12.55 -20.27
N ASN W 7 -7.07 13.59 -20.03
CA ASN W 7 -6.60 14.79 -19.33
C ASN W 7 -5.82 14.42 -18.08
N GLU W 8 -6.16 13.28 -17.47
CA GLU W 8 -5.39 12.69 -16.38
C GLU W 8 -3.91 12.66 -16.78
N LEU W 9 -3.64 11.99 -17.89
CA LEU W 9 -2.29 11.89 -18.43
C LEU W 9 -1.68 13.27 -18.72
N GLU W 10 -2.35 14.01 -19.61
CA GLU W 10 -1.88 15.31 -20.09
C GLU W 10 -1.47 16.21 -18.94
N GLU W 11 -2.37 16.29 -17.96
CA GLU W 11 -2.15 17.09 -16.79
C GLU W 11 -0.94 16.58 -16.02
N MET W 12 -1.04 15.41 -15.39
CA MET W 12 0.09 14.87 -14.60
C MET W 12 1.41 15.32 -15.23
N GLN W 13 1.50 15.08 -16.52
CA GLN W 13 2.56 15.56 -17.38
C GLN W 13 2.79 17.07 -17.36
N ARG W 14 1.70 17.80 -17.42
CA ARG W 14 1.73 19.25 -17.30
C ARG W 14 2.38 19.69 -16.01
N ARG W 15 2.13 18.93 -14.95
CA ARG W 15 2.77 19.19 -13.68
C ARG W 15 4.23 18.95 -13.67
N ALA W 16 4.63 17.91 -14.37
CA ALA W 16 6.03 17.58 -14.47
C ALA W 16 6.74 18.78 -15.06
N ASP W 17 6.25 19.24 -16.19
CA ASP W 17 6.87 20.38 -16.86
C ASP W 17 6.81 21.65 -16.02
N GLN W 18 5.66 21.85 -15.40
CA GLN W 18 5.45 22.93 -14.45
C GLN W 18 6.57 22.98 -13.42
N LEU W 19 6.76 21.87 -12.71
CA LEU W 19 7.76 21.80 -11.66
C LEU W 19 9.15 22.01 -12.23
N ALA W 20 9.44 21.39 -13.37
CA ALA W 20 10.75 21.48 -13.99
C ALA W 20 11.07 22.92 -14.36
N ASP W 21 10.07 23.62 -14.86
CA ASP W 21 10.27 24.99 -15.27
C ASP W 21 10.54 25.88 -14.05
N GLU W 22 9.84 25.64 -12.94
CA GLU W 22 10.06 26.41 -11.72
C GLU W 22 11.45 26.20 -11.17
N SER W 23 11.95 24.98 -11.32
CA SER W 23 13.31 24.66 -10.92
C SER W 23 14.32 25.40 -11.78
N LEU W 24 14.06 25.47 -13.07
CA LEU W 24 14.94 26.22 -13.95
C LEU W 24 15.03 27.67 -13.47
N GLU W 25 13.88 28.32 -13.32
CA GLU W 25 13.83 29.73 -12.91
C GLU W 25 14.41 29.95 -11.54
N SER W 26 14.42 28.92 -10.70
CA SER W 26 15.08 29.02 -9.42
C SER W 26 16.59 29.13 -9.58
N THR W 27 17.15 28.32 -10.48
CA THR W 27 18.59 28.36 -10.74
C THR W 27 19.00 29.68 -11.41
N ARG W 28 18.09 30.22 -12.21
CA ARG W 28 18.33 31.52 -12.81
C ARG W 28 18.51 32.53 -11.71
N ARG W 29 17.60 32.51 -10.74
CA ARG W 29 17.69 33.43 -9.60
C ARG W 29 18.99 33.26 -8.89
N MET W 30 19.26 32.03 -8.50
CA MET W 30 20.47 31.76 -7.74
C MET W 30 21.67 32.40 -8.42
N LEU W 31 21.74 32.27 -9.73
CA LEU W 31 22.87 32.79 -10.48
C LEU W 31 23.04 34.29 -10.26
N GLN W 32 21.95 35.04 -10.32
CA GLN W 32 21.99 36.50 -10.18
C GLN W 32 22.30 36.90 -8.74
N LEU W 33 21.86 36.08 -7.78
CA LEU W 33 22.10 36.35 -6.36
C LEU W 33 23.56 36.18 -6.01
N VAL W 34 24.15 35.13 -6.57
CA VAL W 34 25.55 34.86 -6.33
C VAL W 34 26.41 35.93 -7.00
N GLU W 35 26.06 36.33 -8.21
CA GLU W 35 26.81 37.34 -8.93
C GLU W 35 26.74 38.66 -8.21
N GLU W 36 25.59 38.98 -7.64
CA GLU W 36 25.41 40.23 -6.92
C GLU W 36 26.20 40.22 -5.62
N SER W 37 26.27 39.06 -4.98
CA SER W 37 27.06 38.90 -3.77
C SER W 37 28.54 39.08 -4.05
N LYS W 38 28.97 38.72 -5.25
CA LYS W 38 30.33 38.94 -5.69
C LYS W 38 30.62 40.44 -5.77
N ASP W 39 29.72 41.18 -6.40
CA ASP W 39 29.87 42.63 -6.49
C ASP W 39 29.96 43.23 -5.10
N ALA W 40 29.09 42.76 -4.21
CA ALA W 40 29.10 43.19 -2.81
C ALA W 40 30.42 42.84 -2.14
N GLY W 41 30.87 41.60 -2.35
CA GLY W 41 32.12 41.17 -1.76
C GLY W 41 33.28 42.02 -2.23
N ILE W 42 33.42 42.10 -3.54
CA ILE W 42 34.49 42.89 -4.15
C ILE W 42 34.47 44.31 -3.62
N ARG W 43 33.30 44.94 -3.64
CA ARG W 43 33.14 46.29 -3.11
C ARG W 43 33.69 46.39 -1.70
N THR W 44 33.29 45.43 -0.85
CA THR W 44 33.63 45.48 0.56
C THR W 44 35.16 45.43 0.72
N LEU W 45 35.80 44.57 -0.07
CA LEU W 45 37.25 44.41 0.00
C LEU W 45 37.96 45.70 -0.37
N VAL W 46 37.44 46.39 -1.38
CA VAL W 46 38.03 47.64 -1.83
C VAL W 46 37.99 48.67 -0.72
N MET W 47 36.84 48.77 -0.06
CA MET W 47 36.65 49.76 0.99
C MET W 47 37.56 49.45 2.15
N LEU W 48 37.63 48.18 2.52
CA LEU W 48 38.46 47.76 3.64
C LEU W 48 39.94 48.05 3.37
N ASP W 49 40.36 47.81 2.14
CA ASP W 49 41.74 48.05 1.74
C ASP W 49 42.05 49.54 1.79
N GLU W 50 41.14 50.35 1.26
CA GLU W 50 41.31 51.79 1.26
C GLU W 50 41.32 52.32 2.69
N GLN W 51 40.42 51.81 3.52
CA GLN W 51 40.38 52.16 4.94
C GLN W 51 41.64 51.69 5.66
N GLY W 52 42.27 50.64 5.14
CA GLY W 52 43.57 50.20 5.63
C GLY W 52 44.60 51.31 5.59
N GLU W 53 44.72 51.97 4.44
CA GLU W 53 45.66 53.08 4.27
C GLU W 53 45.33 54.21 5.22
N GLN W 54 44.04 54.44 5.41
CA GLN W 54 43.59 55.51 6.29
C GLN W 54 44.04 55.21 7.72
N LEU W 55 43.72 54.02 8.21
CA LEU W 55 44.03 53.66 9.58
C LEU W 55 45.53 53.67 9.86
N ASP W 56 46.30 53.24 8.86
CA ASP W 56 47.76 53.24 8.98
C ASP W 56 48.31 54.65 9.13
N ARG W 57 47.74 55.59 8.39
CA ARG W 57 48.15 56.99 8.50
C ARG W 57 47.68 57.61 9.80
N VAL W 58 46.58 57.09 10.37
CA VAL W 58 46.10 57.55 11.67
C VAL W 58 47.06 57.14 12.78
N GLU W 59 47.43 55.87 12.77
CA GLU W 59 48.39 55.38 13.75
C GLU W 59 49.73 56.09 13.61
N GLU W 60 50.12 56.40 12.36
CA GLU W 60 51.32 57.19 12.08
C GLU W 60 51.20 58.58 12.71
N GLY W 61 49.99 59.13 12.65
CA GLY W 61 49.69 60.37 13.34
C GLY W 61 49.90 60.26 14.83
N MET W 62 49.41 59.18 15.42
CA MET W 62 49.59 58.96 16.86
C MET W 62 51.04 58.86 17.25
N ASN W 63 51.83 58.20 16.41
CA ASN W 63 53.27 58.06 16.64
C ASN W 63 54.01 59.39 16.47
N HIS W 64 53.60 60.17 15.48
CA HIS W 64 54.19 61.49 15.29
C HIS W 64 53.97 62.36 16.53
N ILE W 65 52.74 62.38 17.04
CA ILE W 65 52.42 63.14 18.24
C ILE W 65 53.29 62.70 19.41
N ASN W 66 53.43 61.40 19.60
CA ASN W 66 54.30 60.85 20.64
C ASN W 66 55.75 61.30 20.52
N GLN W 67 56.25 61.38 19.28
CA GLN W 67 57.60 61.86 19.03
C GLN W 67 57.73 63.31 19.49
N ASP W 68 56.74 64.13 19.11
CA ASP W 68 56.76 65.57 19.40
C ASP W 68 56.58 65.88 20.87
N MET W 69 56.00 64.95 21.63
CA MET W 69 55.89 65.08 23.09
C MET W 69 57.25 64.92 23.77
N LYS W 70 58.00 63.90 23.35
CA LYS W 70 59.33 63.65 23.91
C LYS W 70 60.33 64.72 23.47
N GLU W 71 60.15 65.24 22.25
CA GLU W 71 61.02 66.26 21.66
C GLU W 71 60.72 67.63 22.27
N ALA W 72 59.44 67.95 22.42
CA ALA W 72 59.03 69.25 22.99
C ALA W 72 59.40 69.37 24.47
N GLU W 73 59.09 68.33 25.23
CA GLU W 73 59.38 68.28 26.66
C GLU W 73 60.90 68.32 26.93
N LYS W 74 61.64 67.42 26.26
CA LYS W 74 63.09 67.27 26.47
C LYS W 74 63.84 68.52 26.03
N ASN W 75 63.52 69.01 24.84
CA ASN W 75 64.17 70.18 24.24
C ASN W 75 63.79 71.49 24.93
N GLY X 1 13.17 15.78 -18.64
CA GLY X 1 13.84 16.93 -19.30
C GLY X 1 15.33 16.74 -19.36
N SER X 2 15.86 16.52 -20.56
CA SER X 2 17.31 16.33 -20.79
C SER X 2 17.98 17.65 -21.22
N ALA X 3 17.33 18.47 -22.07
CA ALA X 3 17.83 19.84 -22.32
C ALA X 3 17.70 20.71 -21.05
N ARG X 4 16.68 20.43 -20.25
CA ARG X 4 16.48 21.08 -18.96
C ARG X 4 17.60 20.67 -18.00
N GLU X 5 17.86 19.37 -17.94
CA GLU X 5 18.97 18.86 -17.15
C GLU X 5 20.29 19.52 -17.55
N ASN X 6 20.54 19.65 -18.85
CA ASN X 6 21.78 20.27 -19.33
C ASN X 6 21.94 21.68 -18.78
N GLU X 7 20.97 22.53 -19.06
CA GLU X 7 21.03 23.93 -18.64
C GLU X 7 21.04 24.04 -17.12
N MET X 8 20.20 23.24 -16.48
CA MET X 8 20.09 23.25 -15.03
C MET X 8 21.41 22.89 -14.37
N ASP X 9 22.00 21.78 -14.78
CA ASP X 9 23.26 21.32 -14.22
C ASP X 9 24.40 22.27 -14.57
N GLU X 10 24.30 22.93 -15.71
CA GLU X 10 25.29 23.96 -16.10
C GLU X 10 25.27 25.12 -15.12
N ASN X 11 24.07 25.58 -14.81
CA ASN X 11 23.94 26.64 -13.83
C ASN X 11 24.51 26.18 -12.50
N LEU X 12 24.12 24.99 -12.06
CA LEU X 12 24.55 24.49 -10.78
C LEU X 12 26.06 24.51 -10.69
N GLU X 13 26.73 23.96 -11.69
CA GLU X 13 28.19 23.90 -11.69
C GLU X 13 28.78 25.29 -11.72
N GLN X 14 28.14 26.19 -12.45
CA GLN X 14 28.59 27.58 -12.51
C GLN X 14 28.50 28.23 -11.13
N VAL X 15 27.41 27.96 -10.43
CA VAL X 15 27.23 28.51 -9.11
C VAL X 15 28.30 27.99 -8.16
N SER X 16 28.49 26.68 -8.13
CA SER X 16 29.41 26.05 -7.19
C SER X 16 30.79 26.66 -7.29
N GLY X 17 31.24 26.91 -8.52
CA GLY X 17 32.54 27.53 -8.74
C GLY X 17 32.63 28.92 -8.15
N ILE X 18 31.56 29.70 -8.38
CA ILE X 18 31.52 31.06 -7.88
C ILE X 18 31.42 31.06 -6.36
N ILE X 19 30.70 30.09 -5.81
CA ILE X 19 30.62 29.95 -4.36
C ILE X 19 32.00 29.70 -3.76
N GLY X 20 32.84 29.00 -4.51
CA GLY X 20 34.22 28.81 -4.09
C GLY X 20 34.91 30.15 -3.90
N ASN X 21 34.64 31.10 -4.79
CA ASN X 21 35.26 32.42 -4.72
C ASN X 21 34.78 33.18 -3.51
N LEU X 22 33.50 33.00 -3.19
CA LEU X 22 32.90 33.65 -2.05
C LEU X 22 33.57 33.18 -0.76
N ARG X 23 33.86 31.88 -0.70
CA ARG X 23 34.53 31.32 0.46
C ARG X 23 35.85 32.05 0.66
N HIS X 24 36.62 32.17 -0.42
CA HIS X 24 37.91 32.83 -0.38
C HIS X 24 37.75 34.28 0.04
N MET X 25 36.75 34.95 -0.49
CA MET X 25 36.52 36.33 -0.11
C MET X 25 36.13 36.43 1.34
N ALA X 26 35.33 35.49 1.82
CA ALA X 26 34.84 35.53 3.20
C ALA X 26 35.98 35.45 4.18
N LEU X 27 36.92 34.56 3.92
CA LEU X 27 38.07 34.38 4.80
C LEU X 27 38.97 35.62 4.81
N ASP X 28 39.19 36.21 3.63
CA ASP X 28 40.03 37.42 3.48
C ASP X 28 39.46 38.54 4.33
N MET X 29 38.15 38.72 4.26
CA MET X 29 37.45 39.71 5.07
C MET X 29 37.66 39.44 6.54
N GLY X 30 37.48 38.19 6.94
CA GLY X 30 37.68 37.81 8.33
C GLY X 30 39.02 38.29 8.84
N ASN X 31 40.08 37.95 8.13
CA ASN X 31 41.44 38.31 8.53
C ASN X 31 41.66 39.83 8.52
N GLU X 32 41.07 40.48 7.53
CA GLU X 32 41.23 41.92 7.37
C GLU X 32 40.63 42.61 8.57
N ILE X 33 39.43 42.19 8.94
CA ILE X 33 38.74 42.83 10.04
C ILE X 33 39.48 42.61 11.35
N ASP X 34 39.92 41.38 11.58
CA ASP X 34 40.65 41.05 12.79
C ASP X 34 41.84 41.97 12.97
N THR X 35 42.60 42.17 11.89
CA THR X 35 43.78 43.03 11.91
C THR X 35 43.40 44.47 12.25
N GLN X 36 42.33 44.95 11.64
CA GLN X 36 41.88 46.32 11.87
C GLN X 36 41.32 46.49 13.28
N ASN X 37 40.65 45.45 13.81
CA ASN X 37 40.13 45.52 15.17
C ASN X 37 41.23 45.73 16.18
N ARG X 38 42.32 44.99 16.03
CA ARG X 38 43.48 45.18 16.90
C ARG X 38 44.02 46.59 16.76
N GLN X 39 44.11 47.07 15.51
CA GLN X 39 44.64 48.40 15.24
C GLN X 39 43.81 49.48 15.93
N ILE X 40 42.50 49.33 15.89
CA ILE X 40 41.59 50.26 16.56
C ILE X 40 41.81 50.28 18.08
N ASP X 41 42.05 49.10 18.66
CA ASP X 41 42.32 49.00 20.09
C ASP X 41 43.62 49.71 20.47
N ARG X 42 44.64 49.61 19.61
CA ARG X 42 45.90 50.32 19.83
C ARG X 42 45.75 51.84 19.68
N ILE X 43 44.99 52.27 18.68
CA ILE X 43 44.70 53.69 18.49
C ILE X 43 43.90 54.24 19.69
N MET X 44 42.98 53.44 20.21
CA MET X 44 42.21 53.78 21.43
C MET X 44 43.12 54.02 22.65
N GLU X 45 44.09 53.14 22.82
CA GLU X 45 45.04 53.23 23.92
C GLU X 45 46.05 54.37 23.74
N LYS X 46 46.51 54.57 22.51
CA LYS X 46 47.46 55.65 22.19
C LYS X 46 46.82 57.02 22.31
N ALA X 47 45.57 57.13 21.85
CA ALA X 47 44.81 58.35 21.98
C ALA X 47 44.62 58.69 23.44
N ASP X 48 44.20 57.71 24.24
CA ASP X 48 43.99 57.93 25.67
C ASP X 48 45.29 58.34 26.38
N SER X 49 46.37 57.65 26.06
CA SER X 49 47.68 57.94 26.64
C SER X 49 48.15 59.34 26.27
N ASN X 50 48.01 59.70 25.01
CA ASN X 50 48.38 61.04 24.54
C ASN X 50 47.52 62.14 25.17
N LYS X 51 46.23 61.88 25.38
CA LYS X 51 45.33 62.87 26.00
C LYS X 51 45.62 63.06 27.49
N THR X 52 46.08 62.00 28.16
CA THR X 52 46.53 62.14 29.54
C THR X 52 47.82 62.97 29.63
N ARG X 53 48.77 62.68 28.74
CA ARG X 53 50.04 63.42 28.68
C ARG X 53 49.88 64.87 28.27
N ILE X 54 48.95 65.13 27.35
CA ILE X 54 48.64 66.49 26.95
C ILE X 54 47.92 67.26 28.05
N ASP X 55 47.08 66.58 28.83
CA ASP X 55 46.42 67.21 29.97
C ASP X 55 47.45 67.64 31.01
N GLU X 56 48.38 66.75 31.33
CA GLU X 56 49.43 67.03 32.33
C GLU X 56 50.40 68.12 31.85
N ALA X 57 50.92 67.97 30.63
CA ALA X 57 51.94 68.88 30.07
C ALA X 57 51.42 70.32 29.93
N ASN X 58 50.19 70.43 29.49
CA ASN X 58 49.51 71.70 29.30
C ASN X 58 49.23 72.38 30.61
N GLN X 59 48.67 71.61 31.51
CA GLN X 59 48.26 72.07 32.81
C GLN X 59 49.41 72.58 33.66
N ARG X 60 50.51 71.87 33.58
CA ARG X 60 51.73 72.25 34.29
C ARG X 60 52.44 73.40 33.60
N ALA X 61 52.57 73.32 32.28
CA ALA X 61 53.24 74.37 31.51
C ALA X 61 52.52 75.72 31.62
N THR X 62 51.19 75.67 31.82
CA THR X 62 50.36 76.88 32.06
C THR X 62 50.45 77.39 33.52
N LYS X 63 50.10 76.53 34.48
CA LYS X 63 49.92 76.93 35.90
C LYS X 63 51.09 77.70 36.51
N LEU Y 3 26.02 -14.19 -18.51
CA LEU Y 3 25.31 -14.71 -19.72
C LEU Y 3 24.36 -13.65 -20.33
N GLY Y 4 23.15 -13.53 -19.76
CA GLY Y 4 22.24 -12.44 -20.13
C GLY Y 4 22.92 -11.09 -19.88
N SER Y 5 23.72 -11.04 -18.82
CA SER Y 5 24.51 -9.84 -18.45
C SER Y 5 25.62 -9.52 -19.44
N ASN Y 6 26.07 -10.53 -20.19
CA ASN Y 6 27.04 -10.36 -21.27
C ASN Y 6 26.45 -9.55 -22.44
N ARG Y 7 25.20 -9.87 -22.80
CA ARG Y 7 24.47 -9.05 -23.79
C ARG Y 7 24.37 -7.59 -23.34
N ARG Y 8 23.91 -7.40 -22.10
CA ARG Y 8 23.80 -6.06 -21.53
C ARG Y 8 25.13 -5.31 -21.58
N LEU Y 9 26.21 -5.99 -21.20
CA LEU Y 9 27.53 -5.40 -21.21
C LEU Y 9 27.96 -5.09 -22.65
N GLN Y 10 27.78 -6.05 -23.54
CA GLN Y 10 28.20 -5.89 -24.93
C GLN Y 10 27.68 -4.60 -25.57
N GLN Y 11 26.45 -4.22 -25.23
CA GLN Y 11 25.86 -2.98 -25.75
C GLN Y 11 26.67 -1.77 -25.30
N THR Y 12 26.91 -1.69 -24.01
CA THR Y 12 27.60 -0.55 -23.46
C THR Y 12 28.92 -0.37 -24.16
N GLN Y 13 29.63 -1.48 -24.37
CA GLN Y 13 30.93 -1.43 -25.02
C GLN Y 13 30.80 -0.68 -26.33
N ALA Y 14 29.86 -1.11 -27.16
CA ALA Y 14 29.64 -0.50 -28.46
C ALA Y 14 29.17 0.96 -28.33
N GLN Y 15 28.41 1.23 -27.27
CA GLN Y 15 27.86 2.57 -27.04
C GLN Y 15 28.97 3.57 -26.73
N VAL Y 16 29.93 3.13 -25.94
CA VAL Y 16 31.05 3.94 -25.54
C VAL Y 16 31.97 4.18 -26.73
N ASP Y 17 32.19 3.14 -27.52
CA ASP Y 17 33.04 3.27 -28.70
C ASP Y 17 32.53 4.38 -29.60
N GLU Y 18 31.22 4.43 -29.80
CA GLU Y 18 30.65 5.51 -30.60
C GLU Y 18 31.05 6.86 -30.00
N VAL Y 19 30.72 7.04 -28.74
CA VAL Y 19 30.96 8.31 -28.08
C VAL Y 19 32.39 8.75 -28.27
N VAL Y 20 33.31 7.80 -28.15
CA VAL Y 20 34.72 8.11 -28.30
C VAL Y 20 34.98 8.72 -29.66
N ASP Y 21 34.43 8.12 -30.71
CA ASP Y 21 34.68 8.58 -32.06
C ASP Y 21 34.10 9.97 -32.24
N ILE Y 22 33.00 10.23 -31.54
CA ILE Y 22 32.37 11.55 -31.57
C ILE Y 22 33.26 12.58 -30.88
N MET Y 23 33.80 12.20 -29.73
CA MET Y 23 34.66 13.12 -29.02
C MET Y 23 35.89 13.38 -29.83
N ARG Y 24 36.35 12.36 -30.51
CA ARG Y 24 37.51 12.49 -31.33
C ARG Y 24 37.39 13.58 -32.37
N VAL Y 25 36.26 13.57 -33.05
CA VAL Y 25 35.97 14.60 -34.01
C VAL Y 25 35.93 15.95 -33.30
N ASN Y 26 35.38 15.96 -32.09
CA ASN Y 26 35.33 17.18 -31.28
C ASN Y 26 36.71 17.69 -30.87
N VAL Y 27 37.64 16.76 -30.66
CA VAL Y 27 39.01 17.16 -30.39
C VAL Y 27 39.60 17.80 -31.62
N ASP Y 28 39.38 17.19 -32.77
CA ASP Y 28 39.82 17.75 -34.03
C ASP Y 28 39.38 19.18 -34.21
N LYS Y 29 38.10 19.41 -33.97
CA LYS Y 29 37.50 20.72 -34.15
C LYS Y 29 38.09 21.73 -33.19
N VAL Y 30 38.28 21.34 -31.93
CA VAL Y 30 38.78 22.26 -30.91
C VAL Y 30 40.25 22.61 -31.16
N LEU Y 31 40.98 21.67 -31.73
CA LEU Y 31 42.37 21.92 -32.12
C LEU Y 31 42.44 22.92 -33.27
N GLU Y 32 41.53 22.80 -34.22
CA GLU Y 32 41.42 23.78 -35.30
C GLU Y 32 41.01 25.13 -34.74
N ARG Y 33 40.12 25.09 -33.74
CA ARG Y 33 39.67 26.29 -33.04
C ARG Y 33 40.80 26.94 -32.28
N ASP Y 34 41.70 26.13 -31.75
CA ASP Y 34 42.84 26.64 -31.01
C ASP Y 34 43.82 27.34 -31.94
N GLN Y 35 44.05 26.72 -33.09
CA GLN Y 35 45.01 27.21 -34.06
C GLN Y 35 44.57 28.56 -34.63
N LYS Y 36 43.26 28.74 -34.81
CA LYS Y 36 42.69 29.99 -35.33
C LYS Y 36 42.84 31.14 -34.32
N LEU Y 37 42.74 30.80 -33.03
CA LEU Y 37 42.93 31.77 -31.97
C LEU Y 37 44.41 31.88 -31.59
N SER Z 2 33.24 -23.89 -17.71
CA SER Z 2 32.58 -23.94 -16.36
C SER Z 2 32.22 -22.54 -15.85
N ALA Z 3 31.33 -22.47 -14.84
CA ALA Z 3 31.05 -21.24 -14.06
C ALA Z 3 32.25 -20.29 -14.05
N LEU Z 4 33.43 -20.88 -13.86
CA LEU Z 4 34.69 -20.14 -13.87
C LEU Z 4 35.02 -19.58 -15.25
N SER Z 5 34.92 -20.43 -16.27
CA SER Z 5 35.22 -20.03 -17.65
C SER Z 5 34.36 -18.87 -18.15
N GLU Z 6 33.10 -18.84 -17.70
CA GLU Z 6 32.18 -17.74 -18.04
C GLU Z 6 32.58 -16.44 -17.32
N ILE Z 7 32.85 -16.54 -16.02
CA ILE Z 7 33.26 -15.38 -15.24
C ILE Z 7 34.58 -14.83 -15.76
N GLU Z 8 35.47 -15.74 -16.15
CA GLU Z 8 36.75 -15.37 -16.74
C GLU Z 8 36.55 -14.51 -17.98
N THR Z 9 35.76 -15.00 -18.93
CA THR Z 9 35.53 -14.28 -20.16
C THR Z 9 34.75 -12.98 -19.91
N ARG Z 10 33.85 -12.97 -18.92
CA ARG Z 10 33.10 -11.77 -18.56
C ARG Z 10 34.04 -10.71 -18.00
N HIS Z 11 34.92 -11.14 -17.12
CA HIS Z 11 35.87 -10.24 -16.53
C HIS Z 11 36.70 -9.54 -17.59
N SER Z 12 37.09 -10.26 -18.64
CA SER Z 12 37.89 -9.68 -19.71
C SER Z 12 37.18 -8.53 -20.38
N GLU Z 13 35.88 -8.71 -20.65
CA GLU Z 13 35.10 -7.65 -21.28
C GLU Z 13 34.90 -6.46 -20.35
N ILE Z 14 34.84 -6.70 -19.05
CA ILE Z 14 34.78 -5.60 -18.11
C ILE Z 14 36.00 -4.72 -18.26
N ILE Z 15 37.18 -5.32 -18.28
CA ILE Z 15 38.41 -4.58 -18.45
C ILE Z 15 38.41 -3.78 -19.75
N LYS Z 16 37.94 -4.39 -20.84
CA LYS Z 16 37.82 -3.68 -22.11
C LYS Z 16 36.99 -2.41 -21.93
N LEU Z 17 35.90 -2.52 -21.19
CA LEU Z 17 35.01 -1.39 -20.96
C LEU Z 17 35.68 -0.33 -20.09
N GLU Z 18 36.49 -0.77 -19.16
CA GLU Z 18 37.22 0.15 -18.30
C GLU Z 18 38.16 0.99 -19.15
N ASN Z 19 38.92 0.33 -20.03
CA ASN Z 19 39.89 1.04 -20.86
C ASN Z 19 39.24 2.10 -21.71
N SER Z 20 38.07 1.80 -22.25
CA SER Z 20 37.40 2.75 -23.09
C SER Z 20 36.97 3.94 -22.25
N ILE Z 21 36.28 3.66 -21.16
CA ILE Z 21 35.78 4.73 -20.33
C ILE Z 21 36.92 5.60 -19.83
N ARG Z 22 38.03 4.98 -19.45
CA ARG Z 22 39.19 5.73 -19.00
C ARG Z 22 39.63 6.70 -20.09
N GLU Z 23 39.80 6.19 -21.31
CA GLU Z 23 40.29 7.02 -22.39
C GLU Z 23 39.29 8.11 -22.65
N LEU Z 24 38.02 7.75 -22.68
CA LEU Z 24 36.98 8.73 -22.91
C LEU Z 24 37.06 9.82 -21.85
N HIS Z 25 37.14 9.41 -20.59
CA HIS Z 25 37.26 10.34 -19.50
C HIS Z 25 38.40 11.31 -19.74
N ASP Z 26 39.57 10.77 -20.05
CA ASP Z 26 40.76 11.60 -20.27
C ASP Z 26 40.54 12.64 -21.36
N MET Z 27 39.81 12.25 -22.41
CA MET Z 27 39.47 13.18 -23.46
C MET Z 27 38.58 14.29 -22.92
N PHE Z 28 37.58 13.91 -22.15
CA PHE Z 28 36.72 14.92 -21.57
C PHE Z 28 37.47 15.90 -20.71
N MET Z 29 38.46 15.43 -19.96
CA MET Z 29 39.22 16.31 -19.08
C MET Z 29 40.12 17.23 -19.86
N ASP Z 30 40.82 16.66 -20.84
CA ASP Z 30 41.67 17.42 -21.73
C ASP Z 30 40.88 18.51 -22.44
N MET Z 31 39.67 18.16 -22.85
CA MET Z 31 38.80 19.10 -23.53
C MET Z 31 38.60 20.29 -22.61
N ALA Z 32 38.13 20.03 -21.39
CA ALA Z 32 37.80 21.09 -20.44
C ALA Z 32 38.96 22.01 -20.17
N MET Z 33 40.13 21.43 -19.88
CA MET Z 33 41.32 22.24 -19.60
C MET Z 33 41.73 23.03 -20.82
N LEU Z 34 41.74 22.38 -21.97
CA LEU Z 34 42.14 23.01 -23.21
C LEU Z 34 41.21 24.17 -23.58
N VAL Z 35 39.91 23.95 -23.44
CA VAL Z 35 38.93 24.99 -23.71
C VAL Z 35 39.01 26.14 -22.74
N GLU Z 36 39.17 25.80 -21.46
CA GLU Z 36 39.29 26.81 -20.41
C GLU Z 36 40.45 27.74 -20.71
N SER Z 37 41.56 27.15 -21.12
CA SER Z 37 42.73 27.91 -21.52
C SER Z 37 42.35 28.87 -22.64
N GLN Z 38 41.81 28.32 -23.72
CA GLN Z 38 41.39 29.15 -24.86
C GLN Z 38 40.48 30.32 -24.45
N GLY Z 39 39.56 30.03 -23.52
CA GLY Z 39 38.63 31.03 -23.01
C GLY Z 39 39.32 32.28 -22.49
N GLU Z 40 40.49 32.10 -21.90
CA GLU Z 40 41.24 33.23 -21.34
C GLU Z 40 41.92 34.06 -22.41
N MET Z 41 42.21 33.44 -23.56
CA MET Z 41 42.75 34.20 -24.68
C MET Z 41 41.68 35.06 -25.27
N ILE Z 42 40.48 34.52 -25.34
CA ILE Z 42 39.36 35.26 -25.87
C ILE Z 42 39.06 36.49 -25.01
N ASP Z 43 39.16 36.34 -23.69
CA ASP Z 43 38.91 37.46 -22.78
C ASP Z 43 39.77 38.66 -23.14
N ARG Z 44 41.00 38.36 -23.50
CA ARG Z 44 41.93 39.37 -23.95
C ARG Z 44 41.47 40.08 -25.20
N ILE Z 45 41.16 39.28 -26.20
CA ILE Z 45 40.77 39.82 -27.48
C ILE Z 45 39.59 40.74 -27.29
N GLU Z 46 38.65 40.33 -26.44
CA GLU Z 46 37.48 41.15 -26.16
C GLU Z 46 37.88 42.47 -25.53
N TYR Z 47 38.68 42.40 -24.48
CA TYR Z 47 39.17 43.61 -23.84
C TYR Z 47 39.86 44.53 -24.83
N ASN Z 48 40.68 43.92 -25.67
CA ASN Z 48 41.46 44.65 -26.64
C ASN Z 48 40.56 45.36 -27.64
N VAL Z 49 39.64 44.64 -28.23
CA VAL Z 49 38.74 45.20 -29.21
C VAL Z 49 37.89 46.32 -28.63
N GLU Z 50 37.38 46.11 -27.42
CA GLU Z 50 36.53 47.11 -26.74
C GLU Z 50 37.21 48.45 -26.54
N HIS Z 51 38.53 48.43 -26.36
CA HIS Z 51 39.31 49.66 -26.34
C HIS Z 51 39.34 50.32 -27.71
N ALA Z 52 39.68 49.52 -28.72
CA ALA Z 52 39.72 50.03 -30.09
C ALA Z 52 38.38 50.65 -30.51
N VAL Z 53 37.29 50.01 -30.12
CA VAL Z 53 35.94 50.51 -30.44
C VAL Z 53 35.64 51.84 -29.77
N ASP Z 54 36.02 51.96 -28.51
CA ASP Z 54 35.86 53.21 -27.74
C ASP Z 54 36.72 54.35 -28.27
N TYR Z 55 37.94 54.03 -28.67
CA TYR Z 55 38.82 55.02 -29.26
C TYR Z 55 38.27 55.56 -30.57
N VAL Z 56 37.74 54.67 -31.42
CA VAL Z 56 37.13 55.07 -32.70
C VAL Z 56 35.90 55.95 -32.48
N GLU Z 57 35.04 55.54 -31.55
CA GLU Z 57 33.82 56.28 -31.23
C GLU Z 57 34.14 57.67 -30.69
N ARG Z 58 35.17 57.76 -29.87
CA ARG Z 58 35.59 59.03 -29.28
C ARG Z 58 36.16 59.98 -30.34
N ALA Z 59 36.89 59.41 -31.30
CA ALA Z 59 37.50 60.20 -32.37
C ALA Z 59 36.43 60.77 -33.30
N GLU AA 8 42.74 -26.27 -6.02
CA GLU AA 8 41.63 -27.23 -6.24
C GLU AA 8 40.27 -26.52 -6.32
N LEU AA 9 39.22 -27.30 -6.55
CA LEU AA 9 37.87 -26.75 -6.56
C LEU AA 9 37.74 -25.66 -5.46
N GLU AA 10 38.21 -25.97 -4.25
CA GLU AA 10 38.25 -25.03 -3.13
C GLU AA 10 39.12 -23.78 -3.40
N GLU AA 11 40.33 -23.99 -3.92
CA GLU AA 11 41.23 -22.89 -4.31
C GLU AA 11 40.70 -22.20 -5.58
N MET AA 12 40.01 -22.96 -6.43
CA MET AA 12 39.33 -22.44 -7.60
C MET AA 12 38.05 -21.72 -7.17
N GLN AA 13 37.44 -22.15 -6.06
CA GLN AA 13 36.36 -21.34 -5.43
C GLN AA 13 36.79 -19.96 -4.99
N ARG AA 14 37.90 -19.94 -4.25
CA ARG AA 14 38.50 -18.69 -3.80
C ARG AA 14 38.83 -17.80 -4.98
N ARG AA 15 39.23 -18.42 -6.08
CA ARG AA 15 39.44 -17.67 -7.32
C ARG AA 15 38.22 -17.11 -7.95
N ALA AA 16 37.16 -17.88 -7.90
CA ALA AA 16 35.89 -17.43 -8.44
C ALA AA 16 35.52 -16.12 -7.75
N ASP AA 17 35.51 -16.15 -6.41
CA ASP AA 17 35.15 -14.97 -5.64
C ASP AA 17 36.13 -13.84 -5.90
N GLN AA 18 37.41 -14.18 -5.92
CA GLN AA 18 38.46 -13.23 -6.25
C GLN AA 18 38.11 -12.47 -7.52
N LEU AA 19 37.87 -13.20 -8.60
CA LEU AA 19 37.58 -12.59 -9.89
C LEU AA 19 36.31 -11.79 -9.86
N ALA AA 20 35.29 -12.31 -9.19
CA ALA AA 20 34.01 -11.62 -9.07
C ALA AA 20 34.14 -10.29 -8.35
N ASP AA 21 34.95 -10.28 -7.31
CA ASP AA 21 35.15 -9.08 -6.53
C ASP AA 21 35.88 -8.01 -7.34
N GLU AA 22 36.88 -8.42 -8.12
CA GLU AA 22 37.63 -7.49 -8.96
C GLU AA 22 36.72 -6.87 -10.00
N SER AA 23 35.79 -7.66 -10.52
CA SER AA 23 34.80 -7.17 -11.48
C SER AA 23 33.90 -6.15 -10.83
N LEU AA 24 33.49 -6.41 -9.61
CA LEU AA 24 32.67 -5.45 -8.89
C LEU AA 24 33.40 -4.12 -8.82
N GLU AA 25 34.63 -4.14 -8.29
CA GLU AA 25 35.42 -2.91 -8.10
C GLU AA 25 35.74 -2.21 -9.41
N SER AA 26 35.74 -2.96 -10.50
CA SER AA 26 35.89 -2.36 -11.82
C SER AA 26 34.68 -1.51 -12.17
N THR AA 27 33.49 -2.03 -11.92
CA THR AA 27 32.27 -1.29 -12.21
C THR AA 27 32.17 -0.07 -11.30
N ARG AA 28 32.68 -0.20 -10.08
CA ARG AA 28 32.71 0.93 -9.17
C ARG AA 28 33.52 2.04 -9.79
N ARG AA 29 34.69 1.68 -10.29
CA ARG AA 29 35.52 2.66 -10.95
C ARG AA 29 34.80 3.31 -12.10
N MET AA 30 34.29 2.47 -12.98
CA MET AA 30 33.63 2.96 -14.18
C MET AA 30 32.63 4.04 -13.82
N LEU AA 31 31.87 3.78 -12.76
CA LEU AA 31 30.84 4.71 -12.33
C LEU AA 31 31.41 6.10 -12.05
N GLN AA 32 32.52 6.15 -11.32
CA GLN AA 32 33.12 7.42 -10.94
C GLN AA 32 33.74 8.11 -12.12
N LEU AA 33 34.24 7.32 -13.07
CA LEU AA 33 34.86 7.87 -14.27
C LEU AA 33 33.81 8.54 -15.13
N VAL AA 34 32.69 7.88 -15.26
CA VAL AA 34 31.62 8.41 -16.08
C VAL AA 34 31.07 9.66 -15.43
N GLU AA 35 30.91 9.64 -14.12
CA GLU AA 35 30.37 10.80 -13.41
C GLU AA 35 31.30 11.98 -13.53
N GLU AA 36 32.60 11.73 -13.49
CA GLU AA 36 33.57 12.80 -13.57
C GLU AA 36 33.59 13.37 -14.96
N SER AA 37 33.42 12.53 -15.96
CA SER AA 37 33.35 12.98 -17.35
C SER AA 37 32.14 13.87 -17.58
N LYS AA 38 31.07 13.62 -16.85
CA LYS AA 38 29.86 14.44 -16.90
C LYS AA 38 30.19 15.84 -16.38
N ASP AA 39 30.87 15.91 -15.24
CA ASP AA 39 31.28 17.20 -14.69
C ASP AA 39 32.11 17.95 -15.70
N ALA AA 40 33.05 17.24 -16.30
CA ALA AA 40 33.90 17.80 -17.33
C ALA AA 40 33.05 18.29 -18.49
N GLY AA 41 32.16 17.44 -18.95
CA GLY AA 41 31.31 17.80 -20.07
C GLY AA 41 30.54 19.07 -19.75
N ILE AA 42 29.80 19.02 -18.65
CA ILE AA 42 28.99 20.14 -18.24
C ILE AA 42 29.84 21.40 -18.16
N ARG AA 43 30.98 21.30 -17.50
CA ARG AA 43 31.88 22.44 -17.41
C ARG AA 43 32.20 23.01 -18.77
N THR AA 44 32.54 22.13 -19.71
CA THR AA 44 32.98 22.55 -21.03
C THR AA 44 31.86 23.32 -21.73
N LEU AA 45 30.63 22.83 -21.61
CA LEU AA 45 29.49 23.46 -22.27
C LEU AA 45 29.25 24.87 -21.74
N VAL AA 46 29.43 25.04 -20.44
CA VAL AA 46 29.23 26.33 -19.81
C VAL AA 46 30.22 27.32 -20.36
N MET AA 47 31.48 26.90 -20.45
CA MET AA 47 32.53 27.78 -20.91
C MET AA 47 32.26 28.16 -22.36
N LEU AA 48 31.89 27.18 -23.18
CA LEU AA 48 31.64 27.41 -24.60
C LEU AA 48 30.49 28.38 -24.80
N ASP AA 49 29.47 28.23 -23.98
CA ASP AA 49 28.30 29.09 -24.04
C ASP AA 49 28.65 30.52 -23.65
N GLU AA 50 29.44 30.65 -22.58
CA GLU AA 50 29.87 31.96 -22.11
C GLU AA 50 30.79 32.62 -23.13
N GLN AA 51 31.70 31.83 -23.69
CA GLN AA 51 32.56 32.30 -24.76
C GLN AA 51 31.76 32.67 -26.00
N GLY AA 52 30.60 32.04 -26.17
CA GLY AA 52 29.66 32.41 -27.24
C GLY AA 52 29.27 33.88 -27.17
N GLU AA 53 28.87 34.33 -25.99
CA GLU AA 53 28.50 35.72 -25.78
C GLU AA 53 29.68 36.64 -26.05
N GLN AA 54 30.87 36.20 -25.65
CA GLN AA 54 32.07 36.99 -25.86
C GLN AA 54 32.32 37.18 -27.35
N LEU AA 55 32.33 36.07 -28.09
CA LEU AA 55 32.62 36.12 -29.52
C LEU AA 55 31.60 36.94 -30.30
N ASP AA 56 30.34 36.85 -29.89
CA ASP AA 56 29.27 37.61 -30.51
C ASP AA 56 29.47 39.12 -30.33
N ARG AA 57 29.93 39.51 -29.14
CA ARG AA 57 30.22 40.92 -28.86
C ARG AA 57 31.47 41.37 -29.59
N VAL AA 58 32.39 40.45 -29.86
CA VAL AA 58 33.58 40.77 -30.64
C VAL AA 58 33.23 41.08 -32.07
N GLU AA 59 32.44 40.20 -32.67
CA GLU AA 59 31.99 40.42 -34.05
C GLU AA 59 31.14 41.69 -34.15
N GLU AA 60 30.36 41.98 -33.11
CA GLU AA 60 29.62 43.24 -33.03
C GLU AA 60 30.55 44.43 -33.00
N GLY AA 61 31.67 44.26 -32.30
CA GLY AA 61 32.75 45.25 -32.32
C GLY AA 61 33.29 45.49 -33.72
N MET AA 62 33.53 44.40 -34.46
CA MET AA 62 34.04 44.51 -35.83
C MET AA 62 33.05 45.24 -36.75
N ASN AA 63 31.76 44.96 -36.55
CA ASN AA 63 30.71 45.61 -37.30
C ASN AA 63 30.58 47.10 -36.94
N HIS AA 64 30.72 47.42 -35.66
CA HIS AA 64 30.69 48.81 -35.23
C HIS AA 64 31.81 49.61 -35.89
N ILE AA 65 33.03 49.06 -35.87
CA ILE AA 65 34.17 49.72 -36.49
C ILE AA 65 33.92 49.97 -37.98
N ASN AA 66 33.37 48.95 -38.66
CA ASN AA 66 33.00 49.08 -40.08
C ASN AA 66 31.99 50.21 -40.34
N GLN AA 67 31.03 50.34 -39.44
CA GLN AA 67 30.05 51.42 -39.53
C GLN AA 67 30.76 52.77 -39.44
N ASP AA 68 31.65 52.89 -38.46
CA ASP AA 68 32.34 54.15 -38.17
C ASP AA 68 33.34 54.54 -39.25
N MET AA 69 33.79 53.56 -40.03
CA MET AA 69 34.65 53.82 -41.19
C MET AA 69 33.87 54.51 -42.32
N LYS AA 70 32.69 53.96 -42.62
CA LYS AA 70 31.85 54.53 -43.68
C LYS AA 70 31.28 55.89 -43.27
N GLU AA 71 30.99 56.03 -41.98
CA GLU AA 71 30.45 57.28 -41.41
C GLU AA 71 31.52 58.36 -41.34
N ALA AA 72 32.72 57.99 -40.87
CA ALA AA 72 33.82 58.93 -40.73
C ALA AA 72 34.30 59.43 -42.09
N GLU AA 73 34.50 58.50 -43.02
CA GLU AA 73 34.96 58.84 -44.38
C GLU AA 73 33.93 59.68 -45.14
N LYS AA 74 32.69 59.21 -45.15
CA LYS AA 74 31.63 59.87 -45.90
C LYS AA 74 31.30 61.22 -45.34
N ASN AA 75 31.15 61.28 -44.03
CA ASN AA 75 30.84 62.53 -43.36
C ASN AA 75 32.01 63.53 -43.49
N LEU AA 76 33.21 63.02 -43.81
CA LEU AA 76 34.32 63.89 -44.26
C LEU AA 76 34.21 64.37 -45.72
N LYS AA 77 33.78 63.51 -46.64
CA LYS AA 77 33.59 63.94 -48.03
C LYS AA 77 32.13 64.36 -48.29
N GLY BA 1 27.35 -15.30 -4.75
CA GLY BA 1 27.58 -13.96 -5.36
C GLY BA 1 26.35 -13.45 -6.09
N SER BA 2 25.19 -13.69 -5.52
CA SER BA 2 23.91 -13.25 -6.09
C SER BA 2 23.70 -11.74 -5.87
N ALA BA 3 24.05 -11.29 -4.66
CA ALA BA 3 24.04 -9.88 -4.26
C ALA BA 3 25.07 -9.05 -5.03
N ARG BA 4 26.14 -9.71 -5.46
CA ARG BA 4 27.16 -9.08 -6.30
C ARG BA 4 26.59 -8.74 -7.67
N GLU BA 5 25.91 -9.71 -8.26
CA GLU BA 5 25.22 -9.49 -9.54
C GLU BA 5 24.25 -8.31 -9.46
N ASN BA 6 23.49 -8.23 -8.37
CA ASN BA 6 22.52 -7.15 -8.19
C ASN BA 6 23.21 -5.78 -8.24
N GLU BA 7 24.17 -5.58 -7.36
CA GLU BA 7 24.87 -4.31 -7.27
C GLU BA 7 25.65 -4.01 -8.55
N MET BA 8 26.31 -5.04 -9.07
CA MET BA 8 27.09 -4.90 -10.29
C MET BA 8 26.22 -4.47 -11.46
N ASP BA 9 25.12 -5.17 -11.68
CA ASP BA 9 24.22 -4.85 -12.78
C ASP BA 9 23.50 -3.52 -12.57
N GLU BA 10 23.30 -3.15 -11.31
CA GLU BA 10 22.73 -1.83 -10.99
C GLU BA 10 23.68 -0.71 -11.42
N ASN BA 11 24.96 -0.87 -11.11
CA ASN BA 11 25.96 0.09 -11.54
C ASN BA 11 25.99 0.15 -13.07
N LEU BA 12 26.04 -1.01 -13.71
CA LEU BA 12 26.11 -1.07 -15.17
C LEU BA 12 24.97 -0.27 -15.78
N GLU BA 13 23.75 -0.54 -15.35
CA GLU BA 13 22.59 0.15 -15.89
C GLU BA 13 22.65 1.64 -15.61
N GLN BA 14 23.14 2.00 -14.42
CA GLN BA 14 23.30 3.40 -14.06
C GLN BA 14 24.29 4.08 -15.00
N VAL BA 15 25.38 3.38 -15.31
CA VAL BA 15 26.38 3.93 -16.19
C VAL BA 15 25.80 4.15 -17.58
N SER BA 16 25.17 3.12 -18.12
CA SER BA 16 24.64 3.18 -19.48
C SER BA 16 23.78 4.41 -19.67
N GLY BA 17 22.91 4.66 -18.70
CA GLY BA 17 22.02 5.82 -18.75
C GLY BA 17 22.79 7.13 -18.81
N ILE BA 18 23.82 7.22 -17.97
CA ILE BA 18 24.63 8.43 -17.92
C ILE BA 18 25.43 8.58 -19.21
N ILE BA 19 25.88 7.45 -19.77
CA ILE BA 19 26.58 7.48 -21.04
C ILE BA 19 25.70 8.06 -22.14
N GLY BA 20 24.41 7.79 -22.06
CA GLY BA 20 23.45 8.38 -22.97
C GLY BA 20 23.53 9.90 -22.92
N ASN BA 21 23.67 10.46 -21.72
CA ASN BA 21 23.72 11.91 -21.54
C ASN BA 21 24.99 12.46 -22.14
N LEU BA 22 26.07 11.70 -22.02
CA LEU BA 22 27.34 12.11 -22.57
C LEU BA 22 27.25 12.20 -24.09
N ARG BA 23 26.55 11.26 -24.69
CA ARG BA 23 26.34 11.27 -26.12
C ARG BA 23 25.69 12.58 -26.52
N HIS BA 24 24.61 12.92 -25.84
CA HIS BA 24 23.87 14.14 -26.12
C HIS BA 24 24.78 15.35 -25.94
N MET BA 25 25.58 15.35 -24.88
CA MET BA 25 26.48 16.46 -24.65
C MET BA 25 27.54 16.55 -25.72
N ALA BA 26 28.02 15.40 -26.15
CA ALA BA 26 29.06 15.36 -27.17
C ALA BA 26 28.59 16.02 -28.45
N LEU BA 27 27.38 15.68 -28.87
CA LEU BA 27 26.84 16.22 -30.11
C LEU BA 27 26.63 17.74 -30.03
N ASP BA 28 26.13 18.20 -28.88
CA ASP BA 28 25.88 19.63 -28.65
C ASP BA 28 27.17 20.43 -28.78
N MET BA 29 28.23 19.90 -28.19
CA MET BA 29 29.55 20.50 -28.30
C MET BA 29 29.98 20.57 -29.74
N GLY BA 30 29.83 19.46 -30.46
CA GLY BA 30 30.20 19.42 -31.87
C GLY BA 30 29.58 20.57 -32.64
N ASN BA 31 28.26 20.71 -32.51
CA ASN BA 31 27.54 21.76 -33.22
C ASN BA 31 27.95 23.15 -32.75
N GLU BA 32 28.19 23.30 -31.46
CA GLU BA 32 28.55 24.57 -30.88
C GLU BA 32 29.87 25.03 -31.45
N ILE BA 33 30.84 24.12 -31.50
CA ILE BA 33 32.16 24.46 -31.98
C ILE BA 33 32.11 24.81 -33.46
N ASP BA 34 31.40 24.00 -34.25
CA ASP BA 34 31.27 24.25 -35.69
C ASP BA 34 30.77 25.66 -35.98
N THR BA 35 29.76 26.08 -35.23
CA THR BA 35 29.17 27.41 -35.39
C THR BA 35 30.19 28.49 -35.04
N GLN BA 36 30.95 28.27 -33.97
CA GLN BA 36 31.94 29.24 -33.53
C GLN BA 36 33.13 29.28 -34.47
N ASN BA 37 33.50 28.15 -35.05
CA ASN BA 37 34.58 28.11 -36.03
C ASN BA 37 34.29 28.97 -37.24
N ARG BA 38 33.07 28.86 -37.76
CA ARG BA 38 32.64 29.73 -38.86
C ARG BA 38 32.69 31.20 -38.45
N GLN BA 39 32.22 31.49 -37.23
CA GLN BA 39 32.19 32.86 -36.72
C GLN BA 39 33.60 33.46 -36.65
N ILE BA 40 34.55 32.65 -36.20
CA ILE BA 40 35.94 33.08 -36.14
C ILE BA 40 36.49 33.40 -37.53
N ASP BA 41 36.14 32.59 -38.52
CA ASP BA 41 36.58 32.82 -39.87
C ASP BA 41 36.03 34.13 -40.41
N ARG BA 42 34.78 34.45 -40.08
CA ARG BA 42 34.17 35.71 -40.49
C ARG BA 42 34.82 36.92 -39.80
N ILE BA 43 35.10 36.78 -38.52
CA ILE BA 43 35.77 37.83 -37.76
C ILE BA 43 37.18 38.11 -38.30
N MET BA 44 37.91 37.07 -38.68
CA MET BA 44 39.23 37.27 -39.29
C MET BA 44 39.15 37.98 -40.64
N GLU BA 45 38.13 37.65 -41.45
CA GLU BA 45 37.93 38.31 -42.74
C GLU BA 45 37.48 39.76 -42.56
N LYS BA 46 36.61 40.00 -41.58
CA LYS BA 46 36.15 41.36 -41.27
C LYS BA 46 37.25 42.22 -40.67
N ALA BA 47 38.05 41.62 -39.79
CA ALA BA 47 39.19 42.32 -39.21
C ALA BA 47 40.19 42.71 -40.28
N ASP BA 48 40.50 41.77 -41.18
CA ASP BA 48 41.43 42.03 -42.25
C ASP BA 48 40.93 43.11 -43.21
N SER BA 49 39.64 43.02 -43.56
CA SER BA 49 39.01 44.00 -44.45
C SER BA 49 39.00 45.38 -43.82
N ASN BA 50 38.67 45.46 -42.53
CA ASN BA 50 38.68 46.73 -41.79
C ASN BA 50 40.08 47.34 -41.63
N LYS BA 51 41.11 46.53 -41.41
CA LYS BA 51 42.47 47.10 -41.30
C LYS BA 51 43.05 47.51 -42.66
N THR BA 52 42.59 46.89 -43.76
CA THR BA 52 42.95 47.40 -45.10
C THR BA 52 42.31 48.76 -45.36
N ARG BA 53 41.02 48.88 -45.03
CA ARG BA 53 40.28 50.13 -45.20
C ARG BA 53 40.81 51.25 -44.30
N ILE BA 54 41.18 50.89 -43.07
CA ILE BA 54 41.75 51.84 -42.12
C ILE BA 54 43.14 52.29 -42.56
N ASP BA 55 43.90 51.38 -43.15
CA ASP BA 55 45.22 51.73 -43.69
C ASP BA 55 45.08 52.75 -44.82
N GLU BA 56 44.15 52.49 -45.74
CA GLU BA 56 43.91 53.39 -46.87
C GLU BA 56 43.35 54.75 -46.44
N ALA BA 57 42.29 54.72 -45.62
CA ALA BA 57 41.58 55.94 -45.19
C ALA BA 57 42.48 56.89 -44.41
N ASN BA 58 43.30 56.29 -43.55
CA ASN BA 58 44.24 57.02 -42.70
C ASN BA 58 45.36 57.62 -43.50
N GLN BA 59 45.94 56.79 -44.35
CA GLN BA 59 47.04 57.17 -45.20
C GLN BA 59 46.73 58.29 -46.13
N ARG BA 60 45.54 58.23 -46.71
CA ARG BA 60 45.08 59.25 -47.62
C ARG BA 60 44.65 60.52 -46.88
N ALA BA 61 43.89 60.33 -45.80
CA ALA BA 61 43.38 61.46 -45.02
C ALA BA 61 44.52 62.22 -44.34
N GLY CA 4 20.28 72.08 -2.52
CA GLY CA 4 19.31 72.07 -3.64
C GLY CA 4 18.87 70.65 -3.97
N SER CA 5 19.82 69.84 -4.40
CA SER CA 5 19.67 68.39 -4.71
C SER CA 5 19.33 67.53 -3.48
N ASN CA 6 19.64 68.07 -2.30
CA ASN CA 6 19.29 67.44 -1.03
C ASN CA 6 17.77 67.43 -0.80
N ARG CA 7 17.13 68.54 -1.12
CA ARG CA 7 15.67 68.62 -1.12
C ARG CA 7 15.07 67.56 -2.05
N ARG CA 8 15.54 67.54 -3.30
CA ARG CA 8 15.08 66.59 -4.30
C ARG CA 8 15.21 65.15 -3.81
N LEU CA 9 16.37 64.84 -3.21
CA LEU CA 9 16.64 63.51 -2.67
C LEU CA 9 15.72 63.22 -1.49
N GLN CA 10 15.62 64.18 -0.58
CA GLN CA 10 14.81 64.01 0.63
C GLN CA 10 13.40 63.53 0.32
N GLN CA 11 12.82 64.04 -0.77
CA GLN CA 11 11.48 63.65 -1.21
C GLN CA 11 11.43 62.16 -1.53
N THR CA 12 12.35 61.73 -2.36
CA THR CA 12 12.37 60.36 -2.82
C THR CA 12 12.43 59.45 -1.60
N GLN CA 13 13.26 59.79 -0.64
CA GLN CA 13 13.41 58.98 0.56
C GLN CA 13 12.05 58.73 1.16
N ALA CA 14 11.32 59.80 1.40
CA ALA CA 14 9.99 59.72 1.99
C ALA CA 14 9.02 58.97 1.07
N GLN CA 15 9.18 59.14 -0.23
CA GLN CA 15 8.28 58.52 -1.20
C GLN CA 15 8.40 57.00 -1.19
N VAL CA 16 9.64 56.54 -1.05
CA VAL CA 16 9.95 55.12 -1.01
C VAL CA 16 9.48 54.52 0.28
N ASP CA 17 9.66 55.23 1.38
CA ASP CA 17 9.20 54.75 2.67
C ASP CA 17 7.72 54.43 2.63
N GLU CA 18 6.93 55.31 2.02
CA GLU CA 18 5.49 55.07 1.88
C GLU CA 18 5.27 53.74 1.15
N VAL CA 19 5.85 53.64 -0.03
CA VAL CA 19 5.68 52.46 -0.86
C VAL CA 19 5.96 51.19 -0.08
N VAL CA 20 7.02 51.22 0.71
CA VAL CA 20 7.39 50.08 1.50
C VAL CA 20 6.25 49.67 2.43
N ASP CA 21 5.66 50.65 3.11
CA ASP CA 21 4.59 50.36 4.06
C ASP CA 21 3.38 49.81 3.35
N ILE CA 22 3.19 50.24 2.12
CA ILE CA 22 2.10 49.73 1.28
C ILE CA 22 2.36 48.29 0.88
N MET CA 23 3.59 48.00 0.51
CA MET CA 23 3.94 46.64 0.13
C MET CA 23 3.83 45.74 1.30
N ARG CA 24 4.18 46.26 2.44
CA ARG CA 24 4.10 45.50 3.66
C ARG CA 24 2.72 44.98 3.95
N VAL CA 25 1.75 45.87 3.82
CA VAL CA 25 0.36 45.50 3.97
C VAL CA 25 0.01 44.45 2.92
N ASN CA 26 0.56 44.62 1.71
CA ASN CA 26 0.35 43.65 0.63
C ASN CA 26 0.97 42.28 0.91
N VAL CA 27 2.07 42.27 1.65
CA VAL CA 27 2.66 41.02 2.06
C VAL CA 27 1.74 40.35 3.06
N ASP CA 28 1.25 41.12 4.01
CA ASP CA 28 0.30 40.60 4.98
C ASP CA 28 -0.88 39.92 4.33
N LYS CA 29 -1.43 40.59 3.33
CA LYS CA 29 -2.60 40.09 2.62
C LYS CA 29 -2.29 38.82 1.85
N VAL CA 30 -1.15 38.78 1.18
CA VAL CA 30 -0.78 37.61 0.39
C VAL CA 30 -0.48 36.41 1.27
N LEU CA 31 0.06 36.67 2.46
CA LEU CA 31 0.29 35.60 3.42
C LEU CA 31 -1.01 35.02 3.94
N GLU CA 32 -2.01 35.87 4.17
CA GLU CA 32 -3.36 35.43 4.53
C GLU CA 32 -3.97 34.67 3.36
N ARG CA 33 -3.71 35.13 2.14
CA ARG CA 33 -4.16 34.45 0.93
C ARG CA 33 -3.51 33.10 0.79
N ASP CA 34 -2.26 33.00 1.20
CA ASP CA 34 -1.55 31.72 1.12
C ASP CA 34 -2.12 30.72 2.10
N GLN CA 35 -2.39 31.17 3.33
CA GLN CA 35 -2.88 30.29 4.38
C GLN CA 35 -4.30 29.79 4.10
N LYS CA 36 -5.08 30.55 3.34
CA LYS CA 36 -6.42 30.11 2.92
C LYS CA 36 -6.36 29.04 1.83
N LEU CA 37 -5.36 29.14 0.95
CA LEU CA 37 -5.16 28.12 -0.08
C LEU CA 37 -4.30 26.96 0.41
N SER DA 2 32.22 72.37 5.84
CA SER DA 2 33.10 72.49 4.64
C SER DA 2 32.63 71.54 3.52
N ALA DA 3 33.14 71.77 2.30
CA ALA DA 3 32.89 70.90 1.15
C ALA DA 3 32.85 69.43 1.54
N LEU DA 4 33.81 69.01 2.38
CA LEU DA 4 33.90 67.63 2.86
C LEU DA 4 32.73 67.27 3.78
N SER DA 5 32.44 68.15 4.75
CA SER DA 5 31.36 67.92 5.71
C SER DA 5 29.99 67.77 5.05
N GLU DA 6 29.77 68.49 3.96
CA GLU DA 6 28.51 68.38 3.20
C GLU DA 6 28.42 67.07 2.43
N ILE DA 7 29.51 66.70 1.75
CA ILE DA 7 29.56 65.44 1.01
C ILE DA 7 29.44 64.26 1.95
N GLU DA 8 30.03 64.39 3.13
CA GLU DA 8 29.93 63.38 4.19
C GLU DA 8 28.47 63.13 4.57
N THR DA 9 27.77 64.20 4.91
CA THR DA 9 26.37 64.10 5.32
C THR DA 9 25.49 63.64 4.16
N ARG DA 10 25.82 64.05 2.94
CA ARG DA 10 25.10 63.60 1.75
C ARG DA 10 25.25 62.11 1.55
N HIS DA 11 26.48 61.67 1.63
CA HIS DA 11 26.77 60.26 1.45
C HIS DA 11 25.96 59.40 2.41
N SER DA 12 25.79 59.87 3.65
CA SER DA 12 25.01 59.13 4.65
C SER DA 12 23.57 58.92 4.21
N GLU DA 13 22.96 59.97 3.65
CA GLU DA 13 21.59 59.86 3.17
C GLU DA 13 21.48 58.98 1.95
N ILE DA 14 22.51 58.94 1.12
CA ILE DA 14 22.52 58.01 0.00
C ILE DA 14 22.40 56.58 0.51
N ILE DA 15 23.22 56.23 1.48
CA ILE DA 15 23.18 54.88 2.06
C ILE DA 15 21.79 54.56 2.64
N LYS DA 16 21.19 55.53 3.33
CA LYS DA 16 19.83 55.35 3.84
C LYS DA 16 18.90 54.96 2.71
N LEU DA 17 19.04 55.64 1.56
CA LEU DA 17 18.18 55.39 0.41
C LEU DA 17 18.45 54.03 -0.20
N GLU DA 18 19.71 53.62 -0.15
CA GLU DA 18 20.08 52.30 -0.66
C GLU DA 18 19.37 51.24 0.18
N ASN DA 19 19.44 51.35 1.50
CA ASN DA 19 18.84 50.36 2.38
C ASN DA 19 17.37 50.20 2.13
N SER DA 20 16.68 51.31 1.91
CA SER DA 20 15.25 51.25 1.69
C SER DA 20 15.00 50.52 0.39
N ILE DA 21 15.64 50.98 -0.67
CA ILE DA 21 15.41 50.39 -1.98
C ILE DA 21 15.74 48.90 -1.98
N ARG DA 22 16.82 48.53 -1.29
CA ARG DA 22 17.18 47.12 -1.16
C ARG DA 22 16.05 46.32 -0.51
N GLU DA 23 15.52 46.83 0.59
CA GLU DA 23 14.47 46.12 1.29
C GLU DA 23 13.22 46.07 0.44
N LEU DA 24 12.89 47.19 -0.19
CA LEU DA 24 11.75 47.24 -1.07
C LEU DA 24 11.91 46.20 -2.16
N HIS DA 25 13.07 46.19 -2.81
CA HIS DA 25 13.36 45.24 -3.86
C HIS DA 25 13.12 43.81 -3.38
N ASP DA 26 13.66 43.47 -2.23
CA ASP DA 26 13.51 42.13 -1.68
C ASP DA 26 12.04 41.75 -1.50
N MET DA 27 11.24 42.71 -1.08
CA MET DA 27 9.81 42.47 -0.94
C MET DA 27 9.19 42.19 -2.28
N PHE DA 28 9.53 42.99 -3.27
CA PHE DA 28 9.01 42.74 -4.60
C PHE DA 28 9.38 41.35 -5.11
N MET DA 29 10.59 40.88 -4.83
CA MET DA 29 11.04 39.57 -5.30
C MET DA 29 10.33 38.47 -4.58
N ASP DA 30 10.22 38.62 -3.27
CA ASP DA 30 9.49 37.66 -2.45
C ASP DA 30 8.04 37.56 -2.88
N MET DA 31 7.46 38.70 -3.19
CA MET DA 31 6.08 38.74 -3.64
C MET DA 31 5.94 37.84 -4.87
N ALA DA 32 6.76 38.10 -5.89
CA ALA DA 32 6.70 37.38 -7.16
C ALA DA 32 6.84 35.87 -6.98
N MET DA 33 7.86 35.45 -6.25
CA MET DA 33 8.08 34.03 -6.03
C MET DA 33 6.93 33.40 -5.28
N LEU DA 34 6.49 34.10 -4.24
CA LEU DA 34 5.40 33.62 -3.39
C LEU DA 34 4.10 33.51 -4.17
N VAL DA 35 3.80 34.52 -4.97
CA VAL DA 35 2.60 34.49 -5.80
C VAL DA 35 2.66 33.44 -6.89
N GLU DA 36 3.83 33.32 -7.52
CA GLU DA 36 4.04 32.32 -8.56
C GLU DA 36 3.78 30.94 -8.00
N SER DA 37 4.28 30.67 -6.80
CA SER DA 37 4.01 29.42 -6.12
C SER DA 37 2.51 29.18 -5.95
N GLN DA 38 1.83 30.15 -5.34
CA GLN DA 38 0.39 30.07 -5.16
C GLN DA 38 -0.36 29.79 -6.47
N GLY DA 39 0.07 30.43 -7.55
CA GLY DA 39 -0.54 30.24 -8.88
C GLY DA 39 -0.62 28.80 -9.31
N GLU DA 40 0.40 28.01 -8.93
CA GLU DA 40 0.45 26.60 -9.30
C GLU DA 40 -0.50 25.75 -8.47
N MET DA 41 -0.83 26.20 -7.28
CA MET DA 41 -1.84 25.52 -6.48
C MET DA 41 -3.21 25.75 -7.08
N ILE DA 42 -3.41 26.96 -7.57
CA ILE DA 42 -4.67 27.29 -8.20
C ILE DA 42 -4.90 26.47 -9.46
N ASP DA 43 -3.85 26.24 -10.22
CA ASP DA 43 -3.95 25.44 -11.44
C ASP DA 43 -4.55 24.08 -11.15
N ARG DA 44 -4.12 23.52 -10.03
CA ARG DA 44 -4.65 22.26 -9.55
C ARG DA 44 -6.14 22.31 -9.26
N ILE DA 45 -6.51 23.28 -8.45
CA ILE DA 45 -7.87 23.39 -8.03
C ILE DA 45 -8.75 23.50 -9.27
N GLU DA 46 -8.30 24.27 -10.25
CA GLU DA 46 -9.05 24.42 -11.49
C GLU DA 46 -9.21 23.10 -12.21
N TYR DA 47 -8.11 22.39 -12.39
CA TYR DA 47 -8.15 21.08 -13.02
C TYR DA 47 -9.08 20.14 -12.27
N ASN DA 48 -8.99 20.19 -10.95
CA ASN DA 48 -9.77 19.34 -10.09
C ASN DA 48 -11.27 19.62 -10.26
N VAL DA 49 -11.64 20.88 -10.14
CA VAL DA 49 -13.03 21.27 -10.27
C VAL DA 49 -13.60 20.93 -11.64
N GLU DA 50 -12.83 21.19 -12.69
CA GLU DA 50 -13.30 20.94 -14.06
C GLU DA 50 -13.67 19.47 -14.30
N HIS DA 51 -12.97 18.57 -13.62
CA HIS DA 51 -13.34 17.16 -13.66
C HIS DA 51 -14.68 16.97 -12.97
N ALA DA 52 -14.80 17.48 -11.75
CA ALA DA 52 -16.04 17.36 -10.99
C ALA DA 52 -17.24 17.87 -11.80
N VAL DA 53 -17.04 18.99 -12.48
CA VAL DA 53 -18.10 19.62 -13.27
C VAL DA 53 -18.53 18.72 -14.42
N ASP DA 54 -17.55 18.15 -15.10
CA ASP DA 54 -17.79 17.24 -16.21
C ASP DA 54 -18.48 15.95 -15.78
N TYR DA 55 -18.08 15.42 -14.62
CA TYR DA 55 -18.70 14.22 -14.07
C TYR DA 55 -20.17 14.47 -13.77
N VAL DA 56 -20.46 15.62 -13.16
CA VAL DA 56 -21.84 16.00 -12.83
C VAL DA 56 -22.69 16.17 -14.08
N GLU DA 57 -22.15 16.86 -15.07
CA GLU DA 57 -22.84 17.09 -16.34
C GLU DA 57 -23.13 15.78 -17.08
N ARG DA 58 -22.17 14.86 -17.03
CA ARG DA 58 -22.33 13.56 -17.68
C ARG DA 58 -23.40 12.71 -16.99
N ALA DA 59 -23.45 12.79 -15.66
CA ALA DA 59 -24.44 12.04 -14.87
C ALA DA 59 -25.85 12.55 -15.17
N VAL DA 60 -26.02 13.87 -15.06
CA VAL DA 60 -27.27 14.58 -15.38
C VAL DA 60 -27.37 14.83 -16.89
N ARG EA 6 49.29 67.62 -0.01
CA ARG EA 6 49.72 66.61 0.99
C ARG EA 6 48.50 66.03 1.75
N ASN EA 7 48.36 66.38 3.03
CA ASN EA 7 47.24 65.92 3.85
C ASN EA 7 45.93 66.46 3.33
N GLU EA 8 45.93 67.71 2.93
CA GLU EA 8 44.75 68.30 2.31
C GLU EA 8 44.53 67.74 0.91
N LEU EA 9 45.60 67.70 0.11
CA LEU EA 9 45.51 67.14 -1.26
C LEU EA 9 45.20 65.63 -1.24
N GLU EA 10 46.16 64.79 -0.86
CA GLU EA 10 45.90 63.33 -0.83
C GLU EA 10 44.76 63.03 0.12
N GLU EA 11 44.89 63.47 1.37
CA GLU EA 11 43.91 63.05 2.37
C GLU EA 11 42.54 63.71 2.15
N MET EA 12 42.44 65.03 2.26
CA MET EA 12 41.15 65.70 2.03
C MET EA 12 40.68 65.48 0.59
N GLN EA 13 41.56 65.69 -0.38
CA GLN EA 13 41.13 65.64 -1.78
C GLN EA 13 40.84 64.28 -2.35
N ARG EA 14 41.81 63.38 -2.18
CA ARG EA 14 41.64 62.01 -2.64
C ARG EA 14 40.44 61.37 -1.97
N ARG EA 15 40.20 61.74 -0.71
CA ARG EA 15 38.99 61.29 -0.02
C ARG EA 15 37.72 61.84 -0.53
N ALA EA 16 37.76 63.10 -0.92
CA ALA EA 16 36.59 63.74 -1.49
C ALA EA 16 36.15 62.95 -2.73
N ASP EA 17 37.10 62.73 -3.63
CA ASP EA 17 36.80 61.99 -4.87
C ASP EA 17 36.38 60.55 -4.59
N GLN EA 18 37.09 59.93 -3.64
CA GLN EA 18 36.75 58.61 -3.14
C GLN EA 18 35.27 58.56 -2.78
N LEU EA 19 34.85 59.42 -1.87
CA LEU EA 19 33.47 59.44 -1.38
C LEU EA 19 32.48 59.72 -2.50
N ALA EA 20 32.84 60.67 -3.37
CA ALA EA 20 31.98 61.04 -4.48
C ALA EA 20 31.77 59.86 -5.42
N ASP EA 21 32.83 59.12 -5.67
CA ASP EA 21 32.76 58.00 -6.58
C ASP EA 21 31.87 56.88 -6.00
N GLU EA 22 31.98 56.64 -4.69
CA GLU EA 22 31.15 55.63 -4.02
C GLU EA 22 29.68 55.99 -4.08
N SER EA 23 29.40 57.28 -3.98
CA SER EA 23 28.03 57.78 -4.10
C SER EA 23 27.50 57.54 -5.51
N LEU EA 24 28.34 57.79 -6.50
CA LEU EA 24 27.94 57.53 -7.88
C LEU EA 24 27.53 56.08 -8.03
N GLU EA 25 28.43 55.16 -7.65
CA GLU EA 25 28.17 53.73 -7.80
C GLU EA 25 26.98 53.27 -6.98
N SER EA 26 26.65 54.00 -5.92
CA SER EA 26 25.46 53.71 -5.15
C SER EA 26 24.21 53.98 -5.98
N THR EA 27 24.19 55.12 -6.65
CA THR EA 27 23.04 55.47 -7.48
C THR EA 27 22.92 54.53 -8.66
N ARG EA 28 24.06 54.03 -9.14
CA ARG EA 28 24.04 53.04 -10.21
C ARG EA 28 23.30 51.82 -9.73
N ARG EA 29 23.64 51.36 -8.54
CA ARG EA 29 22.95 50.22 -7.95
C ARG EA 29 21.49 50.47 -7.84
N MET EA 30 21.14 51.57 -7.21
CA MET EA 30 19.74 51.89 -6.98
C MET EA 30 18.96 51.75 -8.27
N LEU EA 31 19.53 52.26 -9.35
CA LEU EA 31 18.86 52.24 -10.63
C LEU EA 31 18.49 50.82 -11.05
N GLN EA 32 19.42 49.89 -10.91
CA GLN EA 32 19.18 48.50 -11.33
C GLN EA 32 18.24 47.77 -10.39
N LEU EA 33 18.23 48.18 -9.13
CA LEU EA 33 17.34 47.58 -8.15
C LEU EA 33 15.91 47.97 -8.45
N VAL EA 34 15.72 49.25 -8.76
CA VAL EA 34 14.40 49.76 -9.05
C VAL EA 34 13.89 49.14 -10.32
N GLU EA 35 14.75 49.02 -11.33
CA GLU EA 35 14.34 48.44 -12.61
C GLU EA 35 13.95 46.99 -12.43
N GLU EA 36 14.68 46.27 -11.58
CA GLU EA 36 14.40 44.86 -11.37
C GLU EA 36 13.11 44.67 -10.62
N SER EA 37 12.83 45.58 -9.69
CA SER EA 37 11.58 45.57 -8.97
C SER EA 37 10.40 45.80 -9.90
N LYS EA 38 10.62 46.61 -10.94
CA LYS EA 38 9.60 46.85 -11.95
C LYS EA 38 9.29 45.55 -12.67
N ASP EA 39 10.33 44.82 -13.06
CA ASP EA 39 10.15 43.53 -13.72
C ASP EA 39 9.37 42.63 -12.82
N ALA EA 40 9.75 42.61 -11.54
CA ALA EA 40 9.05 41.82 -10.54
C ALA EA 40 7.59 42.24 -10.42
N GLY EA 41 7.37 43.55 -10.33
CA GLY EA 41 6.02 44.08 -10.21
C GLY EA 41 5.16 43.66 -11.40
N ILE EA 42 5.66 44.00 -12.58
CA ILE EA 42 4.97 43.66 -13.82
C ILE EA 42 4.65 42.18 -13.86
N ARG EA 43 5.63 41.35 -13.60
CA ARG EA 43 5.41 39.91 -13.57
C ARG EA 43 4.25 39.55 -12.65
N THR EA 44 4.26 40.11 -11.45
CA THR EA 44 3.29 39.74 -10.44
C THR EA 44 1.88 40.09 -10.92
N LEU EA 45 1.75 41.25 -11.55
CA LEU EA 45 0.46 41.71 -12.04
C LEU EA 45 -0.09 40.78 -13.12
N VAL EA 46 0.80 40.29 -13.98
CA VAL EA 46 0.39 39.40 -15.04
C VAL EA 46 -0.16 38.10 -14.47
N MET EA 47 0.53 37.57 -13.49
CA MET EA 47 0.12 36.31 -12.87
C MET EA 47 -1.21 36.49 -12.18
N LEU EA 48 -1.36 37.58 -11.44
CA LEU EA 48 -2.59 37.85 -10.71
C LEU EA 48 -3.78 37.99 -11.65
N ASP EA 49 -3.55 38.66 -12.76
CA ASP EA 49 -4.58 38.86 -13.77
C ASP EA 49 -4.98 37.54 -14.39
N GLU EA 50 -3.98 36.71 -14.73
CA GLU EA 50 -4.23 35.41 -15.31
C GLU EA 50 -4.95 34.51 -14.31
N GLN EA 51 -4.51 34.55 -13.06
CA GLN EA 51 -5.18 33.84 -11.99
C GLN EA 51 -6.60 34.35 -11.78
N GLY EA 52 -6.83 35.62 -12.10
CA GLY EA 52 -8.18 36.17 -12.06
C GLY EA 52 -9.14 35.38 -12.92
N GLU EA 53 -8.74 35.12 -14.16
CA GLU EA 53 -9.58 34.35 -15.09
C GLU EA 53 -9.82 32.95 -14.55
N GLN EA 54 -8.79 32.38 -13.95
CA GLN EA 54 -8.90 31.04 -13.41
C GLN EA 54 -9.93 31.00 -12.29
N LEU EA 55 -9.80 31.90 -11.32
CA LEU EA 55 -10.70 31.93 -10.18
C LEU EA 55 -12.14 32.19 -10.59
N ASP EA 56 -12.33 33.05 -11.60
CA ASP EA 56 -13.66 33.35 -12.11
C ASP EA 56 -14.31 32.12 -12.72
N ARG EA 57 -13.52 31.31 -13.43
CA ARG EA 57 -14.03 30.07 -14.00
C ARG EA 57 -14.29 29.02 -12.93
N VAL EA 58 -13.54 29.09 -11.83
CA VAL EA 58 -13.77 28.19 -10.71
C VAL EA 58 -15.09 28.48 -10.04
N GLU EA 59 -15.34 29.76 -9.75
CA GLU EA 59 -16.62 30.17 -9.16
C GLU EA 59 -17.78 29.87 -10.11
N GLU EA 60 -17.55 30.01 -11.41
CA GLU EA 60 -18.53 29.61 -12.42
C GLU EA 60 -18.82 28.11 -12.33
N GLY EA 61 -17.77 27.33 -12.08
CA GLY EA 61 -17.92 25.91 -11.82
C GLY EA 61 -18.80 25.64 -10.62
N MET EA 62 -18.58 26.36 -9.52
CA MET EA 62 -19.40 26.21 -8.31
C MET EA 62 -20.86 26.53 -8.58
N ASN EA 63 -21.10 27.56 -9.37
CA ASN EA 63 -22.46 27.96 -9.74
C ASN EA 63 -23.13 26.93 -10.66
N HIS EA 64 -22.37 26.37 -11.60
CA HIS EA 64 -22.89 25.32 -12.46
C HIS EA 64 -23.35 24.12 -11.64
N ILE EA 65 -22.50 23.68 -10.71
CA ILE EA 65 -22.84 22.55 -9.85
C ILE EA 65 -24.13 22.81 -9.09
N ASN EA 66 -24.25 24.02 -8.53
CA ASN EA 66 -25.47 24.45 -7.81
C ASN EA 66 -26.71 24.38 -8.69
N GLN EA 67 -26.57 24.77 -9.95
CA GLN EA 67 -27.66 24.69 -10.91
C GLN EA 67 -28.10 23.25 -11.11
N ASP EA 68 -27.13 22.36 -11.28
CA ASP EA 68 -27.38 20.94 -11.57
C ASP EA 68 -27.93 20.18 -10.38
N MET EA 69 -27.72 20.71 -9.17
CA MET EA 69 -28.32 20.16 -7.96
C MET EA 69 -29.85 20.43 -7.94
N LYS EA 70 -30.19 21.69 -8.19
CA LYS EA 70 -31.60 22.09 -8.20
C LYS EA 70 -32.34 21.43 -9.37
N GLU EA 71 -31.64 21.26 -10.50
CA GLU EA 71 -32.21 20.64 -11.69
C GLU EA 71 -32.34 19.12 -11.54
N ALA EA 72 -31.30 18.50 -11.00
CA ALA EA 72 -31.29 17.05 -10.81
C ALA EA 72 -32.33 16.60 -9.77
N GLU EA 73 -32.37 17.29 -8.63
CA GLU EA 73 -33.30 16.97 -7.54
C GLU EA 73 -34.73 17.24 -7.98
N LYS EA 74 -34.95 18.43 -8.52
CA LYS EA 74 -36.33 18.83 -8.90
C LYS EA 74 -36.90 17.96 -10.03
N ASN EA 75 -36.08 17.77 -11.07
CA ASN EA 75 -36.49 17.01 -12.26
C ASN EA 75 -36.59 15.52 -12.04
N LEU EA 76 -35.55 14.92 -11.47
CA LEU EA 76 -35.59 13.51 -11.18
C LEU EA 76 -36.80 13.22 -10.27
N LYS EA 77 -37.11 14.15 -9.37
CA LYS EA 77 -38.26 14.01 -8.48
C LYS EA 77 -39.59 14.08 -9.22
N GLY FA 1 33.96 66.57 -10.06
CA GLY FA 1 32.93 67.26 -9.25
C GLY FA 1 31.62 67.48 -9.98
N SER FA 2 31.66 68.33 -11.01
CA SER FA 2 30.47 68.83 -11.73
C SER FA 2 29.72 67.78 -12.58
N ALA FA 3 30.47 67.05 -13.40
CA ALA FA 3 29.90 66.03 -14.30
C ALA FA 3 29.34 64.82 -13.53
N ARG FA 4 29.93 64.55 -12.36
CA ARG FA 4 29.45 63.47 -11.47
C ARG FA 4 28.08 63.84 -10.90
N GLU FA 5 27.97 65.08 -10.42
CA GLU FA 5 26.69 65.60 -9.93
C GLU FA 5 25.60 65.49 -11.00
N ASN FA 6 25.95 65.84 -12.24
CA ASN FA 6 24.99 65.80 -13.35
C ASN FA 6 24.43 64.39 -13.52
N GLU FA 7 25.32 63.44 -13.76
CA GLU FA 7 24.91 62.06 -14.00
C GLU FA 7 24.23 61.47 -12.77
N MET FA 8 24.79 61.74 -11.60
CA MET FA 8 24.24 61.24 -10.35
C MET FA 8 22.82 61.73 -10.13
N ASP FA 9 22.61 63.04 -10.24
CA ASP FA 9 21.28 63.63 -10.03
C ASP FA 9 20.30 63.21 -11.12
N GLU FA 10 20.82 62.94 -12.32
CA GLU FA 10 19.99 62.42 -13.43
C GLU FA 10 19.44 61.04 -13.07
N ASN FA 11 20.32 60.19 -12.57
CA ASN FA 11 19.89 58.87 -12.12
C ASN FA 11 18.85 59.00 -11.01
N LEU FA 12 19.14 59.84 -10.02
CA LEU FA 12 18.25 60.03 -8.89
C LEU FA 12 16.85 60.41 -9.34
N GLU FA 13 16.77 61.41 -10.21
CA GLU FA 13 15.49 61.85 -10.72
C GLU FA 13 14.80 60.75 -11.53
N GLN FA 14 15.59 60.01 -12.30
CA GLN FA 14 15.06 58.89 -13.08
C GLN FA 14 14.45 57.84 -12.16
N VAL FA 15 15.15 57.56 -11.07
CA VAL FA 15 14.68 56.58 -10.11
C VAL FA 15 13.37 57.05 -9.49
N SER FA 16 13.35 58.28 -8.99
CA SER FA 16 12.18 58.81 -8.30
C SER FA 16 10.92 58.66 -9.12
N GLY FA 17 11.04 58.97 -10.41
CA GLY FA 17 9.92 58.84 -11.33
C GLY FA 17 9.42 57.41 -11.42
N ILE FA 18 10.37 56.48 -11.55
CA ILE FA 18 10.02 55.06 -11.67
C ILE FA 18 9.45 54.53 -10.36
N ILE FA 19 9.95 55.04 -9.24
CA ILE FA 19 9.39 54.69 -7.94
C ILE FA 19 7.93 55.10 -7.82
N GLY FA 20 7.58 56.21 -8.46
CA GLY FA 20 6.19 56.62 -8.55
C GLY FA 20 5.34 55.55 -9.19
N ASN FA 21 5.85 54.90 -10.24
CA ASN FA 21 5.11 53.86 -10.95
C ASN FA 21 4.95 52.65 -10.07
N LEU FA 22 5.97 52.36 -9.27
CA LEU FA 22 5.91 51.23 -8.36
C LEU FA 22 4.81 51.43 -7.34
N ARG FA 23 4.68 52.66 -6.86
CA ARG FA 23 3.62 52.99 -5.91
C ARG FA 23 2.27 52.63 -6.51
N HIS FA 24 2.05 53.09 -7.74
CA HIS FA 24 0.80 52.85 -8.44
C HIS FA 24 0.58 51.36 -8.61
N MET FA 25 1.64 50.64 -8.95
CA MET FA 25 1.52 49.20 -9.12
C MET FA 25 1.24 48.51 -7.81
N ALA FA 26 1.85 49.00 -6.74
CA ALA FA 26 1.65 48.40 -5.41
C ALA FA 26 0.20 48.47 -4.97
N LEU FA 27 -0.42 49.63 -5.17
CA LEU FA 27 -1.81 49.83 -4.80
C LEU FA 27 -2.77 48.97 -5.63
N ASP FA 28 -2.50 48.86 -6.92
CA ASP FA 28 -3.32 48.03 -7.83
C ASP FA 28 -3.32 46.59 -7.39
N MET FA 29 -2.13 46.09 -7.05
CA MET FA 29 -2.00 44.74 -6.52
C MET FA 29 -2.80 44.57 -5.25
N GLY FA 30 -2.68 45.51 -4.33
CA GLY FA 30 -3.42 45.46 -3.08
C GLY FA 30 -4.91 45.23 -3.35
N ASN FA 31 -5.50 46.07 -4.18
CA ASN FA 31 -6.93 46.00 -4.48
C ASN FA 31 -7.28 44.71 -5.19
N GLU FA 32 -6.41 44.27 -6.09
CA GLU FA 32 -6.64 43.07 -6.86
C GLU FA 32 -6.72 41.88 -5.92
N ILE FA 33 -5.77 41.79 -5.00
CA ILE FA 33 -5.70 40.66 -4.08
C ILE FA 33 -6.90 40.66 -3.16
N ASP FA 34 -7.25 41.82 -2.63
CA ASP FA 34 -8.41 41.94 -1.76
C ASP FA 34 -9.67 41.38 -2.42
N THR FA 35 -9.88 41.75 -3.67
CA THR FA 35 -11.03 41.30 -4.43
C THR FA 35 -11.00 39.79 -4.62
N GLN FA 36 -9.83 39.25 -4.92
CA GLN FA 36 -9.70 37.81 -5.11
C GLN FA 36 -9.84 37.04 -3.80
N ASN FA 37 -9.37 37.62 -2.70
CA ASN FA 37 -9.52 36.97 -1.38
C ASN FA 37 -10.96 36.76 -1.00
N ARG FA 38 -11.78 37.78 -1.22
CA ARG FA 38 -13.22 37.66 -1.00
C ARG FA 38 -13.80 36.57 -1.91
N GLN FA 39 -13.38 36.57 -3.18
CA GLN FA 39 -13.90 35.61 -4.15
C GLN FA 39 -13.59 34.17 -3.71
N ILE FA 40 -12.38 33.96 -3.21
CA ILE FA 40 -11.98 32.65 -2.69
C ILE FA 40 -12.85 32.21 -1.52
N ASP FA 41 -13.17 33.15 -0.63
CA ASP FA 41 -14.03 32.85 0.50
C ASP FA 41 -15.44 32.44 0.05
N ARG FA 42 -15.95 33.09 -0.99
CA ARG FA 42 -17.26 32.74 -1.55
C ARG FA 42 -17.23 31.38 -2.22
N ILE FA 43 -16.17 31.10 -2.97
CA ILE FA 43 -16.01 29.80 -3.60
C ILE FA 43 -15.90 28.69 -2.54
N MET FA 44 -15.22 28.99 -1.43
CA MET FA 44 -15.10 28.05 -0.31
C MET FA 44 -16.47 27.70 0.27
N GLU FA 45 -17.30 28.72 0.45
CA GLU FA 45 -18.65 28.54 1.01
C GLU FA 45 -19.61 27.86 0.03
N LYS FA 46 -19.49 28.20 -1.27
CA LYS FA 46 -20.32 27.60 -2.31
C LYS FA 46 -19.95 26.14 -2.54
N ALA FA 47 -18.65 25.85 -2.51
CA ALA FA 47 -18.19 24.48 -2.64
C ALA FA 47 -18.69 23.62 -1.49
N ASP FA 48 -18.58 24.16 -0.27
CA ASP FA 48 -19.04 23.44 0.92
C ASP FA 48 -20.55 23.21 0.89
N SER FA 49 -21.30 24.25 0.52
CA SER FA 49 -22.76 24.16 0.41
C SER FA 49 -23.19 23.13 -0.64
N ASN FA 50 -22.53 23.17 -1.81
CA ASN FA 50 -22.81 22.21 -2.89
C ASN FA 50 -22.42 20.78 -2.51
N LYS FA 51 -21.30 20.63 -1.81
CA LYS FA 51 -20.88 19.32 -1.33
C LYS FA 51 -21.88 18.72 -0.32
N THR FA 52 -22.47 19.55 0.56
CA THR FA 52 -23.50 19.10 1.51
C THR FA 52 -24.79 18.67 0.81
N ARG FA 53 -25.20 19.48 -0.16
CA ARG FA 53 -26.40 19.20 -0.96
C ARG FA 53 -26.25 17.95 -1.83
N ILE FA 54 -25.04 17.76 -2.39
CA ILE FA 54 -24.75 16.57 -3.20
C ILE FA 54 -24.69 15.32 -2.34
N ASP FA 55 -24.21 15.46 -1.11
CA ASP FA 55 -24.19 14.34 -0.16
C ASP FA 55 -25.62 13.90 0.16
N GLU FA 56 -26.49 14.86 0.46
CA GLU FA 56 -27.89 14.59 0.78
C GLU FA 56 -28.69 14.04 -0.41
N ALA FA 57 -28.59 14.70 -1.55
CA ALA FA 57 -29.35 14.35 -2.75
C ALA FA 57 -28.99 12.96 -3.25
N ASN FA 58 -27.70 12.66 -3.21
CA ASN FA 58 -27.17 11.37 -3.65
C ASN FA 58 -27.58 10.25 -2.73
N GLN FA 59 -27.39 10.50 -1.45
CA GLN FA 59 -27.69 9.55 -0.40
C GLN FA 59 -29.13 9.13 -0.36
N ARG FA 60 -30.00 10.11 -0.52
CA ARG FA 60 -31.43 9.89 -0.51
C ARG FA 60 -31.90 9.27 -1.81
N ALA FA 61 -31.41 9.79 -2.94
CA ALA FA 61 -31.80 9.29 -4.25
C ALA FA 61 -31.36 7.85 -4.46
N THR FA 62 -30.26 7.45 -3.84
CA THR FA 62 -29.78 6.07 -3.93
C THR FA 62 -30.38 5.20 -2.82
N GLY GA 4 -70.59 -94.07 -29.76
CA GLY GA 4 -70.57 -92.58 -29.87
C GLY GA 4 -69.19 -92.02 -29.57
N SER GA 5 -68.68 -91.22 -30.51
CA SER GA 5 -67.35 -90.62 -30.39
C SER GA 5 -67.26 -89.39 -31.28
N LYS GA 6 -67.45 -88.22 -30.67
CA LYS GA 6 -67.33 -86.94 -31.36
C LYS GA 6 -66.19 -86.13 -30.79
N LEU GA 7 -64.98 -86.38 -31.28
CA LEU GA 7 -63.81 -85.69 -30.76
C LEU GA 7 -62.77 -85.32 -31.79
N PRO GA 8 -63.17 -84.45 -32.72
CA PRO GA 8 -62.24 -83.52 -33.34
C PRO GA 8 -62.17 -82.23 -32.50
N ASP GA 9 -63.29 -81.89 -31.85
CA ASP GA 9 -63.41 -80.76 -30.91
C ASP GA 9 -62.30 -80.69 -29.86
N ALA GA 10 -61.83 -81.86 -29.45
CA ALA GA 10 -60.62 -81.93 -28.66
C ALA GA 10 -59.50 -81.30 -29.47
N ALA GA 11 -59.24 -81.85 -30.66
CA ALA GA 11 -58.15 -81.38 -31.53
C ALA GA 11 -58.23 -79.88 -31.82
N LYS GA 12 -59.44 -79.39 -32.07
CA LYS GA 12 -59.65 -77.98 -32.37
C LYS GA 12 -59.20 -77.08 -31.22
N LYS GA 13 -59.81 -77.28 -30.06
CA LYS GA 13 -59.60 -76.42 -28.89
C LYS GA 13 -58.21 -76.59 -28.29
N GLU GA 15 -55.44 -77.14 -30.30
CA GLU GA 15 -54.68 -76.26 -31.15
C GLU GA 15 -54.93 -74.82 -30.77
N GLU GA 16 -56.18 -74.46 -30.49
CA GLU GA 16 -56.55 -73.08 -30.17
C GLU GA 16 -55.90 -72.58 -28.89
N ALA GA 17 -55.72 -73.46 -27.91
CA ALA GA 17 -55.01 -73.08 -26.69
C ALA GA 17 -53.59 -72.70 -27.10
N GLN GA 18 -52.92 -73.61 -27.80
CA GLN GA 18 -51.52 -73.43 -28.19
C GLN GA 18 -51.28 -72.20 -29.06
N GLU GA 19 -52.30 -71.79 -29.81
CA GLU GA 19 -52.25 -70.52 -30.56
C GLU GA 19 -52.25 -69.35 -29.58
N ALA GA 20 -53.03 -69.49 -28.51
CA ALA GA 20 -53.05 -68.51 -27.44
C ALA GA 20 -51.68 -68.50 -26.74
N LEU GA 21 -51.11 -69.68 -26.55
CA LEU GA 21 -49.79 -69.80 -25.93
C LEU GA 21 -48.67 -69.25 -26.81
N ARG GA 22 -48.76 -69.48 -28.12
CA ARG GA 22 -47.74 -69.00 -29.05
C ARG GA 22 -47.79 -67.48 -29.21
N GLN GA 23 -48.99 -66.90 -29.18
CA GLN GA 23 -49.12 -65.42 -29.21
C GLN GA 23 -48.94 -64.76 -27.83
N ALA GA 24 -48.93 -65.54 -26.75
CA ALA GA 24 -48.47 -65.04 -25.45
C ALA GA 24 -46.94 -65.05 -25.39
N GLU GA 25 -46.32 -65.92 -26.17
CA GLU GA 25 -44.88 -65.87 -26.37
C GLU GA 25 -44.52 -64.59 -27.10
N GLU GA 26 -45.31 -64.23 -28.11
CA GLU GA 26 -45.07 -62.98 -28.83
C GLU GA 26 -45.47 -61.72 -28.06
N GLU GA 27 -46.16 -61.89 -26.93
CA GLU GA 27 -46.39 -60.80 -25.96
C GLU GA 27 -45.17 -60.63 -25.05
N ARG GA 28 -44.67 -61.75 -24.54
CA ARG GA 28 -43.40 -61.77 -23.82
C ARG GA 28 -42.31 -61.13 -24.69
N LYS GA 29 -42.18 -61.56 -25.95
CA LYS GA 29 -41.11 -61.08 -26.85
C LYS GA 29 -41.25 -59.60 -27.25
N ALA GA 30 -42.41 -59.22 -27.79
CA ALA GA 30 -42.63 -57.85 -28.28
C ALA GA 30 -42.61 -56.82 -27.17
N LYS GA 31 -43.38 -57.08 -26.10
CA LYS GA 31 -43.54 -56.12 -25.00
C LYS GA 31 -42.34 -56.01 -24.06
N TYR GA 32 -41.35 -56.88 -24.24
CA TYR GA 32 -40.09 -56.77 -23.52
C TYR GA 32 -39.04 -56.12 -24.40
N ALA GA 33 -39.20 -56.27 -25.72
CA ALA GA 33 -38.40 -55.52 -26.67
C ALA GA 33 -38.62 -54.03 -26.40
N LYS GA 34 -39.89 -53.60 -26.36
CA LYS GA 34 -40.23 -52.19 -26.15
C LYS GA 34 -40.06 -51.76 -24.68
N GLU GA 36 -37.08 -52.42 -23.00
CA GLU GA 36 -35.73 -51.86 -23.05
C GLU GA 36 -35.71 -50.56 -23.86
N ALA GA 37 -36.53 -50.52 -24.91
CA ALA GA 37 -36.76 -49.27 -25.64
C ALA GA 37 -37.05 -48.13 -24.67
N GLU GA 38 -38.12 -48.28 -23.89
CA GLU GA 38 -38.55 -47.24 -22.93
C GLU GA 38 -37.64 -47.07 -21.72
N ARG GA 39 -36.72 -48.02 -21.50
CA ARG GA 39 -35.78 -47.87 -20.41
C ARG GA 39 -34.61 -47.02 -20.86
N GLU GA 40 -34.06 -47.27 -22.05
CA GLU GA 40 -32.94 -46.47 -22.54
C GLU GA 40 -33.36 -45.07 -22.95
N ALA GA 41 -34.64 -44.91 -23.27
CA ALA GA 41 -35.22 -43.59 -23.48
C ALA GA 41 -35.18 -42.80 -22.17
N VAL GA 42 -35.56 -43.47 -21.09
CA VAL GA 42 -35.54 -42.86 -19.76
C VAL GA 42 -34.11 -42.55 -19.33
N ARG GA 43 -33.19 -43.48 -19.59
CA ARG GA 43 -31.78 -43.26 -19.31
C ARG GA 43 -31.32 -42.01 -20.01
N GLN GA 44 -31.20 -42.10 -21.33
CA GLN GA 44 -30.58 -41.03 -22.10
C GLN GA 44 -31.29 -39.70 -21.86
N GLY GA 45 -32.61 -39.76 -21.66
CA GLY GA 45 -33.37 -38.59 -21.26
C GLY GA 45 -32.72 -37.94 -20.05
N ILE GA 46 -32.64 -38.70 -18.96
CA ILE GA 46 -32.06 -38.19 -17.73
C ILE GA 46 -30.61 -37.74 -17.93
N ARG GA 47 -29.88 -38.43 -18.78
CA ARG GA 47 -28.48 -38.06 -19.05
C ARG GA 47 -28.38 -36.64 -19.60
N ASP GA 48 -29.15 -36.38 -20.65
CA ASP GA 48 -29.07 -35.10 -21.35
C ASP GA 48 -29.75 -33.94 -20.63
N LYS GA 49 -30.51 -34.22 -19.58
CA LYS GA 49 -31.03 -33.14 -18.74
C LYS GA 49 -30.03 -32.75 -17.64
N TYR GA 50 -29.11 -33.67 -17.32
CA TYR GA 50 -28.06 -33.40 -16.34
C TYR GA 50 -26.67 -33.59 -16.94
N SER HA 5 -7.78 49.73 38.51
CA SER HA 5 -7.63 48.24 38.50
C SER HA 5 -8.98 47.55 38.75
N LYS HA 6 -9.25 46.54 37.92
CA LYS HA 6 -10.49 45.75 37.99
C LYS HA 6 -10.15 44.26 37.87
N LEU HA 7 -9.19 43.81 38.69
CA LEU HA 7 -8.79 42.43 38.71
C LEU HA 7 -8.97 41.81 40.10
N PRO HA 8 -10.24 41.59 40.48
CA PRO HA 8 -10.69 40.41 41.23
C PRO HA 8 -11.08 39.29 40.24
N ASP HA 9 -11.16 39.64 38.96
CA ASP HA 9 -11.63 38.75 37.91
C ASP HA 9 -10.67 37.60 37.72
N ALA HA 10 -9.39 37.87 37.87
CA ALA HA 10 -8.40 36.81 37.96
C ALA HA 10 -8.68 35.93 39.18
N ALA HA 11 -9.12 36.56 40.27
CA ALA HA 11 -9.50 35.82 41.49
C ALA HA 11 -10.66 34.87 41.21
N LYS HA 12 -11.62 35.30 40.40
CA LYS HA 12 -12.68 34.40 39.96
C LYS HA 12 -12.11 33.23 39.15
N LYS HA 13 -11.64 33.53 37.93
CA LYS HA 13 -11.21 32.50 36.96
C LYS HA 13 -10.24 31.49 37.58
N GLU HA 15 -10.20 30.74 40.93
CA GLU HA 15 -10.97 29.91 41.84
C GLU HA 15 -11.75 28.83 41.11
N GLU HA 16 -12.26 29.14 39.91
CA GLU HA 16 -13.06 28.19 39.14
C GLU HA 16 -12.24 27.08 38.49
N ALA HA 17 -11.00 27.37 38.13
CA ALA HA 17 -10.10 26.33 37.63
C ALA HA 17 -9.76 25.35 38.76
N GLN HA 18 -9.34 25.90 39.90
CA GLN HA 18 -9.02 25.10 41.09
C GLN HA 18 -10.26 24.49 41.75
N GLU HA 19 -11.45 24.87 41.28
CA GLU HA 19 -12.68 24.16 41.63
C GLU HA 19 -12.83 22.97 40.67
N ALA HA 20 -12.18 23.06 39.50
CA ALA HA 20 -12.14 21.97 38.51
C ALA HA 20 -11.20 20.88 38.98
N LEU HA 21 -10.07 21.28 39.57
CA LEU HA 21 -9.14 20.33 40.20
C LEU HA 21 -9.57 19.93 41.62
N ARG HA 22 -10.38 20.79 42.26
CA ARG HA 22 -11.10 20.42 43.48
C ARG HA 22 -12.02 19.25 43.15
N GLN HA 23 -12.88 19.41 42.15
CA GLN HA 23 -13.80 18.35 41.70
C GLN HA 23 -13.13 17.23 40.87
N ALA HA 24 -11.88 17.43 40.47
CA ALA HA 24 -11.08 16.37 39.84
C ALA HA 24 -10.67 15.33 40.88
N GLU HA 25 -10.06 15.78 41.97
CA GLU HA 25 -9.68 14.88 43.08
C GLU HA 25 -10.88 14.13 43.63
N GLU HA 26 -11.91 14.89 44.02
CA GLU HA 26 -13.14 14.33 44.57
C GLU HA 26 -13.67 13.17 43.70
N GLU HA 27 -13.84 13.44 42.40
CA GLU HA 27 -14.46 12.47 41.48
C GLU HA 27 -13.52 11.35 41.04
N ARG HA 28 -12.22 11.64 40.94
CA ARG HA 28 -11.22 10.62 40.59
C ARG HA 28 -11.08 9.58 41.70
N LYS HA 29 -10.93 10.02 42.94
CA LYS HA 29 -10.85 9.09 44.06
C LYS HA 29 -12.18 8.35 44.26
N ALA HA 30 -13.29 9.02 43.95
CA ALA HA 30 -14.59 8.36 43.86
C ALA HA 30 -14.52 7.16 42.92
N LYS HA 31 -13.92 7.35 41.74
CA LYS HA 31 -13.78 6.27 40.73
C LYS HA 31 -13.00 5.03 41.18
N TYR HA 32 -12.05 5.19 42.10
CA TYR HA 32 -11.35 4.06 42.71
C TYR HA 32 -12.39 3.22 43.45
N ALA HA 33 -13.09 3.85 44.39
CA ALA HA 33 -14.09 3.15 45.19
C ALA HA 33 -15.10 2.43 44.31
N LYS HA 34 -15.49 3.07 43.22
CA LYS HA 34 -16.53 2.53 42.32
C LYS HA 34 -16.14 1.17 41.80
N GLU HA 36 -13.55 -0.73 42.55
CA GLU HA 36 -13.22 -1.63 43.63
C GLU HA 36 -14.47 -2.42 43.96
N ALA HA 37 -15.39 -1.75 44.64
CA ALA HA 37 -16.62 -2.38 45.10
C ALA HA 37 -17.19 -3.31 44.05
N GLU HA 38 -17.57 -2.74 42.91
CA GLU HA 38 -18.33 -3.48 41.90
C GLU HA 38 -17.57 -4.64 41.28
N ARG HA 39 -16.26 -4.54 41.23
CA ARG HA 39 -15.45 -5.60 40.65
C ARG HA 39 -15.27 -6.68 41.70
N GLU HA 40 -15.32 -6.29 42.97
CA GLU HA 40 -15.25 -7.25 44.07
C GLU HA 40 -16.54 -8.06 44.10
N ALA HA 41 -17.63 -7.45 43.64
CA ALA HA 41 -18.89 -8.13 43.39
C ALA HA 41 -18.70 -9.25 42.38
N VAL HA 42 -17.94 -8.97 41.33
CA VAL HA 42 -17.73 -9.93 40.24
C VAL HA 42 -16.77 -11.01 40.69
N ARG HA 43 -15.82 -10.61 41.55
CA ARG HA 43 -14.94 -11.56 42.19
C ARG HA 43 -15.81 -12.59 42.91
N GLN HA 44 -16.72 -12.10 43.73
CA GLN HA 44 -17.63 -12.97 44.48
C GLN HA 44 -18.60 -13.73 43.56
N GLY HA 45 -19.05 -13.07 42.50
CA GLY HA 45 -19.97 -13.68 41.53
C GLY HA 45 -19.39 -14.94 40.93
N ILE HA 46 -18.08 -14.89 40.68
CA ILE HA 46 -17.35 -16.06 40.25
C ILE HA 46 -17.26 -17.10 41.34
N ARG HA 47 -17.01 -16.64 42.56
CA ARG HA 47 -17.00 -17.55 43.71
C ARG HA 47 -18.31 -18.35 43.86
N ASP HA 48 -19.44 -17.67 43.73
CA ASP HA 48 -20.76 -18.28 43.92
C ASP HA 48 -21.12 -19.26 42.82
N LYS HA 49 -20.67 -18.98 41.59
CA LYS HA 49 -20.93 -19.89 40.48
C LYS HA 49 -20.02 -21.13 40.54
N TYR HA 50 -19.03 -21.12 41.43
CA TYR HA 50 -18.26 -22.33 41.73
C TYR HA 50 -18.05 -22.44 43.25
N LYS IA 6 36.61 5.78 25.39
CA LYS IA 6 37.40 5.87 24.12
C LYS IA 6 36.52 5.56 22.88
N LEU IA 7 36.75 6.31 21.80
CA LEU IA 7 35.88 6.29 20.61
C LEU IA 7 35.96 5.11 19.64
N PRO IA 8 37.17 4.70 19.20
CA PRO IA 8 37.25 3.65 18.17
C PRO IA 8 36.48 2.38 18.57
N ASP IA 9 36.21 2.25 19.86
CA ASP IA 9 35.53 1.09 20.41
C ASP IA 9 34.01 1.13 20.32
N ALA IA 10 33.44 2.31 20.15
CA ALA IA 10 32.04 2.41 19.73
C ALA IA 10 31.90 1.65 18.42
N ALA IA 11 32.85 1.89 17.50
CA ALA IA 11 32.93 1.19 16.22
C ALA IA 11 33.03 -0.33 16.37
N LYS IA 12 33.99 -0.76 17.19
CA LYS IA 12 34.22 -2.18 17.43
C LYS IA 12 32.92 -2.89 17.84
N LYS IA 13 32.41 -2.57 19.03
CA LYS IA 13 31.18 -3.16 19.57
C LYS IA 13 30.05 -3.10 18.55
N GLU IA 15 30.20 -2.57 15.09
CA GLU IA 15 30.44 -3.39 13.92
C GLU IA 15 30.25 -4.87 14.24
N GLU IA 16 30.81 -5.32 15.36
CA GLU IA 16 30.72 -6.73 15.73
C GLU IA 16 29.29 -7.20 16.02
N ALA IA 17 28.42 -6.28 16.43
CA ALA IA 17 26.98 -6.56 16.53
C ALA IA 17 26.41 -6.99 15.16
N GLN IA 18 26.59 -6.13 14.17
CA GLN IA 18 25.99 -6.32 12.83
C GLN IA 18 26.55 -7.46 11.99
N GLU IA 19 27.80 -7.83 12.25
CA GLU IA 19 28.32 -9.09 11.73
C GLU IA 19 27.62 -10.24 12.44
N ALA IA 20 27.27 -10.04 13.71
CA ALA IA 20 26.50 -11.02 14.48
C ALA IA 20 25.06 -11.06 13.99
N LEU IA 21 24.53 -9.89 13.63
CA LEU IA 21 23.23 -9.79 12.99
C LEU IA 21 23.20 -10.60 11.70
N ARG IA 22 24.17 -10.34 10.82
CA ARG IA 22 24.28 -11.08 9.58
C ARG IA 22 24.41 -12.59 9.85
N GLN IA 23 25.10 -12.95 10.93
CA GLN IA 23 25.17 -14.36 11.37
C GLN IA 23 23.83 -14.95 11.81
N ALA IA 24 22.88 -14.06 12.15
CA ALA IA 24 21.48 -14.44 12.46
C ALA IA 24 20.66 -14.77 11.22
N GLU IA 25 20.79 -13.96 10.18
CA GLU IA 25 20.13 -14.26 8.90
C GLU IA 25 20.77 -15.45 8.17
N GLU IA 26 22.08 -15.63 8.33
CA GLU IA 26 22.80 -16.78 7.76
C GLU IA 26 22.39 -18.08 8.41
N GLU IA 27 22.27 -18.10 9.74
CA GLU IA 27 21.74 -19.26 10.48
C GLU IA 27 20.24 -19.48 10.23
N ARG IA 28 19.50 -18.38 10.00
CA ARG IA 28 18.07 -18.45 9.58
C ARG IA 28 17.94 -19.20 8.26
N LYS IA 29 18.78 -18.84 7.31
CA LYS IA 29 18.73 -19.42 5.97
C LYS IA 29 19.40 -20.81 5.88
N ALA IA 30 20.27 -21.14 6.84
CA ALA IA 30 20.92 -22.46 6.91
C ALA IA 30 19.99 -23.50 7.54
N LYS IA 31 19.45 -23.17 8.72
CA LYS IA 31 18.47 -24.00 9.41
C LYS IA 31 17.20 -24.28 8.58
N TYR IA 32 16.85 -23.30 7.74
CA TYR IA 32 15.66 -23.40 6.91
C TYR IA 32 15.90 -24.29 5.68
N ALA IA 33 17.05 -24.10 5.02
CA ALA IA 33 17.38 -24.90 3.85
C ALA IA 33 17.53 -26.37 4.22
N LYS IA 34 18.11 -26.63 5.41
CA LYS IA 34 18.36 -28.01 5.92
C LYS IA 34 17.05 -28.75 6.21
N GLU IA 36 14.20 -28.21 4.39
CA GLU IA 36 13.67 -28.58 3.06
C GLU IA 36 14.35 -29.82 2.50
N ALA IA 37 15.68 -29.85 2.59
CA ALA IA 37 16.52 -30.95 2.11
C ALA IA 37 16.22 -32.29 2.81
N GLU IA 38 16.13 -32.23 4.14
CA GLU IA 38 15.89 -33.42 4.98
C GLU IA 38 14.40 -33.64 5.14
N ARG IA 39 13.62 -32.77 4.50
CA ARG IA 39 12.21 -32.97 4.37
C ARG IA 39 11.98 -33.79 3.11
N GLU IA 40 12.64 -33.35 2.03
CA GLU IA 40 12.57 -34.09 0.78
C GLU IA 40 13.24 -35.45 0.91
N ALA IA 41 14.24 -35.53 1.79
CA ALA IA 41 14.88 -36.81 2.13
C ALA IA 41 13.89 -37.80 2.78
N VAL IA 42 12.97 -37.31 3.62
CA VAL IA 42 11.93 -38.14 4.25
C VAL IA 42 10.90 -38.56 3.22
N ARG IA 43 10.52 -37.64 2.35
CA ARG IA 43 9.66 -37.99 1.23
C ARG IA 43 10.28 -39.12 0.44
N GLN IA 44 11.57 -38.98 0.16
CA GLN IA 44 12.27 -39.97 -0.63
C GLN IA 44 12.44 -41.29 0.12
N GLY IA 45 12.59 -41.24 1.44
CA GLY IA 45 12.70 -42.47 2.25
C GLY IA 45 11.41 -43.28 2.27
N ILE IA 46 10.29 -42.57 2.31
CA ILE IA 46 8.97 -43.17 2.22
C ILE IA 46 8.73 -43.70 0.82
N ARG IA 47 8.96 -42.85 -0.17
CA ARG IA 47 8.96 -43.25 -1.58
C ARG IA 47 9.72 -44.56 -1.80
N ASP IA 48 10.91 -44.64 -1.23
CA ASP IA 48 11.81 -45.78 -1.45
C ASP IA 48 11.22 -47.07 -0.91
N LYS IA 49 10.64 -47.05 0.29
CA LYS IA 49 10.03 -48.27 0.84
C LYS IA 49 8.73 -48.70 0.11
N TYR IA 50 8.12 -47.79 -0.66
CA TYR IA 50 6.94 -48.11 -1.48
C TYR IA 50 7.25 -47.78 -2.95
N LYS JA 6 -36.77 -83.35 35.02
CA LYS JA 6 -36.27 -82.66 36.23
C LYS JA 6 -37.20 -81.52 36.62
N LEU JA 7 -38.06 -81.77 37.62
CA LEU JA 7 -38.92 -80.71 38.15
C LEU JA 7 -38.18 -79.71 39.02
N PRO JA 8 -37.30 -80.16 39.93
CA PRO JA 8 -36.70 -79.14 40.77
C PRO JA 8 -35.97 -78.07 39.95
N ASP JA 9 -35.32 -78.48 38.87
CA ASP JA 9 -34.60 -77.56 38.01
C ASP JA 9 -35.54 -76.65 37.23
N ALA JA 10 -36.64 -77.19 36.73
CA ALA JA 10 -37.60 -76.36 36.00
C ALA JA 10 -38.03 -75.19 36.87
N ALA JA 11 -38.23 -75.43 38.16
CA ALA JA 11 -38.54 -74.36 39.10
C ALA JA 11 -37.38 -73.40 39.21
N LYS JA 12 -36.18 -73.94 39.47
CA LYS JA 12 -34.98 -73.10 39.63
C LYS JA 12 -34.84 -72.15 38.45
N LYS JA 13 -34.65 -72.71 37.27
CA LYS JA 13 -34.43 -71.93 36.03
C LYS JA 13 -35.52 -70.89 35.80
N GLU JA 15 -37.60 -69.41 38.22
CA GLU JA 15 -37.44 -68.34 39.20
C GLU JA 15 -36.11 -67.61 39.03
N GLU JA 16 -35.19 -68.22 38.27
CA GLU JA 16 -33.94 -67.56 37.86
C GLU JA 16 -34.18 -66.43 36.84
N ALA JA 17 -34.98 -66.71 35.81
CA ALA JA 17 -35.30 -65.68 34.81
C ALA JA 17 -36.08 -64.54 35.46
N GLN JA 18 -37.15 -64.93 36.15
CA GLN JA 18 -38.10 -64.01 36.78
C GLN JA 18 -37.47 -63.08 37.82
N GLU JA 19 -36.46 -63.55 38.55
CA GLU JA 19 -35.72 -62.66 39.46
C GLU JA 19 -34.84 -61.72 38.63
N ALA JA 20 -34.38 -62.19 37.46
CA ALA JA 20 -33.64 -61.36 36.50
C ALA JA 20 -34.59 -60.33 35.89
N LEU JA 21 -35.88 -60.64 35.90
CA LEU JA 21 -36.92 -59.66 35.58
C LEU JA 21 -37.04 -58.63 36.67
N ARG JA 22 -37.26 -59.08 37.89
CA ARG JA 22 -37.31 -58.19 39.04
C ARG JA 22 -36.20 -57.16 39.00
N GLN JA 23 -34.99 -57.62 38.67
CA GLN JA 23 -33.84 -56.72 38.59
C GLN JA 23 -33.78 -55.91 37.29
N ALA JA 24 -34.47 -56.36 36.25
CA ALA JA 24 -34.61 -55.58 35.01
C ALA JA 24 -35.57 -54.41 35.22
N GLU JA 25 -36.69 -54.67 35.89
CA GLU JA 25 -37.64 -53.63 36.30
C GLU JA 25 -36.91 -52.59 37.17
N GLU JA 26 -36.30 -53.07 38.25
CA GLU JA 26 -35.63 -52.21 39.23
C GLU JA 26 -34.40 -51.47 38.68
N GLU JA 27 -33.89 -51.92 37.54
CA GLU JA 27 -32.82 -51.24 36.82
C GLU JA 27 -33.41 -50.15 35.91
N ARG JA 28 -34.55 -50.43 35.28
CA ARG JA 28 -35.29 -49.42 34.52
C ARG JA 28 -35.81 -48.33 35.46
N LYS JA 29 -36.22 -48.71 36.67
CA LYS JA 29 -36.65 -47.76 37.70
C LYS JA 29 -35.47 -46.94 38.25
N ALA JA 30 -34.33 -47.60 38.49
CA ALA JA 30 -33.12 -46.94 38.99
C ALA JA 30 -32.61 -45.92 37.98
N LYS JA 31 -32.56 -46.34 36.71
CA LYS JA 31 -32.02 -45.52 35.63
C LYS JA 31 -32.86 -44.29 35.30
N TYR JA 32 -34.14 -44.32 35.62
CA TYR JA 32 -35.02 -43.15 35.46
C TYR JA 32 -35.03 -42.25 36.71
N ALA JA 33 -34.75 -42.84 37.88
CA ALA JA 33 -34.71 -42.07 39.11
C ALA JA 33 -33.47 -41.19 39.11
N LYS JA 34 -32.37 -41.74 38.60
CA LYS JA 34 -31.13 -40.99 38.48
C LYS JA 34 -31.18 -39.99 37.35
N GLU JA 36 -34.03 -38.19 36.24
CA GLU JA 36 -34.79 -37.05 36.74
C GLU JA 36 -33.92 -36.29 37.72
N ALA JA 37 -33.36 -37.01 38.69
CA ALA JA 37 -32.52 -36.40 39.73
C ALA JA 37 -31.39 -35.52 39.16
N GLU JA 38 -30.60 -36.08 38.25
CA GLU JA 38 -29.49 -35.35 37.63
C GLU JA 38 -29.94 -34.45 36.47
N ARG JA 39 -31.24 -34.46 36.18
CA ARG JA 39 -31.83 -33.47 35.30
C ARG JA 39 -32.08 -32.22 36.11
N GLU JA 40 -32.67 -32.39 37.28
CA GLU JA 40 -32.91 -31.27 38.22
C GLU JA 40 -31.61 -30.61 38.67
N ALA JA 41 -30.53 -31.39 38.77
CA ALA JA 41 -29.22 -30.84 39.11
C ALA JA 41 -28.71 -29.91 38.01
N VAL JA 42 -28.94 -30.28 36.76
CA VAL JA 42 -28.55 -29.42 35.63
C VAL JA 42 -29.38 -28.17 35.68
N ARG JA 43 -30.68 -28.36 35.86
CA ARG JA 43 -31.62 -27.26 35.97
C ARG JA 43 -31.18 -26.31 37.08
N GLN JA 44 -30.78 -26.88 38.21
CA GLN JA 44 -30.29 -26.10 39.33
C GLN JA 44 -29.03 -25.34 38.93
N GLY JA 45 -28.10 -26.03 38.26
CA GLY JA 45 -26.85 -25.41 37.84
C GLY JA 45 -27.09 -24.13 37.08
N ILE JA 46 -27.93 -24.22 36.06
CA ILE JA 46 -28.27 -23.06 35.26
C ILE JA 46 -28.95 -22.03 36.15
N ARG JA 47 -30.01 -22.42 36.83
CA ARG JA 47 -30.73 -21.51 37.73
C ARG JA 47 -29.74 -20.69 38.54
N ASP JA 48 -28.76 -21.37 39.11
CA ASP JA 48 -27.80 -20.76 40.02
C ASP JA 48 -27.05 -19.64 39.32
N LYS JA 49 -26.40 -19.95 38.20
CA LYS JA 49 -25.58 -18.93 37.53
C LYS JA 49 -26.36 -17.67 37.11
N TYR JA 50 -27.69 -17.70 37.17
CA TYR JA 50 -28.48 -16.50 36.89
C TYR JA 50 -29.49 -16.22 37.98
N SER KA 5 -31.87 -32.58 -55.83
CA SER KA 5 -30.65 -31.73 -55.84
C SER KA 5 -30.84 -30.50 -56.74
N LYS KA 6 -31.30 -29.42 -56.13
CA LYS KA 6 -31.48 -28.14 -56.81
C LYS KA 6 -30.47 -27.12 -56.23
N LEU KA 7 -29.22 -27.55 -56.09
CA LEU KA 7 -28.18 -26.79 -55.39
C LEU KA 7 -26.90 -26.61 -56.23
N PRO KA 8 -26.93 -25.62 -57.14
CA PRO KA 8 -25.76 -24.91 -57.59
C PRO KA 8 -25.83 -23.52 -56.93
N ASP KA 9 -26.73 -23.38 -55.97
CA ASP KA 9 -26.97 -22.13 -55.32
C ASP KA 9 -25.80 -21.82 -54.42
N ALA KA 10 -25.50 -22.74 -53.51
CA ALA KA 10 -24.31 -22.62 -52.67
C ALA KA 10 -23.11 -22.28 -53.54
N ALA KA 11 -23.07 -22.84 -54.76
CA ALA KA 11 -22.03 -22.51 -55.74
C ALA KA 11 -22.08 -21.04 -56.10
N LYS KA 12 -23.28 -20.51 -56.34
CA LYS KA 12 -23.41 -19.10 -56.61
C LYS KA 12 -23.17 -18.22 -55.34
N LYS KA 13 -23.38 -18.79 -54.14
CA LYS KA 13 -23.06 -18.06 -52.90
C LYS KA 13 -21.55 -17.84 -52.73
N GLU KA 15 -19.42 -17.53 -55.47
CA GLU KA 15 -19.17 -16.44 -56.43
C GLU KA 15 -19.49 -15.06 -55.83
N GLU KA 16 -20.59 -14.95 -55.08
CA GLU KA 16 -21.01 -13.67 -54.50
C GLU KA 16 -20.16 -13.23 -53.31
N ALA KA 17 -19.89 -14.15 -52.38
CA ALA KA 17 -19.14 -13.79 -51.17
C ALA KA 17 -17.66 -13.54 -51.48
N GLN KA 18 -17.01 -14.53 -52.07
CA GLN KA 18 -15.57 -14.47 -52.40
C GLN KA 18 -15.24 -13.37 -53.43
N GLU KA 19 -16.20 -13.01 -54.28
CA GLU KA 19 -16.06 -11.81 -55.08
C GLU KA 19 -16.11 -10.58 -54.18
N ALA KA 20 -16.84 -10.69 -53.06
CA ALA KA 20 -16.96 -9.60 -52.07
C ALA KA 20 -15.68 -9.42 -51.24
N LEU KA 21 -15.01 -10.54 -50.94
CA LEU KA 21 -13.71 -10.52 -50.24
C LEU KA 21 -12.53 -10.28 -51.21
N ARG KA 22 -12.70 -10.69 -52.46
CA ARG KA 22 -11.77 -10.33 -53.53
C ARG KA 22 -11.79 -8.82 -53.74
N GLN KA 23 -12.99 -8.24 -53.88
CA GLN KA 23 -13.16 -6.78 -53.99
C GLN KA 23 -12.89 -6.04 -52.66
N ALA KA 24 -12.93 -6.75 -51.54
CA ALA KA 24 -12.53 -6.20 -50.26
C ALA KA 24 -11.03 -5.87 -50.23
N GLU KA 25 -10.21 -6.84 -50.61
CA GLU KA 25 -8.74 -6.64 -50.66
C GLU KA 25 -8.33 -5.57 -51.68
N GLU KA 26 -8.82 -5.71 -52.90
CA GLU KA 26 -8.54 -4.76 -53.99
C GLU KA 26 -8.69 -3.32 -53.51
N GLU KA 27 -9.79 -3.04 -52.82
CA GLU KA 27 -10.05 -1.71 -52.27
C GLU KA 27 -9.16 -1.39 -51.07
N ARG KA 28 -9.00 -2.35 -50.16
CA ARG KA 28 -8.18 -2.16 -48.95
C ARG KA 28 -6.75 -1.73 -49.27
N LYS KA 29 -6.03 -2.55 -50.02
CA LYS KA 29 -4.64 -2.26 -50.34
C LYS KA 29 -4.49 -1.11 -51.33
N ALA KA 30 -5.37 -1.06 -52.34
CA ALA KA 30 -5.33 0.00 -53.33
C ALA KA 30 -5.43 1.37 -52.68
N LYS KA 31 -6.49 1.59 -51.91
CA LYS KA 31 -6.77 2.92 -51.32
C LYS KA 31 -5.83 3.34 -50.18
N TYR KA 32 -5.11 2.39 -49.61
CA TYR KA 32 -4.01 2.71 -48.71
C TYR KA 32 -2.93 3.43 -49.49
N ALA KA 33 -2.44 2.78 -50.56
CA ALA KA 33 -1.33 3.29 -51.35
C ALA KA 33 -1.64 4.62 -52.04
N LYS KA 34 -2.91 4.84 -52.36
CA LYS KA 34 -3.34 6.11 -52.95
C LYS KA 34 -3.15 7.25 -51.95
N GLU KA 36 -1.16 7.24 -49.53
CA GLU KA 36 0.28 7.42 -49.42
C GLU KA 36 0.75 8.51 -50.39
N ALA KA 37 0.29 8.42 -51.64
CA ALA KA 37 0.60 9.43 -52.64
C ALA KA 37 0.26 10.82 -52.11
N GLU KA 38 -0.94 10.98 -51.58
CA GLU KA 38 -1.37 12.27 -51.02
C GLU KA 38 -0.75 12.54 -49.65
N ARG KA 39 -0.04 11.56 -49.11
CA ARG KA 39 0.74 11.76 -47.91
C ARG KA 39 1.99 12.55 -48.28
N GLU KA 40 2.72 12.07 -49.28
CA GLU KA 40 3.94 12.78 -49.77
C GLU KA 40 3.62 14.17 -50.31
N ALA KA 41 2.44 14.31 -50.93
CA ALA KA 41 1.95 15.63 -51.31
C ALA KA 41 2.07 16.56 -50.12
N VAL KA 42 1.45 16.16 -49.01
CA VAL KA 42 1.38 16.99 -47.82
C VAL KA 42 2.76 17.21 -47.24
N ARG KA 43 3.56 16.17 -47.24
CA ARG KA 43 4.95 16.28 -46.78
C ARG KA 43 5.66 17.37 -47.57
N GLN KA 44 5.63 17.25 -48.89
CA GLN KA 44 6.26 18.24 -49.75
C GLN KA 44 5.70 19.63 -49.45
N GLY KA 45 4.38 19.74 -49.35
CA GLY KA 45 3.73 20.99 -49.02
C GLY KA 45 4.44 21.67 -47.87
N ILE KA 46 4.70 20.90 -46.82
CA ILE KA 46 5.40 21.41 -45.67
C ILE KA 46 6.82 21.77 -46.02
N ARG KA 47 7.49 20.91 -46.75
CA ARG KA 47 8.85 21.21 -47.16
C ARG KA 47 8.94 22.60 -47.82
N ASP KA 48 7.97 22.89 -48.68
CA ASP KA 48 7.95 24.12 -49.48
C ASP KA 48 7.65 25.39 -48.69
N LYS KA 49 6.81 25.27 -47.68
CA LYS KA 49 6.52 26.42 -46.83
C LYS KA 49 7.68 26.70 -45.86
N TYR KA 50 8.65 25.78 -45.79
CA TYR KA 50 9.87 26.01 -45.03
C TYR KA 50 11.09 25.55 -45.82
N GLY LA 4 29.10 111.34 11.19
CA GLY LA 4 27.89 110.47 11.18
C GLY LA 4 28.18 109.06 11.65
N SER LA 5 28.18 108.87 12.97
CA SER LA 5 28.48 107.56 13.59
C SER LA 5 27.23 106.74 13.86
N LYS LA 6 26.88 105.91 12.88
CA LYS LA 6 25.73 104.98 12.96
C LYS LA 6 26.19 103.50 13.03
N LEU LA 7 26.53 103.06 14.24
CA LEU LA 7 27.07 101.73 14.47
C LEU LA 7 26.50 101.02 15.69
N PRO LA 8 25.17 100.91 15.75
CA PRO LA 8 24.55 99.76 16.41
C PRO LA 8 24.26 98.70 15.34
N ASP LA 9 24.68 99.03 14.10
CA ASP LA 9 24.48 98.18 12.94
C ASP LA 9 25.36 96.97 13.10
N ALA LA 10 26.64 97.22 13.36
CA ALA LA 10 27.56 96.16 13.68
C ALA LA 10 27.04 95.33 14.84
N ALA LA 11 26.50 96.00 15.86
CA ALA LA 11 26.00 95.35 17.06
C ALA LA 11 25.02 94.23 16.72
N LYS LA 12 24.05 94.51 15.84
CA LYS LA 12 23.10 93.50 15.41
C LYS LA 12 23.74 92.39 14.54
N LYS LA 13 24.25 92.76 13.35
CA LYS LA 13 24.88 91.81 12.41
C LYS LA 13 25.72 90.78 13.15
N GLU LA 15 25.45 90.10 16.54
CA GLU LA 15 24.65 89.25 17.44
C GLU LA 15 23.77 88.24 16.72
N GLU LA 16 23.31 88.59 15.52
CA GLU LA 16 22.51 87.67 14.70
C GLU LA 16 23.34 86.52 14.15
N ALA LA 17 24.57 86.82 13.71
CA ALA LA 17 25.47 85.77 13.27
C ALA LA 17 25.80 84.85 14.45
N GLN LA 18 26.54 85.40 15.41
CA GLN LA 18 26.99 84.68 16.61
C GLN LA 18 25.93 83.74 17.20
N GLU LA 19 24.72 84.27 17.41
CA GLU LA 19 23.62 83.50 17.99
C GLU LA 19 23.14 82.39 17.03
N ALA LA 20 23.20 82.68 15.74
CA ALA LA 20 22.89 81.70 14.70
C ALA LA 20 23.90 80.56 14.75
N LEU LA 21 25.11 80.87 15.21
CA LEU LA 21 26.14 79.86 15.41
C LEU LA 21 26.03 79.14 16.75
N ARG LA 22 25.42 79.77 17.76
CA ARG LA 22 25.08 79.05 19.00
C ARG LA 22 24.04 77.97 18.71
N GLN LA 23 22.95 78.36 18.06
CA GLN LA 23 21.92 77.38 17.64
C GLN LA 23 22.43 76.44 16.55
N ALA LA 24 23.43 76.88 15.78
CA ALA LA 24 24.04 76.03 14.74
C ALA LA 24 24.82 74.88 15.35
N GLU LA 25 25.66 75.18 16.35
CA GLU LA 25 26.47 74.15 17.02
C GLU LA 25 25.64 73.19 17.85
N GLU LA 26 24.57 73.70 18.49
CA GLU LA 26 23.63 72.81 19.16
C GLU LA 26 22.83 71.94 18.19
N GLU LA 27 22.84 72.32 16.92
CA GLU LA 27 22.30 71.48 15.85
C GLU LA 27 23.32 70.45 15.37
N ARG LA 28 24.59 70.84 15.33
CA ARG LA 28 25.67 69.88 15.09
C ARG LA 28 25.62 68.79 16.16
N LYS LA 29 25.53 69.18 17.43
CA LYS LA 29 25.52 68.22 18.54
C LYS LA 29 24.20 67.42 18.68
N ALA LA 30 23.07 68.03 18.32
CA ALA LA 30 21.76 67.32 18.33
C ALA LA 30 21.68 66.26 17.22
N LYS LA 31 22.27 66.58 16.07
CA LYS LA 31 22.36 65.64 14.94
C LYS LA 31 23.40 64.55 15.15
N TYR LA 32 24.28 64.72 16.12
CA TYR LA 32 25.13 63.63 16.59
C TYR LA 32 24.30 62.70 17.48
N ALA LA 33 23.48 63.29 18.34
CA ALA LA 33 22.65 62.51 19.24
C ALA LA 33 21.83 61.49 18.46
N LYS LA 34 20.97 61.96 17.56
CA LYS LA 34 20.05 61.06 16.81
C LYS LA 34 20.75 60.17 15.77
N GLU LA 36 23.55 58.56 16.57
CA GLU LA 36 23.89 57.43 17.43
C GLU LA 36 22.64 56.56 17.67
N ALA LA 37 21.50 57.22 17.84
CA ALA LA 37 20.21 56.53 17.88
C ALA LA 37 20.07 55.56 16.69
N GLU LA 38 20.19 56.09 15.47
CA GLU LA 38 20.01 55.30 14.24
C GLU LA 38 21.14 54.31 13.96
N ARG LA 39 22.27 54.43 14.65
CA ARG LA 39 23.32 53.43 14.48
C ARG LA 39 23.01 52.29 15.43
N GLU LA 40 22.52 52.63 16.62
CA GLU LA 40 22.18 51.62 17.62
C GLU LA 40 20.96 50.81 17.18
N ALA LA 41 20.09 51.43 16.37
CA ALA LA 41 18.92 50.77 15.82
C ALA LA 41 19.29 49.80 14.70
N VAL LA 42 20.28 50.19 13.90
CA VAL LA 42 20.77 49.34 12.83
C VAL LA 42 21.51 48.17 13.46
N ARG LA 43 22.20 48.46 14.55
CA ARG LA 43 22.89 47.44 15.31
C ARG LA 43 21.88 46.42 15.80
N GLN LA 44 21.02 46.84 16.73
CA GLN LA 44 20.11 45.92 17.40
C GLN LA 44 19.14 45.26 16.42
N GLY LA 45 18.72 46.02 15.40
CA GLY LA 45 17.88 45.50 14.34
C GLY LA 45 18.52 44.29 13.68
N ILE LA 46 19.74 44.49 13.15
CA ILE LA 46 20.44 43.42 12.45
C ILE LA 46 20.77 42.27 13.40
N ARG LA 47 21.12 42.59 14.63
CA ARG LA 47 21.31 41.56 15.64
C ARG LA 47 20.12 40.60 15.64
N ASP LA 48 18.94 41.16 15.87
CA ASP LA 48 17.73 40.36 16.06
C ASP LA 48 17.22 39.62 14.82
N LYS LA 49 17.57 40.10 13.63
CA LYS LA 49 17.18 39.40 12.41
C LYS LA 49 18.06 38.17 12.14
N TYR LA 50 19.27 38.17 12.69
CA TYR LA 50 20.17 37.04 12.52
C TYR LA 50 20.51 36.40 13.87
N LYS MA 6 80.77 65.40 -15.32
CA LYS MA 6 81.34 64.30 -16.14
C LYS MA 6 80.37 63.88 -17.23
N LEU MA 7 80.73 64.20 -18.49
CA LEU MA 7 79.91 63.85 -19.64
C LEU MA 7 80.14 62.47 -20.21
N PRO MA 8 81.39 61.98 -20.24
CA PRO MA 8 81.48 60.69 -20.89
C PRO MA 8 80.64 59.61 -20.18
N ASP MA 9 80.53 59.73 -18.85
CA ASP MA 9 79.75 58.79 -18.04
C ASP MA 9 78.26 58.87 -18.31
N ALA MA 10 77.71 60.08 -18.40
CA ALA MA 10 76.28 60.23 -18.69
C ALA MA 10 75.93 59.50 -19.97
N ALA MA 11 76.83 59.56 -20.96
CA ALA MA 11 76.67 58.81 -22.20
C ALA MA 11 76.76 57.31 -21.95
N LYS MA 12 77.85 56.90 -21.31
CA LYS MA 12 78.05 55.48 -20.99
C LYS MA 12 76.84 54.90 -20.24
N LYS MA 13 76.59 55.41 -19.04
CA LYS MA 13 75.54 54.87 -18.17
C LYS MA 13 74.16 54.92 -18.83
N GLU MA 15 73.53 54.70 -22.06
CA GLU MA 15 73.52 53.61 -23.04
C GLU MA 15 73.59 52.22 -22.40
N GLU MA 16 74.02 52.17 -21.14
CA GLU MA 16 73.99 50.95 -20.33
C GLU MA 16 72.55 50.56 -19.93
N ALA MA 17 71.76 51.55 -19.53
CA ALA MA 17 70.34 51.31 -19.25
C ALA MA 17 69.65 50.81 -20.51
N GLN MA 18 69.74 51.62 -21.55
CA GLN MA 18 69.14 51.35 -22.87
C GLN MA 18 69.42 49.96 -23.45
N GLU MA 19 70.62 49.44 -23.26
CA GLU MA 19 70.88 48.06 -23.69
C GLU MA 19 70.28 47.04 -22.73
N ALA MA 20 70.08 47.46 -21.47
CA ALA MA 20 69.31 46.65 -20.51
C ALA MA 20 67.85 46.64 -20.94
N LEU MA 21 67.46 47.69 -21.65
CA LEU MA 21 66.14 47.75 -22.30
C LEU MA 21 66.04 46.77 -23.44
N ARG MA 22 66.94 46.93 -24.40
CA ARG MA 22 66.96 46.09 -25.57
C ARG MA 22 66.97 44.61 -25.15
N GLN MA 23 67.69 44.30 -24.06
CA GLN MA 23 67.61 42.98 -23.43
C GLN MA 23 66.20 42.63 -22.95
N ALA MA 24 65.52 43.58 -22.31
CA ALA MA 24 64.15 43.38 -21.80
C ALA MA 24 63.12 43.09 -22.89
N GLU MA 25 63.28 43.73 -24.05
CA GLU MA 25 62.46 43.44 -25.23
C GLU MA 25 62.78 42.03 -25.73
N GLU MA 26 64.07 41.73 -25.88
CA GLU MA 26 64.52 40.44 -26.42
C GLU MA 26 64.19 39.24 -25.53
N GLU MA 27 63.99 39.51 -24.26
CA GLU MA 27 63.54 38.53 -23.28
C GLU MA 27 62.01 38.42 -23.31
N ARG MA 28 61.34 39.54 -23.60
CA ARG MA 28 59.89 39.55 -23.84
C ARG MA 28 59.56 38.71 -25.08
N LYS MA 29 60.36 38.86 -26.14
CA LYS MA 29 60.19 38.09 -27.38
C LYS MA 29 60.56 36.62 -27.19
N ALA MA 30 61.63 36.35 -26.45
CA ALA MA 30 62.05 34.98 -26.19
C ALA MA 30 61.01 34.24 -25.38
N LYS MA 31 60.59 34.84 -24.26
CA LYS MA 31 59.64 34.22 -23.32
C LYS MA 31 58.25 33.93 -23.90
N TYR MA 32 57.81 34.73 -24.86
CA TYR MA 32 56.53 34.49 -25.56
C TYR MA 32 56.71 33.64 -26.83
N ALA MA 33 57.91 33.66 -27.41
CA ALA MA 33 58.20 32.83 -28.55
C ALA MA 33 58.20 31.36 -28.13
N LYS MA 34 58.91 31.06 -27.04
CA LYS MA 34 59.02 29.70 -26.54
C LYS MA 34 57.71 29.19 -25.96
N GLU MA 36 54.55 29.92 -27.02
CA GLU MA 36 53.71 29.48 -28.15
C GLU MA 36 54.23 28.15 -28.66
N ALA MA 37 55.55 28.08 -28.85
CA ALA MA 37 56.23 26.86 -29.29
C ALA MA 37 55.82 25.67 -28.43
N GLU MA 38 56.09 25.76 -27.14
CA GLU MA 38 55.81 24.68 -26.19
C GLU MA 38 54.32 24.55 -25.87
N ARG MA 39 53.50 25.49 -26.32
CA ARG MA 39 52.06 25.28 -26.26
C ARG MA 39 51.70 24.29 -27.35
N GLU MA 40 52.17 24.58 -28.56
CA GLU MA 40 51.88 23.74 -29.72
C GLU MA 40 52.44 22.33 -29.58
N ALA MA 41 53.52 22.20 -28.80
CA ALA MA 41 54.10 20.90 -28.50
C ALA MA 41 53.14 20.03 -27.66
N VAL MA 42 52.55 20.60 -26.61
CA VAL MA 42 51.67 19.82 -25.73
C VAL MA 42 50.36 19.54 -26.43
N ARG MA 43 49.98 20.45 -27.33
CA ARG MA 43 48.85 20.20 -28.22
C ARG MA 43 49.14 18.99 -29.09
N GLN MA 44 50.37 18.94 -29.60
CA GLN MA 44 50.78 17.79 -30.39
C GLN MA 44 50.74 16.52 -29.55
N GLY MA 45 51.21 16.60 -28.31
CA GLY MA 45 51.23 15.46 -27.40
C GLY MA 45 49.85 14.86 -27.20
N ILE MA 46 48.87 15.72 -27.00
CA ILE MA 46 47.49 15.29 -26.91
C ILE MA 46 47.08 14.72 -28.26
N ARG MA 47 47.24 15.53 -29.32
CA ARG MA 47 46.87 15.12 -30.68
C ARG MA 47 47.32 13.69 -30.95
N ASP MA 48 48.58 13.44 -30.65
CA ASP MA 48 49.19 12.16 -30.93
C ASP MA 48 48.53 11.04 -30.14
N LYS MA 49 48.35 11.22 -28.83
CA LYS MA 49 47.77 10.14 -28.02
C LYS MA 49 46.32 9.79 -28.38
N TYR MA 50 45.71 10.53 -29.29
CA TYR MA 50 44.37 10.19 -29.76
C TYR MA 50 44.30 10.11 -31.30
N LYS NA 6 6.31 -23.86 -6.44
CA LYS NA 6 6.02 -23.94 -4.98
C LYS NA 6 4.97 -22.89 -4.55
N LEU NA 7 4.08 -23.26 -3.62
CA LEU NA 7 2.96 -22.39 -3.19
C LEU NA 7 3.28 -21.28 -2.18
N PRO NA 8 3.99 -21.61 -1.10
CA PRO NA 8 4.16 -20.57 -0.10
C PRO NA 8 4.72 -19.27 -0.72
N ASP NA 9 5.57 -19.40 -1.73
CA ASP NA 9 6.17 -18.25 -2.38
C ASP NA 9 5.15 -17.29 -2.97
N ALA NA 10 4.10 -17.83 -3.57
CA ALA NA 10 3.02 -16.98 -4.05
C ALA NA 10 2.65 -16.04 -2.93
N ALA NA 11 2.33 -16.61 -1.78
CA ALA NA 11 2.08 -15.84 -0.58
C ALA NA 11 3.19 -14.80 -0.38
N LYS NA 12 4.43 -15.29 -0.35
CA LYS NA 12 5.58 -14.43 -0.09
C LYS NA 12 5.58 -13.21 -1.00
N LYS NA 13 5.86 -13.42 -2.29
CA LYS NA 13 5.93 -12.32 -3.25
C LYS NA 13 4.72 -11.42 -3.12
N GLU NA 15 2.50 -10.88 -0.44
CA GLU NA 15 2.53 -10.02 0.76
C GLU NA 15 3.67 -9.02 0.70
N GLU NA 16 4.73 -9.35 -0.03
CA GLU NA 16 5.83 -8.43 -0.25
C GLU NA 16 5.46 -7.21 -1.09
N ALA NA 17 4.57 -7.40 -2.08
CA ALA NA 17 4.07 -6.27 -2.87
C ALA NA 17 3.25 -5.31 -2.00
N GLN NA 18 2.27 -5.84 -1.26
CA GLN NA 18 1.34 -5.00 -0.47
C GLN NA 18 2.02 -4.21 0.61
N GLU NA 19 3.02 -4.81 1.24
CA GLU NA 19 3.82 -4.05 2.17
C GLU NA 19 4.61 -2.99 1.40
N ALA NA 20 4.89 -3.24 0.11
CA ALA NA 20 5.50 -2.23 -0.78
C ALA NA 20 4.50 -1.16 -1.15
N LEU NA 21 3.25 -1.57 -1.35
CA LEU NA 21 2.13 -0.65 -1.57
C LEU NA 21 1.91 0.21 -0.33
N ARG NA 22 1.77 -0.44 0.82
CA ARG NA 22 1.62 0.24 2.10
C ARG NA 22 2.75 1.24 2.30
N GLN NA 23 3.97 0.85 1.92
CA GLN NA 23 5.13 1.77 1.93
C GLN NA 23 4.98 2.95 0.97
N ALA NA 24 4.24 2.75 -0.13
CA ALA NA 24 4.00 3.80 -1.14
C ALA NA 24 3.06 4.92 -0.68
N GLU NA 25 1.93 4.55 -0.07
CA GLU NA 25 1.02 5.55 0.48
C GLU NA 25 1.61 6.23 1.72
N GLU NA 26 2.36 5.47 2.52
CA GLU NA 26 3.05 6.01 3.70
C GLU NA 26 4.09 7.06 3.29
N GLU NA 27 4.74 6.85 2.14
CA GLU NA 27 5.67 7.84 1.57
C GLU NA 27 4.89 9.04 1.03
N ARG NA 28 3.71 8.80 0.48
CA ARG NA 28 2.82 9.89 0.02
C ARG NA 28 2.32 10.76 1.18
N LYS NA 29 2.06 10.16 2.33
CA LYS NA 29 1.67 10.91 3.53
C LYS NA 29 2.85 11.66 4.16
N ALA NA 30 4.06 11.12 4.03
CA ALA NA 30 5.27 11.72 4.62
C ALA NA 30 5.75 12.90 3.78
N LYS NA 31 5.93 12.67 2.48
CA LYS NA 31 6.40 13.72 1.56
C LYS NA 31 5.41 14.88 1.43
N TYR NA 32 4.13 14.58 1.59
CA TYR NA 32 3.10 15.61 1.54
C TYR NA 32 3.09 16.44 2.83
N ALA NA 33 3.24 15.75 3.97
CA ALA NA 33 3.26 16.42 5.27
C ALA NA 33 4.47 17.36 5.39
N LYS NA 34 5.61 16.94 4.80
CA LYS NA 34 6.83 17.76 4.76
C LYS NA 34 6.63 19.02 3.95
N GLU NA 36 3.61 20.81 3.46
CA GLU NA 36 2.81 21.79 4.20
C GLU NA 36 3.64 22.49 5.27
N ALA NA 37 4.35 21.70 6.06
CA ALA NA 37 5.15 22.22 7.18
C ALA NA 37 6.35 23.07 6.76
N GLU NA 38 7.00 22.69 5.66
CA GLU NA 38 8.13 23.46 5.10
C GLU NA 38 7.64 24.54 4.16
N ARG NA 39 6.32 24.67 4.04
CA ARG NA 39 5.72 25.84 3.45
C ARG NA 39 5.34 26.79 4.57
N GLU NA 40 4.81 26.24 5.66
CA GLU NA 40 4.63 27.01 6.89
C GLU NA 40 5.93 27.70 7.28
N ALA NA 41 7.02 26.94 7.17
CA ALA NA 41 8.36 27.42 7.47
C ALA NA 41 8.76 28.57 6.53
N VAL NA 42 8.51 28.41 5.24
CA VAL NA 42 8.85 29.42 4.25
C VAL NA 42 8.12 30.71 4.57
N ARG NA 43 6.83 30.61 4.86
CA ARG NA 43 6.04 31.79 5.14
C ARG NA 43 6.37 32.42 6.49
N GLN NA 44 6.54 31.61 7.53
CA GLN NA 44 6.93 32.15 8.83
C GLN NA 44 8.31 32.82 8.82
N GLY NA 45 9.24 32.24 8.06
CA GLY NA 45 10.58 32.84 7.87
C GLY NA 45 10.47 34.20 7.26
N ILE NA 46 9.62 34.31 6.25
CA ILE NA 46 9.30 35.61 5.66
C ILE NA 46 8.73 36.53 6.72
N ARG NA 47 7.73 36.06 7.45
CA ARG NA 47 7.18 36.84 8.56
C ARG NA 47 8.28 37.45 9.42
N ASP NA 48 9.28 36.63 9.73
CA ASP NA 48 10.35 37.06 10.59
C ASP NA 48 11.03 38.30 10.01
N LYS NA 49 11.56 38.20 8.80
CA LYS NA 49 12.30 39.34 8.26
C LYS NA 49 11.45 40.62 8.14
N TYR NA 50 10.12 40.47 8.19
CA TYR NA 50 9.22 41.62 8.19
C TYR NA 50 8.27 41.50 9.39
#